data_7XIO
#
_entry.id   7XIO
#
_cell.length_a   190.897
_cell.length_b   190.897
_cell.length_c   402.109
_cell.angle_alpha   90.000
_cell.angle_beta   90.000
_cell.angle_gamma   120.000
#
_symmetry.space_group_name_H-M   'H 3 2'
#
loop_
_entity.id
_entity.type
_entity.pdbx_description
1 polymer 'Polyphenol oxidase'
2 non-polymer 'PHOSPHATE ION'
3 water water
#
_entity_poly.entity_id   1
_entity_poly.type   'polypeptide(L)'
_entity_poly.pdbx_seq_one_letter_code
;MVVRRTVLKAIAGTSVATVFAGKLTGLSAVAADAAPLRVRRNLHGMKMDDPDLSAYREFVGIMKGKDQTQALSWLGFANQ
HGTLNGGYKYCPHGDWYFLPWHRGFVLMYERAVAALTGYKTFAMPYWNWTEDRLLPEAFTAKTYNGKTNPLYVPNRNELT
GPYALTDAIVGQKEVMDKIYAETNFEVFGTSRSVDRSVRPPLVQNSLDPKWVPMGGGNQGILERTPHNTVHNNIGAFMPT
AASPRDPVFMMHHGNIDRVWATWNALGRKNSTDPLWLGMKFPNNYIDPQGRYYTQGVSDLLSTEALGYRYDVMPRADNKV
VNNARAEHLLALFKTGDSVKLADHIRLRSVLKGEHPVATAVEPLNSAVQFEAGTVTGALGADVGTGSTTEVVALIKNIRI
PYNVISIRVFVNLPNANLDVPETDPHFVTSLSFLTHAAGHDHHALPSTMVNLTDTLKALNIRDDNFSINLVAVPQPGVAV
ESSGGVTPESIEVAVIA
;
_entity_poly.pdbx_strand_id   A,B,C
#
loop_
_chem_comp.id
_chem_comp.type
_chem_comp.name
_chem_comp.formula
PO4 non-polymer 'PHOSPHATE ION' 'O4 P -3'
#
# COMPACT_ATOMS: atom_id res chain seq x y z
N ALA A 35 42.77 13.73 -0.04
CA ALA A 35 43.10 14.42 -1.29
C ALA A 35 42.12 15.56 -1.57
N PRO A 36 42.65 16.70 -2.02
CA PRO A 36 41.77 17.82 -2.37
C PRO A 36 40.84 17.47 -3.53
N LEU A 37 39.64 18.05 -3.48
CA LEU A 37 38.62 17.74 -4.47
C LEU A 37 39.05 18.22 -5.86
N ARG A 38 38.72 17.41 -6.87
CA ARG A 38 38.87 17.83 -8.26
C ARG A 38 37.77 18.84 -8.61
N VAL A 39 38.14 19.87 -9.36
CA VAL A 39 37.22 20.96 -9.69
C VAL A 39 36.85 20.83 -11.16
N ARG A 40 35.62 20.40 -11.43
CA ARG A 40 35.13 20.38 -12.80
C ARG A 40 34.82 21.81 -13.25
N ARG A 41 35.40 22.20 -14.38
CA ARG A 41 35.43 23.60 -14.79
C ARG A 41 34.69 23.81 -16.10
N ASN A 42 34.16 25.01 -16.28
CA ASN A 42 33.47 25.39 -17.50
C ASN A 42 34.44 25.42 -18.67
N LEU A 43 34.05 24.81 -19.79
CA LEU A 43 34.87 24.83 -20.99
C LEU A 43 35.13 26.24 -21.50
N HIS A 44 34.18 27.14 -21.32
CA HIS A 44 34.30 28.50 -21.87
C HIS A 44 35.56 29.20 -21.36
N GLY A 45 36.41 29.61 -22.30
CA GLY A 45 37.62 30.32 -21.97
C GLY A 45 38.86 29.46 -21.82
N MET A 46 38.72 28.13 -21.85
CA MET A 46 39.88 27.27 -21.72
C MET A 46 40.74 27.35 -22.97
N LYS A 47 42.05 27.48 -22.77
CA LYS A 47 42.99 27.30 -23.87
C LYS A 47 42.90 25.87 -24.37
N MET A 48 43.17 25.68 -25.66
CA MET A 48 43.03 24.34 -26.24
C MET A 48 43.96 23.34 -25.57
N ASP A 49 45.08 23.81 -25.00
CA ASP A 49 45.99 22.95 -24.27
C ASP A 49 45.82 23.06 -22.76
N ASP A 50 44.69 23.59 -22.31
CA ASP A 50 44.37 23.57 -20.89
C ASP A 50 44.53 22.15 -20.35
N PRO A 51 45.19 21.97 -19.20
CA PRO A 51 45.48 20.60 -18.74
C PRO A 51 44.25 19.71 -18.61
N ASP A 52 43.12 20.25 -18.15
CA ASP A 52 41.91 19.44 -18.07
C ASP A 52 41.42 19.05 -19.46
N LEU A 53 41.25 20.03 -20.34
CA LEU A 53 40.82 19.75 -21.71
C LEU A 53 41.83 18.86 -22.42
N SER A 54 43.13 19.13 -22.26
CA SER A 54 44.16 18.34 -22.92
C SER A 54 44.10 16.88 -22.49
N ALA A 55 43.92 16.64 -21.20
CA ALA A 55 43.86 15.25 -20.72
C ALA A 55 42.68 14.51 -21.32
N TYR A 56 41.54 15.19 -21.45
CA TYR A 56 40.36 14.55 -22.05
C TYR A 56 40.59 14.23 -23.52
N ARG A 57 41.12 15.19 -24.28
CA ARG A 57 41.42 14.95 -25.68
C ARG A 57 42.40 13.79 -25.83
N GLU A 58 43.48 13.81 -25.04
CA GLU A 58 44.44 12.71 -25.03
C GLU A 58 43.75 11.38 -24.70
N PHE A 59 42.78 11.42 -23.77
CA PHE A 59 42.08 10.20 -23.37
C PHE A 59 41.24 9.64 -24.52
N VAL A 60 40.49 10.51 -25.21
CA VAL A 60 39.66 10.05 -26.32
C VAL A 60 40.54 9.47 -27.42
N GLY A 61 41.68 10.11 -27.68
CA GLY A 61 42.63 9.56 -28.65
C GLY A 61 43.11 8.17 -28.27
N ILE A 62 43.55 8.01 -27.02
CA ILE A 62 43.97 6.69 -26.54
C ILE A 62 42.85 5.68 -26.70
N MET A 63 41.65 6.03 -26.23
CA MET A 63 40.52 5.11 -26.26
C MET A 63 40.12 4.75 -27.68
N LYS A 64 40.23 5.69 -28.63
CA LYS A 64 39.88 5.39 -30.01
C LYS A 64 40.95 4.54 -30.70
N GLY A 65 42.20 4.62 -30.23
CA GLY A 65 43.26 3.81 -30.79
C GLY A 65 43.28 2.36 -30.32
N LYS A 66 42.50 2.03 -29.29
CA LYS A 66 42.46 0.68 -28.77
C LYS A 66 41.59 -0.21 -29.65
N ASP A 67 41.62 -1.51 -29.36
CA ASP A 67 40.74 -2.47 -30.02
C ASP A 67 39.30 -2.18 -29.61
N GLN A 68 38.48 -1.73 -30.57
CA GLN A 68 37.13 -1.29 -30.26
C GLN A 68 36.21 -2.45 -29.89
N THR A 69 36.65 -3.69 -30.01
CA THR A 69 35.88 -4.83 -29.54
C THR A 69 36.09 -5.12 -28.06
N GLN A 70 37.06 -4.47 -27.42
CA GLN A 70 37.36 -4.67 -26.01
C GLN A 70 36.50 -3.77 -25.14
N ALA A 71 36.32 -4.19 -23.88
CA ALA A 71 35.59 -3.35 -22.93
C ALA A 71 36.32 -2.03 -22.70
N LEU A 72 37.65 -2.08 -22.54
CA LEU A 72 38.46 -0.87 -22.38
C LEU A 72 38.74 -0.32 -23.77
N SER A 73 37.79 0.46 -24.28
CA SER A 73 37.91 1.13 -25.58
C SER A 73 36.80 2.16 -25.66
N TRP A 74 36.95 3.09 -26.60
CA TRP A 74 35.93 4.12 -26.79
C TRP A 74 34.57 3.51 -27.05
N LEU A 75 34.51 2.52 -27.94
CA LEU A 75 33.24 1.86 -28.22
C LEU A 75 32.78 1.00 -27.04
N GLY A 76 33.71 0.28 -26.41
CA GLY A 76 33.32 -0.55 -25.28
C GLY A 76 32.69 0.25 -24.15
N PHE A 77 33.22 1.45 -23.88
CA PHE A 77 32.60 2.31 -22.90
C PHE A 77 31.19 2.72 -23.33
N ALA A 78 31.05 3.17 -24.58
CA ALA A 78 29.75 3.61 -25.09
C ALA A 78 28.72 2.49 -25.06
N ASN A 79 29.14 1.24 -25.29
CA ASN A 79 28.19 0.14 -25.39
C ASN A 79 27.40 -0.05 -24.11
N GLN A 80 27.98 0.31 -22.96
CA GLN A 80 27.22 0.25 -21.71
C GLN A 80 26.01 1.17 -21.75
N HIS A 81 26.14 2.31 -22.43
CA HIS A 81 25.01 3.20 -22.64
C HIS A 81 24.04 2.62 -23.66
N GLY A 82 24.54 2.26 -24.84
CA GLY A 82 23.71 1.73 -25.90
C GLY A 82 24.51 1.64 -27.18
N THR A 83 23.86 1.09 -28.20
CA THR A 83 24.48 0.89 -29.50
C THR A 83 23.58 1.44 -30.60
N LEU A 84 24.21 1.78 -31.73
CA LEU A 84 23.48 2.30 -32.89
C LEU A 84 22.37 1.35 -33.31
N ASN A 85 22.69 0.06 -33.41
CA ASN A 85 21.78 -0.92 -33.97
C ASN A 85 21.08 -1.79 -32.93
N GLY A 86 21.49 -1.71 -31.67
CA GLY A 86 20.88 -2.53 -30.64
C GLY A 86 20.01 -1.77 -29.67
N GLY A 87 20.04 -0.44 -29.76
CA GLY A 87 19.26 0.37 -28.86
C GLY A 87 19.95 0.54 -27.52
N TYR A 88 19.15 0.95 -26.53
CA TYR A 88 19.70 1.25 -25.21
C TYR A 88 20.04 -0.04 -24.46
N LYS A 89 21.16 0.00 -23.73
CA LYS A 89 21.57 -1.11 -22.89
C LYS A 89 21.23 -0.84 -21.43
N TYR A 90 22.10 -0.10 -20.73
CA TYR A 90 21.90 0.18 -19.31
C TYR A 90 21.45 1.61 -19.04
N CYS A 91 21.52 2.50 -20.03
CA CYS A 91 21.20 3.89 -19.81
C CYS A 91 19.71 4.05 -19.48
N PRO A 92 19.37 4.76 -18.40
CA PRO A 92 17.97 5.08 -18.13
C PRO A 92 17.52 6.35 -18.83
N HIS A 93 16.43 6.27 -19.58
CA HIS A 93 15.79 7.46 -20.12
C HIS A 93 14.30 7.40 -19.78
N GLY A 94 13.78 8.49 -19.25
CA GLY A 94 12.38 8.53 -18.87
C GLY A 94 12.04 7.84 -17.57
N ASP A 95 12.96 7.81 -16.62
CA ASP A 95 12.61 7.44 -15.25
C ASP A 95 13.61 8.09 -14.29
N TRP A 96 13.32 7.96 -12.99
CA TRP A 96 14.01 8.72 -11.96
C TRP A 96 15.46 8.30 -11.75
N TYR A 97 15.93 7.24 -12.41
CA TYR A 97 17.35 6.90 -12.33
C TYR A 97 18.20 7.67 -13.33
N PHE A 98 17.57 8.56 -14.10
CA PHE A 98 18.25 9.38 -15.10
C PHE A 98 19.49 10.05 -14.54
N LEU A 99 19.34 10.83 -13.47
CA LEU A 99 20.48 11.59 -12.94
C LEU A 99 21.52 10.70 -12.25
N PRO A 100 21.18 9.83 -11.30
CA PRO A 100 22.24 9.07 -10.62
C PRO A 100 23.05 8.18 -11.56
N TRP A 101 22.41 7.53 -12.53
CA TRP A 101 23.14 6.64 -13.42
C TRP A 101 24.14 7.42 -14.27
N HIS A 102 23.74 8.58 -14.77
CA HIS A 102 24.64 9.37 -15.61
C HIS A 102 25.79 9.96 -14.79
N ARG A 103 25.55 10.26 -13.51
CA ARG A 103 26.65 10.69 -12.65
C ARG A 103 27.71 9.59 -12.54
N GLY A 104 27.27 8.35 -12.37
CA GLY A 104 28.22 7.24 -12.35
C GLY A 104 28.87 7.01 -13.70
N PHE A 105 28.13 7.26 -14.79
CA PHE A 105 28.70 7.10 -16.13
C PHE A 105 29.79 8.13 -16.39
N VAL A 106 29.53 9.40 -16.05
CA VAL A 106 30.55 10.43 -16.21
C VAL A 106 31.76 10.12 -15.34
N LEU A 107 31.52 9.70 -14.09
CA LEU A 107 32.61 9.34 -13.19
C LEU A 107 33.43 8.19 -13.76
N MET A 108 32.77 7.22 -14.40
CA MET A 108 33.47 6.12 -15.04
C MET A 108 34.48 6.64 -16.07
N TYR A 109 34.06 7.62 -16.88
CA TYR A 109 34.99 8.21 -17.85
C TYR A 109 36.05 9.04 -17.16
N GLU A 110 35.67 9.83 -16.16
CA GLU A 110 36.61 10.70 -15.47
C GLU A 110 37.74 9.91 -14.84
N ARG A 111 37.42 8.77 -14.21
CA ARG A 111 38.46 7.94 -13.60
C ARG A 111 39.38 7.34 -14.65
N ALA A 112 38.82 6.97 -15.81
CA ALA A 112 39.63 6.40 -16.88
C ALA A 112 40.61 7.42 -17.45
N VAL A 113 40.17 8.68 -17.58
CA VAL A 113 41.06 9.74 -18.07
C VAL A 113 42.30 9.85 -17.18
N ALA A 114 42.08 10.02 -15.87
CA ALA A 114 43.20 10.14 -14.94
C ALA A 114 44.12 8.94 -15.02
N ALA A 115 43.56 7.74 -15.13
CA ALA A 115 44.37 6.52 -15.15
C ALA A 115 45.16 6.41 -16.45
N LEU A 116 44.49 6.56 -17.60
CA LEU A 116 45.15 6.29 -18.88
C LEU A 116 46.08 7.41 -19.31
N THR A 117 45.83 8.65 -18.87
CA THR A 117 46.71 9.76 -19.23
C THR A 117 47.75 10.06 -18.18
N GLY A 118 47.58 9.57 -16.96
CA GLY A 118 48.48 9.90 -15.87
C GLY A 118 48.19 11.21 -15.19
N TYR A 119 47.28 12.02 -15.73
CA TYR A 119 46.91 13.30 -15.13
C TYR A 119 45.93 13.01 -14.01
N LYS A 120 46.48 12.80 -12.81
CA LYS A 120 45.68 12.22 -11.72
C LYS A 120 44.66 13.22 -11.17
N THR A 121 44.91 14.51 -11.31
CA THR A 121 43.99 15.53 -10.82
C THR A 121 42.97 15.94 -11.88
N PHE A 122 42.77 15.11 -12.91
CA PHE A 122 41.85 15.46 -13.98
C PHE A 122 40.44 15.64 -13.45
N ALA A 123 39.74 16.64 -13.97
CA ALA A 123 38.34 16.89 -13.68
C ALA A 123 37.61 17.10 -15.01
N MET A 124 36.53 16.37 -15.20
CA MET A 124 35.77 16.46 -16.44
C MET A 124 35.23 17.87 -16.65
N PRO A 125 35.61 18.57 -17.72
CA PRO A 125 35.00 19.86 -18.00
C PRO A 125 33.55 19.70 -18.39
N TYR A 126 32.81 20.81 -18.34
CA TYR A 126 31.40 20.81 -18.71
C TYR A 126 31.11 21.96 -19.66
N TRP A 127 30.01 21.81 -20.40
CA TRP A 127 29.56 22.80 -21.38
C TRP A 127 28.27 23.41 -20.87
N ASN A 128 28.32 24.69 -20.51
CA ASN A 128 27.14 25.41 -20.00
C ASN A 128 26.39 25.99 -21.20
N TRP A 129 25.47 25.19 -21.77
CA TRP A 129 24.77 25.66 -22.97
C TRP A 129 23.80 26.79 -22.69
N THR A 130 23.46 27.04 -21.41
CA THR A 130 22.65 28.21 -21.09
C THR A 130 23.38 29.49 -21.46
N GLU A 131 24.69 29.54 -21.20
CA GLU A 131 25.49 30.71 -21.50
C GLU A 131 26.14 30.65 -22.86
N ASP A 132 26.49 29.46 -23.34
CA ASP A 132 27.21 29.28 -24.60
C ASP A 132 26.36 28.39 -25.50
N ARG A 133 25.64 29.01 -26.43
CA ARG A 133 24.60 28.31 -27.19
C ARG A 133 25.15 27.41 -28.28
N LEU A 134 26.38 27.63 -28.74
CA LEU A 134 26.96 26.82 -29.79
C LEU A 134 27.83 25.71 -29.21
N LEU A 135 28.13 24.72 -30.04
CA LEU A 135 28.98 23.63 -29.61
C LEU A 135 30.38 24.16 -29.31
N PRO A 136 31.01 23.71 -28.22
CA PRO A 136 32.33 24.24 -27.84
C PRO A 136 33.37 24.13 -28.95
N GLU A 137 34.25 25.14 -29.00
CA GLU A 137 35.30 25.21 -30.02
C GLU A 137 36.13 23.93 -30.07
N ALA A 138 36.53 23.43 -28.90
CA ALA A 138 37.45 22.30 -28.85
C ALA A 138 36.90 21.07 -29.55
N PHE A 139 35.57 20.97 -29.71
CA PHE A 139 34.97 19.80 -30.31
C PHE A 139 34.58 20.00 -31.77
N THR A 140 34.46 21.24 -32.23
CA THR A 140 34.18 21.50 -33.63
C THR A 140 35.45 21.54 -34.48
N ALA A 141 36.60 21.79 -33.86
CA ALA A 141 37.85 21.82 -34.60
C ALA A 141 38.17 20.43 -35.18
N LYS A 142 38.40 20.38 -36.49
CA LYS A 142 38.73 19.10 -37.11
C LYS A 142 40.12 18.63 -36.71
N THR A 143 41.01 19.55 -36.37
CA THR A 143 42.40 19.21 -36.06
C THR A 143 42.81 19.87 -34.75
N TYR A 144 43.80 19.24 -34.10
CA TYR A 144 44.46 19.83 -32.95
C TYR A 144 45.95 19.49 -33.04
N ASN A 145 46.79 20.52 -33.08
CA ASN A 145 48.24 20.35 -33.02
C ASN A 145 48.75 19.53 -34.19
N GLY A 146 48.22 19.80 -35.38
CA GLY A 146 48.67 19.16 -36.60
C GLY A 146 47.97 17.84 -36.93
N LYS A 147 47.61 17.07 -35.92
CA LYS A 147 46.91 15.81 -36.14
C LYS A 147 45.40 16.03 -36.06
N THR A 148 44.65 14.99 -36.43
CA THR A 148 43.20 15.08 -36.36
C THR A 148 42.75 15.09 -34.90
N ASN A 149 41.66 15.81 -34.65
CA ASN A 149 41.21 16.05 -33.28
C ASN A 149 40.32 14.90 -32.83
N PRO A 150 40.71 14.14 -31.81
CA PRO A 150 39.85 13.05 -31.32
C PRO A 150 38.48 13.53 -30.85
N LEU A 151 38.35 14.79 -30.44
CA LEU A 151 37.08 15.33 -30.00
C LEU A 151 36.12 15.60 -31.16
N TYR A 152 36.61 15.57 -32.39
CA TYR A 152 35.78 15.90 -33.55
C TYR A 152 34.93 14.71 -33.96
N VAL A 153 33.69 15.00 -34.34
CA VAL A 153 32.80 14.00 -34.94
C VAL A 153 32.29 14.58 -36.25
N PRO A 154 32.40 13.88 -37.37
CA PRO A 154 31.96 14.44 -38.64
C PRO A 154 30.44 14.46 -38.75
N ASN A 155 29.95 15.48 -39.46
CA ASN A 155 28.55 15.63 -39.85
C ASN A 155 27.63 15.91 -38.66
N ARG A 156 28.13 16.59 -37.64
CA ARG A 156 27.23 17.16 -36.64
C ARG A 156 26.41 18.28 -37.28
N ASN A 157 25.26 18.56 -36.67
CA ASN A 157 24.50 19.75 -37.02
C ASN A 157 25.09 20.96 -36.31
N GLU A 158 25.30 22.04 -37.04
CA GLU A 158 25.58 23.32 -36.41
C GLU A 158 24.33 23.78 -35.68
N LEU A 159 24.50 24.23 -34.44
CA LEU A 159 23.36 24.55 -33.58
C LEU A 159 22.81 25.94 -33.93
N THR A 160 22.30 26.06 -35.16
CA THR A 160 21.67 27.27 -35.65
C THR A 160 20.36 26.89 -36.36
N GLY A 161 19.58 27.90 -36.68
CA GLY A 161 18.30 27.72 -37.33
C GLY A 161 17.38 26.80 -36.55
N PRO A 162 16.88 25.76 -37.22
CA PRO A 162 15.98 24.80 -36.53
C PRO A 162 16.67 24.02 -35.42
N TYR A 163 18.00 24.03 -35.36
CA TYR A 163 18.74 23.34 -34.33
C TYR A 163 19.31 24.27 -33.27
N ALA A 164 18.94 25.55 -33.30
CA ALA A 164 19.43 26.50 -32.32
C ALA A 164 18.96 26.13 -30.92
N LEU A 165 19.87 26.28 -29.95
CA LEU A 165 19.51 26.18 -28.54
C LEU A 165 18.97 27.54 -28.12
N THR A 166 17.66 27.71 -28.26
CA THR A 166 17.00 28.98 -27.99
C THR A 166 16.64 29.12 -26.51
N ASP A 167 16.09 30.28 -26.16
CA ASP A 167 15.75 30.55 -24.77
C ASP A 167 14.70 29.58 -24.24
N ALA A 168 13.79 29.12 -25.09
CA ALA A 168 12.82 28.13 -24.66
C ALA A 168 13.45 26.77 -24.38
N ILE A 169 14.70 26.56 -24.76
CA ILE A 169 15.39 25.29 -24.54
C ILE A 169 16.34 25.37 -23.36
N VAL A 170 17.12 26.44 -23.25
CA VAL A 170 18.21 26.50 -22.28
C VAL A 170 18.23 27.84 -21.55
N GLY A 171 17.20 28.66 -21.77
CA GLY A 171 17.23 30.02 -21.23
C GLY A 171 17.26 30.04 -19.71
N GLN A 172 17.93 31.07 -19.18
CA GLN A 172 18.06 31.22 -17.73
C GLN A 172 16.69 31.44 -17.07
N LYS A 173 15.95 32.44 -17.54
CA LYS A 173 14.63 32.70 -16.95
C LYS A 173 13.60 31.67 -17.43
N GLU A 174 13.66 31.28 -18.70
CA GLU A 174 12.62 30.44 -19.28
C GLU A 174 12.73 28.98 -18.84
N VAL A 175 13.93 28.48 -18.60
CA VAL A 175 14.11 27.05 -18.35
C VAL A 175 14.81 26.80 -17.02
N MET A 176 16.01 27.35 -16.87
CA MET A 176 16.84 26.99 -15.72
C MET A 176 16.19 27.42 -14.40
N ASP A 177 15.67 28.65 -14.35
CA ASP A 177 15.00 29.12 -13.13
C ASP A 177 13.80 28.24 -12.78
N LYS A 178 13.06 27.78 -13.80
CA LYS A 178 11.96 26.87 -13.55
C LYS A 178 12.45 25.55 -12.96
N ILE A 179 13.57 25.04 -13.48
CA ILE A 179 14.13 23.78 -12.98
C ILE A 179 14.52 23.92 -11.51
N TYR A 180 15.22 25.01 -11.17
CA TYR A 180 15.70 25.18 -9.80
C TYR A 180 14.58 25.51 -8.82
N ALA A 181 13.44 26.03 -9.31
CA ALA A 181 12.32 26.31 -8.43
C ALA A 181 11.57 25.05 -8.02
N GLU A 182 11.69 23.97 -8.79
CA GLU A 182 11.03 22.72 -8.45
C GLU A 182 11.64 22.12 -7.19
N THR A 183 10.78 21.76 -6.23
CA THR A 183 11.23 21.19 -4.97
C THR A 183 11.03 19.67 -4.89
N ASN A 184 10.28 19.09 -5.82
CA ASN A 184 9.97 17.66 -5.80
C ASN A 184 10.91 16.95 -6.77
N PHE A 185 11.65 15.96 -6.28
CA PHE A 185 12.67 15.31 -7.09
C PHE A 185 12.07 14.62 -8.31
N GLU A 186 10.96 13.89 -8.11
CA GLU A 186 10.37 13.15 -9.23
C GLU A 186 9.88 14.09 -10.31
N VAL A 187 9.46 15.31 -9.95
CA VAL A 187 9.15 16.30 -10.96
C VAL A 187 10.43 16.87 -11.58
N PHE A 188 11.44 17.11 -10.75
CA PHE A 188 12.69 17.70 -11.23
C PHE A 188 13.48 16.72 -12.08
N GLY A 189 13.69 15.51 -11.56
CA GLY A 189 14.56 14.55 -12.23
C GLY A 189 13.86 13.36 -12.85
N THR A 190 12.58 13.52 -13.21
CA THR A 190 11.74 12.51 -13.84
C THR A 190 11.26 11.49 -12.81
N SER A 191 10.03 11.00 -12.98
CA SER A 191 9.37 10.19 -11.96
C SER A 191 9.71 8.70 -12.13
N ARG A 192 9.17 7.89 -11.23
CA ARG A 192 9.52 6.47 -11.14
C ARG A 192 9.12 5.74 -12.42
N SER A 193 9.79 4.61 -12.64
CA SER A 193 9.58 3.82 -13.84
C SER A 193 8.20 3.17 -13.85
N VAL A 194 7.68 2.95 -15.05
CA VAL A 194 6.42 2.24 -15.25
C VAL A 194 6.60 1.27 -16.41
N ASP A 195 6.19 0.02 -16.21
CA ASP A 195 6.26 -1.01 -17.25
C ASP A 195 4.91 -1.04 -17.97
N ARG A 196 4.91 -0.65 -19.24
CA ARG A 196 3.71 -0.66 -20.07
C ARG A 196 3.64 -1.85 -21.01
N SER A 197 4.55 -2.81 -20.88
CA SER A 197 4.44 -4.06 -21.61
C SER A 197 3.48 -5.05 -20.94
N VAL A 198 2.70 -4.60 -19.96
CA VAL A 198 1.76 -5.43 -19.23
C VAL A 198 0.48 -4.63 -19.04
N ARG A 199 -0.64 -5.35 -18.96
CA ARG A 199 -1.95 -4.74 -18.76
C ARG A 199 -2.52 -5.20 -17.43
N PRO A 200 -2.76 -4.32 -16.46
CA PRO A 200 -2.53 -2.87 -16.53
C PRO A 200 -1.06 -2.50 -16.31
N PRO A 201 -0.68 -1.25 -16.63
CA PRO A 201 0.71 -0.84 -16.42
C PRO A 201 1.14 -1.04 -14.98
N LEU A 202 2.38 -1.50 -14.81
CA LEU A 202 2.93 -1.80 -13.49
C LEU A 202 3.93 -0.72 -13.11
N VAL A 203 3.55 0.13 -12.17
CA VAL A 203 4.49 1.09 -11.60
C VAL A 203 5.54 0.34 -10.79
N GLN A 204 6.76 0.87 -10.81
CA GLN A 204 7.90 0.19 -10.19
C GLN A 204 7.56 -0.24 -8.77
N ASN A 205 7.81 -1.53 -8.49
CA ASN A 205 7.44 -2.12 -7.21
C ASN A 205 8.54 -3.01 -6.65
N SER A 206 9.77 -2.89 -7.14
CA SER A 206 10.86 -3.74 -6.67
C SER A 206 12.18 -3.06 -7.00
N LEU A 207 13.26 -3.65 -6.50
CA LEU A 207 14.61 -3.17 -6.74
C LEU A 207 15.31 -3.92 -7.88
N ASP A 208 14.55 -4.63 -8.70
CA ASP A 208 15.10 -5.32 -9.85
C ASP A 208 15.75 -4.31 -10.78
N PRO A 209 17.01 -4.50 -11.16
CA PRO A 209 17.68 -3.53 -12.06
C PRO A 209 16.97 -3.33 -13.40
N LYS A 210 16.01 -4.20 -13.75
CA LYS A 210 15.23 -4.00 -14.97
C LYS A 210 14.49 -2.67 -14.97
N TRP A 211 14.23 -2.10 -13.78
CA TRP A 211 13.51 -0.84 -13.70
C TRP A 211 14.36 0.35 -14.14
N VAL A 212 15.68 0.18 -14.25
CA VAL A 212 16.55 1.29 -14.62
C VAL A 212 16.36 1.64 -16.10
N PRO A 213 16.52 0.71 -17.06
CA PRO A 213 16.24 1.08 -18.45
C PRO A 213 14.77 1.01 -18.82
N MET A 214 13.90 0.68 -17.87
CA MET A 214 12.46 0.53 -18.14
C MET A 214 11.87 1.79 -18.77
N GLY A 215 12.21 2.95 -18.22
CA GLY A 215 11.52 4.16 -18.62
C GLY A 215 10.10 4.19 -18.11
N GLY A 216 9.23 4.91 -18.83
CA GLY A 216 7.82 4.97 -18.49
C GLY A 216 7.44 6.05 -17.51
N GLY A 217 8.39 6.83 -17.01
CA GLY A 217 8.09 7.89 -16.07
C GLY A 217 7.71 9.18 -16.75
N ASN A 218 7.33 10.16 -15.94
CA ASN A 218 6.98 11.50 -16.42
C ASN A 218 8.26 12.34 -16.42
N GLN A 219 8.72 12.67 -17.62
CA GLN A 219 9.99 13.39 -17.76
C GLN A 219 9.83 14.84 -17.34
N GLY A 220 10.78 15.33 -16.54
CA GLY A 220 10.76 16.71 -16.10
C GLY A 220 11.34 17.66 -17.13
N ILE A 221 11.31 18.94 -16.78
CA ILE A 221 11.85 19.98 -17.67
C ILE A 221 13.28 19.64 -18.07
N LEU A 222 14.11 19.27 -17.10
CA LEU A 222 15.54 19.01 -17.36
C LEU A 222 15.72 17.97 -18.46
N GLU A 223 14.98 16.85 -18.37
CA GLU A 223 15.19 15.77 -19.33
C GLU A 223 14.64 16.11 -20.71
N ARG A 224 13.37 16.48 -20.79
CA ARG A 224 12.71 16.60 -22.08
C ARG A 224 12.77 18.00 -22.67
N THR A 225 13.47 18.94 -22.04
CA THR A 225 13.69 20.18 -22.77
C THR A 225 15.20 20.36 -23.03
N PRO A 226 16.04 20.84 -22.10
CA PRO A 226 17.44 21.05 -22.51
C PRO A 226 18.19 19.77 -22.83
N HIS A 227 18.04 18.72 -22.01
CA HIS A 227 18.83 17.51 -22.20
C HIS A 227 18.52 16.83 -23.54
N ASN A 228 17.24 16.55 -23.79
CA ASN A 228 16.89 15.81 -25.00
C ASN A 228 17.05 16.65 -26.25
N THR A 229 16.81 17.96 -26.16
CA THR A 229 16.93 18.80 -27.36
C THR A 229 18.38 18.92 -27.80
N VAL A 230 19.30 19.07 -26.85
CA VAL A 230 20.72 19.09 -27.19
C VAL A 230 21.11 17.79 -27.87
N HIS A 231 20.67 16.65 -27.31
CA HIS A 231 20.94 15.36 -27.93
C HIS A 231 20.41 15.29 -29.35
N ASN A 232 19.16 15.70 -29.56
CA ASN A 232 18.57 15.61 -30.89
C ASN A 232 19.19 16.61 -31.84
N ASN A 233 19.47 17.83 -31.37
CA ASN A 233 19.90 18.90 -32.27
C ASN A 233 21.33 18.69 -32.78
N ILE A 234 22.21 18.13 -31.95
CA ILE A 234 23.61 17.98 -32.34
C ILE A 234 23.74 17.04 -33.54
N GLY A 235 22.91 15.99 -33.58
CA GLY A 235 22.96 15.06 -34.68
C GLY A 235 24.07 14.03 -34.53
N ALA A 236 24.31 13.31 -35.63
CA ALA A 236 25.25 12.20 -35.67
C ALA A 236 24.95 11.19 -34.58
N PHE A 237 25.86 11.03 -33.61
CA PHE A 237 25.69 10.04 -32.56
C PHE A 237 24.69 10.48 -31.51
N MET A 238 24.64 11.78 -31.20
CA MET A 238 23.91 12.25 -30.02
C MET A 238 22.43 11.88 -29.98
N PRO A 239 21.67 11.88 -31.08
CA PRO A 239 20.25 11.48 -30.96
C PRO A 239 20.03 10.00 -30.75
N THR A 240 21.07 9.17 -30.89
CA THR A 240 20.92 7.73 -30.85
C THR A 240 21.27 7.19 -29.46
N ALA A 241 21.10 5.87 -29.29
CA ALA A 241 21.50 5.20 -28.07
C ALA A 241 23.02 5.11 -27.93
N ALA A 242 23.76 5.38 -29.00
CA ALA A 242 25.22 5.38 -28.98
C ALA A 242 25.80 6.77 -28.79
N SER A 243 25.04 7.68 -28.18
CA SER A 243 25.44 9.07 -28.02
C SER A 243 26.81 9.26 -27.36
N PRO A 244 27.23 8.43 -26.39
CA PRO A 244 28.59 8.61 -25.83
C PRO A 244 29.72 8.42 -26.85
N ARG A 245 29.44 7.91 -28.04
CA ARG A 245 30.48 7.84 -29.06
C ARG A 245 30.91 9.22 -29.53
N ASP A 246 30.08 10.25 -29.30
CA ASP A 246 30.49 11.64 -29.48
C ASP A 246 31.15 12.12 -28.19
N PRO A 247 32.43 12.51 -28.21
CA PRO A 247 33.09 12.95 -26.96
C PRO A 247 32.42 14.13 -26.29
N VAL A 248 31.62 14.92 -27.02
CA VAL A 248 30.91 16.04 -26.41
C VAL A 248 29.80 15.57 -25.48
N PHE A 249 29.45 14.28 -25.52
CA PHE A 249 28.49 13.71 -24.56
C PHE A 249 28.88 14.06 -23.12
N MET A 250 30.17 13.99 -22.81
CA MET A 250 30.60 14.21 -21.44
C MET A 250 30.51 15.67 -21.02
N MET A 251 30.71 16.60 -21.96
CA MET A 251 30.51 18.01 -21.65
C MET A 251 29.04 18.30 -21.40
N HIS A 252 28.16 17.67 -22.19
CA HIS A 252 26.74 17.87 -22.03
C HIS A 252 26.27 17.32 -20.69
N HIS A 253 26.65 16.07 -20.39
CA HIS A 253 26.21 15.46 -19.14
C HIS A 253 27.01 15.92 -17.93
N GLY A 254 28.20 16.49 -18.13
CA GLY A 254 28.84 17.22 -17.06
C GLY A 254 28.00 18.39 -16.60
N ASN A 255 27.35 19.08 -17.55
CA ASN A 255 26.48 20.19 -17.18
C ASN A 255 25.21 19.69 -16.52
N ILE A 256 24.62 18.61 -17.04
CA ILE A 256 23.45 18.01 -16.40
C ILE A 256 23.75 17.63 -14.96
N ASP A 257 24.91 16.98 -14.75
CA ASP A 257 25.33 16.64 -13.39
C ASP A 257 25.54 17.87 -12.53
N ARG A 258 26.05 18.96 -13.13
CA ARG A 258 26.20 20.20 -12.38
C ARG A 258 24.84 20.76 -11.97
N VAL A 259 23.85 20.66 -12.85
CA VAL A 259 22.52 21.14 -12.52
C VAL A 259 21.96 20.38 -11.33
N TRP A 260 22.14 19.06 -11.31
CA TRP A 260 21.70 18.26 -10.17
C TRP A 260 22.43 18.67 -8.90
N ALA A 261 23.75 18.83 -8.98
CA ALA A 261 24.52 19.29 -7.82
C ALA A 261 24.07 20.68 -7.38
N THR A 262 23.85 21.58 -8.34
CA THR A 262 23.34 22.91 -8.02
C THR A 262 21.97 22.83 -7.36
N TRP A 263 21.10 21.96 -7.89
CA TRP A 263 19.79 21.75 -7.30
C TRP A 263 19.89 21.37 -5.83
N ASN A 264 20.74 20.38 -5.52
CA ASN A 264 20.93 19.98 -4.13
C ASN A 264 21.51 21.12 -3.30
N ALA A 265 22.48 21.84 -3.84
CA ALA A 265 23.17 22.88 -3.08
C ALA A 265 22.23 24.02 -2.71
N LEU A 266 21.18 24.26 -3.50
CA LEU A 266 20.17 25.24 -3.12
C LEU A 266 19.34 24.77 -1.94
N GLY A 267 19.42 23.50 -1.57
CA GLY A 267 18.65 22.94 -0.47
C GLY A 267 17.62 21.92 -0.89
N ARG A 268 17.42 21.70 -2.19
CA ARG A 268 16.44 20.74 -2.65
C ARG A 268 16.85 19.32 -2.26
N LYS A 269 15.84 18.48 -2.00
CA LYS A 269 16.05 17.13 -1.51
C LYS A 269 15.78 16.10 -2.60
N ASN A 270 16.65 15.10 -2.68
CA ASN A 270 16.41 13.96 -3.54
C ASN A 270 15.26 13.12 -2.98
N SER A 271 14.83 12.15 -3.79
CA SER A 271 13.75 11.26 -3.36
C SER A 271 14.14 10.49 -2.10
N THR A 272 13.18 10.36 -1.18
CA THR A 272 13.36 9.52 -0.01
C THR A 272 12.71 8.15 -0.18
N ASP A 273 12.33 7.80 -1.40
CA ASP A 273 11.69 6.51 -1.65
C ASP A 273 12.73 5.39 -1.60
N PRO A 274 12.46 4.30 -0.87
CA PRO A 274 13.44 3.19 -0.84
C PRO A 274 13.71 2.59 -2.21
N LEU A 275 12.73 2.59 -3.11
CA LEU A 275 12.94 2.04 -4.44
C LEU A 275 13.99 2.82 -5.22
N TRP A 276 14.07 4.14 -5.01
CA TRP A 276 15.11 4.93 -5.64
C TRP A 276 16.45 4.75 -4.95
N LEU A 277 16.49 4.92 -3.62
CA LEU A 277 17.75 4.91 -2.88
C LEU A 277 18.41 3.54 -2.91
N GLY A 278 17.64 2.47 -2.93
CA GLY A 278 18.20 1.13 -2.86
C GLY A 278 18.66 0.51 -4.16
N MET A 279 18.44 1.17 -5.30
CA MET A 279 18.72 0.57 -6.59
C MET A 279 20.22 0.46 -6.83
N LYS A 280 20.66 -0.70 -7.30
CA LYS A 280 22.04 -0.92 -7.70
C LYS A 280 22.14 -1.02 -9.21
N PHE A 281 23.33 -0.73 -9.75
CA PHE A 281 23.60 -0.83 -11.18
C PHE A 281 24.62 -1.94 -11.41
N PRO A 282 24.20 -3.21 -11.35
CA PRO A 282 25.18 -4.32 -11.30
C PRO A 282 25.98 -4.42 -12.59
N ASN A 283 27.30 -4.27 -12.46
CA ASN A 283 28.25 -4.39 -13.57
C ASN A 283 27.89 -3.46 -14.73
N ASN A 284 27.30 -2.31 -14.42
CA ASN A 284 26.94 -1.36 -15.46
C ASN A 284 28.15 -0.60 -15.98
N TYR A 285 29.15 -0.37 -15.15
CA TYR A 285 30.29 0.47 -15.48
C TYR A 285 31.54 -0.37 -15.69
N ILE A 286 32.55 0.25 -16.30
CA ILE A 286 33.83 -0.38 -16.59
C ILE A 286 34.94 0.46 -15.99
N ASP A 287 35.85 -0.17 -15.26
CA ASP A 287 36.97 0.53 -14.64
C ASP A 287 38.09 0.74 -15.66
N PRO A 288 39.11 1.52 -15.33
CA PRO A 288 40.18 1.80 -16.32
C PRO A 288 40.99 0.58 -16.74
N GLN A 289 40.78 -0.58 -16.12
CA GLN A 289 41.46 -1.80 -16.53
C GLN A 289 40.57 -2.72 -17.34
N GLY A 290 39.35 -2.30 -17.66
CA GLY A 290 38.45 -3.11 -18.46
C GLY A 290 37.64 -4.12 -17.70
N ARG A 291 37.54 -4.01 -16.37
CA ARG A 291 36.71 -4.89 -15.57
C ARG A 291 35.41 -4.19 -15.19
N TYR A 292 34.32 -4.93 -15.22
CA TYR A 292 33.02 -4.38 -14.86
C TYR A 292 32.91 -4.20 -13.36
N TYR A 293 32.28 -3.10 -12.94
CA TYR A 293 32.06 -2.86 -11.53
C TYR A 293 30.68 -2.28 -11.30
N THR A 294 30.25 -2.32 -10.04
CA THR A 294 28.90 -1.94 -9.66
C THR A 294 28.94 -0.70 -8.77
N GLN A 295 28.00 0.21 -9.02
CA GLN A 295 27.66 1.28 -8.10
C GLN A 295 26.14 1.34 -7.99
N GLY A 296 25.66 2.11 -7.01
CA GLY A 296 24.25 2.30 -6.82
C GLY A 296 23.91 3.76 -6.64
N VAL A 297 22.60 4.03 -6.58
CA VAL A 297 22.12 5.40 -6.37
C VAL A 297 22.72 5.99 -5.11
N SER A 298 22.74 5.22 -4.02
CA SER A 298 23.22 5.74 -2.75
C SER A 298 24.72 5.98 -2.74
N ASP A 299 25.45 5.36 -3.67
CA ASP A 299 26.87 5.64 -3.80
C ASP A 299 27.14 6.98 -4.49
N LEU A 300 26.17 7.49 -5.25
CA LEU A 300 26.38 8.62 -6.14
C LEU A 300 25.62 9.86 -5.70
N LEU A 301 25.28 9.96 -4.41
CA LEU A 301 24.48 11.09 -3.94
C LEU A 301 25.30 12.36 -3.77
N SER A 302 26.56 12.25 -3.38
CA SER A 302 27.40 13.40 -3.06
C SER A 302 28.60 13.44 -3.99
N THR A 303 28.79 14.55 -4.69
CA THR A 303 29.97 14.68 -5.53
C THR A 303 31.25 14.73 -4.71
N GLU A 304 31.19 15.31 -3.51
CA GLU A 304 32.37 15.37 -2.66
C GLU A 304 32.83 13.98 -2.25
N ALA A 305 31.87 13.06 -2.04
CA ALA A 305 32.23 11.69 -1.69
C ALA A 305 32.91 10.98 -2.86
N LEU A 306 32.59 11.37 -4.08
CA LEU A 306 33.25 10.84 -5.26
C LEU A 306 34.49 11.63 -5.65
N GLY A 307 34.84 12.64 -4.86
CA GLY A 307 36.11 13.31 -5.02
C GLY A 307 36.12 14.53 -5.92
N TYR A 308 34.95 15.09 -6.25
CA TYR A 308 34.94 16.25 -7.14
C TYR A 308 33.89 17.26 -6.70
N ARG A 309 34.06 18.48 -7.20
CA ARG A 309 33.09 19.55 -7.08
C ARG A 309 33.09 20.33 -8.39
N TYR A 310 32.20 21.30 -8.52
CA TYR A 310 32.14 22.15 -9.68
C TYR A 310 32.68 23.54 -9.34
N ASP A 311 33.16 24.24 -10.39
CA ASP A 311 33.81 25.52 -10.16
C ASP A 311 32.85 26.57 -9.62
N VAL A 312 31.56 26.45 -9.92
CA VAL A 312 30.55 27.40 -9.48
C VAL A 312 29.45 26.63 -8.78
N MET A 313 29.12 27.03 -7.55
CA MET A 313 28.08 26.37 -6.77
C MET A 313 27.47 27.39 -5.82
N PRO A 314 26.16 27.55 -5.84
CA PRO A 314 25.51 28.51 -4.93
C PRO A 314 25.35 27.93 -3.53
N ARG A 315 24.94 28.82 -2.61
CA ARG A 315 24.54 28.43 -1.28
C ARG A 315 23.03 28.19 -1.22
N ALA A 316 22.57 27.65 -0.10
CA ALA A 316 21.16 27.35 0.06
C ALA A 316 20.32 28.62 0.01
N ASP A 317 19.14 28.53 -0.61
CA ASP A 317 18.26 29.67 -0.78
C ASP A 317 17.08 29.66 0.19
N ASN A 318 16.96 28.65 1.05
CA ASN A 318 15.95 28.59 2.10
C ASN A 318 14.52 28.62 1.54
N LYS A 319 14.31 28.03 0.37
CA LYS A 319 12.96 27.94 -0.19
C LYS A 319 12.15 26.89 0.56
N VAL A 320 11.02 27.30 1.12
CA VAL A 320 10.17 26.37 1.87
C VAL A 320 9.50 25.40 0.90
N VAL A 321 9.33 24.16 1.37
CA VAL A 321 8.69 23.10 0.57
C VAL A 321 7.28 22.90 1.08
N ASN A 322 6.32 22.83 0.17
CA ASN A 322 4.93 22.59 0.51
C ASN A 322 4.70 21.09 0.68
N ASN A 323 4.37 20.67 1.91
CA ASN A 323 4.22 19.25 2.18
C ASN A 323 2.98 18.68 1.51
N ALA A 324 1.90 19.47 1.41
CA ALA A 324 0.70 19.01 0.71
C ALA A 324 0.97 18.81 -0.77
N ARG A 325 1.74 19.72 -1.38
CA ARG A 325 2.08 19.57 -2.80
C ARG A 325 2.86 18.28 -3.05
N ALA A 326 3.83 17.98 -2.19
CA ALA A 326 4.63 16.77 -2.37
C ALA A 326 3.77 15.52 -2.23
N GLU A 327 2.87 15.50 -1.26
CA GLU A 327 2.00 14.33 -1.07
C GLU A 327 1.13 14.08 -2.28
N HIS A 328 0.49 15.13 -2.81
CA HIS A 328 -0.34 14.99 -4.00
C HIS A 328 0.46 14.47 -5.19
N LEU A 329 1.66 15.03 -5.40
CA LEU A 329 2.50 14.58 -6.51
C LEU A 329 2.90 13.11 -6.36
N LEU A 330 3.24 12.69 -5.13
CA LEU A 330 3.62 11.30 -4.92
C LEU A 330 2.49 10.35 -5.28
N ALA A 331 1.25 10.72 -4.97
CA ALA A 331 0.12 9.88 -5.34
C ALA A 331 -0.09 9.85 -6.85
N LEU A 332 0.19 10.96 -7.53
CA LEU A 332 0.09 10.97 -8.99
C LEU A 332 1.07 9.98 -9.63
N PHE A 333 2.27 9.85 -9.06
CA PHE A 333 3.31 9.02 -9.66
C PHE A 333 3.16 7.55 -9.29
N LYS A 334 2.33 7.23 -8.31
CA LYS A 334 1.84 5.86 -8.11
C LYS A 334 0.42 5.73 -8.66
N THR A 335 0.25 6.27 -9.87
CA THR A 335 -1.04 6.54 -10.54
C THR A 335 -2.29 6.11 -9.78
N LEU A 347 -8.59 16.52 -11.23
CA LEU A 347 -7.87 15.84 -12.29
C LEU A 347 -8.80 15.41 -13.41
N ARG A 348 -8.84 16.19 -14.49
CA ARG A 348 -9.72 15.94 -15.62
C ARG A 348 -8.94 15.34 -16.78
N SER A 349 -9.44 14.23 -17.33
CA SER A 349 -8.88 13.62 -18.52
C SER A 349 -9.50 14.27 -19.75
N VAL A 350 -8.66 14.73 -20.68
CA VAL A 350 -9.07 15.70 -21.67
C VAL A 350 -8.96 15.20 -23.11
N LEU A 351 -8.27 14.11 -23.36
CA LEU A 351 -8.10 13.62 -24.74
C LEU A 351 -9.40 13.03 -25.27
N LYS A 352 -10.03 13.72 -26.21
CA LYS A 352 -11.29 13.29 -26.80
C LYS A 352 -11.09 12.97 -28.29
N GLY A 353 -11.94 12.10 -28.80
CA GLY A 353 -11.96 11.77 -30.21
C GLY A 353 -11.33 10.42 -30.51
N GLU A 354 -11.77 9.81 -31.61
CA GLU A 354 -11.18 8.57 -32.10
C GLU A 354 -9.98 8.90 -32.98
N HIS A 355 -8.85 8.27 -32.69
CA HIS A 355 -7.58 8.55 -33.36
C HIS A 355 -7.23 10.05 -33.33
N PRO A 356 -7.02 10.62 -32.14
CA PRO A 356 -6.60 12.02 -32.09
C PRO A 356 -5.13 12.18 -32.43
N VAL A 357 -4.81 13.23 -33.17
CA VAL A 357 -3.48 13.36 -33.76
C VAL A 357 -3.07 14.83 -33.77
N ALA A 358 -1.76 15.07 -33.60
CA ALA A 358 -1.16 16.38 -33.74
C ALA A 358 -0.20 16.38 -34.92
N THR A 359 -0.36 17.34 -35.82
CA THR A 359 0.51 17.50 -36.98
C THR A 359 1.17 18.88 -36.93
N ALA A 360 1.96 19.19 -37.97
CA ALA A 360 2.68 20.45 -38.01
C ALA A 360 1.74 21.62 -38.31
N VAL A 361 0.62 21.36 -38.98
CA VAL A 361 -0.31 22.42 -39.35
C VAL A 361 -1.70 22.23 -38.72
N GLU A 362 -2.01 21.06 -38.20
CA GLU A 362 -3.28 20.82 -37.51
C GLU A 362 -2.98 20.41 -36.08
N PRO A 363 -3.06 21.32 -35.12
CA PRO A 363 -2.68 20.96 -33.75
C PRO A 363 -3.73 20.09 -33.08
N LEU A 364 -3.27 19.22 -32.19
CA LEU A 364 -4.15 18.44 -31.35
C LEU A 364 -4.71 19.37 -30.27
N ASN A 365 -6.01 19.65 -30.35
CA ASN A 365 -6.66 20.59 -29.44
C ASN A 365 -7.52 19.82 -28.44
N SER A 366 -7.34 20.13 -27.16
CA SER A 366 -8.12 19.51 -26.09
C SER A 366 -8.65 20.62 -25.21
N ALA A 367 -9.97 20.66 -25.03
CA ALA A 367 -10.61 21.67 -24.21
C ALA A 367 -10.73 21.15 -22.79
N VAL A 368 -10.34 21.98 -21.82
CA VAL A 368 -10.47 21.65 -20.41
C VAL A 368 -11.54 22.55 -19.81
N GLN A 369 -12.31 21.99 -18.91
CA GLN A 369 -13.36 22.72 -18.21
C GLN A 369 -13.30 22.36 -16.74
N PHE A 370 -13.19 23.38 -15.90
CA PHE A 370 -13.13 23.22 -14.45
C PHE A 370 -14.33 23.94 -13.84
N GLU A 371 -14.56 23.68 -12.55
CA GLU A 371 -15.65 24.35 -11.87
C GLU A 371 -15.34 25.84 -11.75
N ALA A 372 -16.40 26.63 -11.57
CA ALA A 372 -16.28 28.08 -11.54
C ALA A 372 -15.31 28.53 -10.45
N GLY A 373 -14.27 29.25 -10.86
CA GLY A 373 -13.28 29.75 -9.93
C GLY A 373 -12.17 28.76 -9.64
N THR A 374 -11.16 28.71 -10.51
CA THR A 374 -10.03 27.82 -10.34
C THR A 374 -8.82 28.28 -11.14
N THR A 389 -2.20 28.34 -6.50
CA THR A 389 -2.90 27.44 -7.41
C THR A 389 -2.03 27.07 -8.61
N GLU A 390 -1.77 25.78 -8.78
CA GLU A 390 -0.94 25.26 -9.86
C GLU A 390 -1.76 24.35 -10.76
N VAL A 391 -1.51 24.43 -12.07
CA VAL A 391 -2.18 23.58 -13.06
C VAL A 391 -1.10 22.87 -13.87
N VAL A 392 -1.17 21.54 -13.90
CA VAL A 392 -0.22 20.72 -14.65
C VAL A 392 -1.00 19.84 -15.61
N ALA A 393 -0.32 19.40 -16.66
CA ALA A 393 -0.88 18.50 -17.66
C ALA A 393 0.01 17.27 -17.78
N LEU A 394 -0.59 16.08 -17.76
CA LEU A 394 0.11 14.83 -17.90
C LEU A 394 -0.16 14.28 -19.31
N ILE A 395 0.88 14.24 -20.14
CA ILE A 395 0.80 13.70 -21.49
C ILE A 395 1.52 12.36 -21.48
N LYS A 396 0.77 11.28 -21.62
CA LYS A 396 1.26 9.93 -21.38
C LYS A 396 1.34 9.13 -22.68
N ASN A 397 2.41 8.35 -22.83
CA ASN A 397 2.61 7.42 -23.94
C ASN A 397 2.38 8.10 -25.29
N ILE A 398 3.37 8.90 -25.67
CA ILE A 398 3.29 9.73 -26.86
C ILE A 398 3.94 8.97 -28.02
N ARG A 399 3.13 8.59 -29.01
CA ARG A 399 3.65 8.00 -30.24
C ARG A 399 4.19 9.11 -31.13
N ILE A 400 5.49 9.13 -31.32
CA ILE A 400 6.17 10.15 -32.12
C ILE A 400 6.84 9.46 -33.29
N PRO A 401 6.50 9.81 -34.54
CA PRO A 401 7.19 9.18 -35.68
C PRO A 401 8.60 9.71 -35.82
N TYR A 402 9.41 8.96 -36.58
CA TYR A 402 10.80 9.34 -36.81
C TYR A 402 10.92 10.73 -37.43
N ASN A 403 9.93 11.14 -38.22
CA ASN A 403 9.96 12.42 -38.93
C ASN A 403 9.69 13.62 -38.03
N VAL A 404 9.35 13.43 -36.76
CA VAL A 404 9.02 14.52 -35.86
C VAL A 404 10.15 14.67 -34.86
N ILE A 405 10.66 15.90 -34.72
CA ILE A 405 11.82 16.16 -33.88
C ILE A 405 11.45 16.69 -32.50
N SER A 406 10.27 17.31 -32.35
CA SER A 406 9.87 17.89 -31.08
C SER A 406 8.37 18.19 -31.13
N ILE A 407 7.83 18.49 -29.96
CA ILE A 407 6.43 18.86 -29.79
C ILE A 407 6.37 20.20 -29.07
N ARG A 408 5.56 21.11 -29.58
CA ARG A 408 5.35 22.40 -28.94
C ARG A 408 3.97 22.46 -28.32
N VAL A 409 3.89 22.99 -27.11
CA VAL A 409 2.66 23.05 -26.33
C VAL A 409 2.19 24.49 -26.25
N PHE A 410 0.91 24.70 -26.55
CA PHE A 410 0.27 26.01 -26.46
C PHE A 410 -1.01 25.89 -25.65
N VAL A 411 -1.49 27.05 -25.18
CA VAL A 411 -2.81 27.15 -24.55
C VAL A 411 -3.56 28.28 -25.26
N ASN A 412 -4.83 28.02 -25.58
CA ASN A 412 -5.72 29.00 -26.21
C ASN A 412 -5.23 29.43 -27.59
N LEU A 413 -4.57 28.52 -28.31
CA LEU A 413 -4.14 28.75 -29.68
C LEU A 413 -4.54 27.54 -30.52
N PRO A 414 -5.84 27.37 -30.77
CA PRO A 414 -6.29 26.18 -31.52
C PRO A 414 -5.85 26.17 -32.97
N ASN A 415 -5.36 27.28 -33.50
CA ASN A 415 -4.86 27.36 -34.87
C ASN A 415 -3.33 27.47 -34.90
N ALA A 416 -2.68 26.94 -33.87
CA ALA A 416 -1.22 26.96 -33.82
C ALA A 416 -0.63 26.04 -34.87
N ASN A 417 0.60 26.35 -35.28
CA ASN A 417 1.31 25.56 -36.26
C ASN A 417 2.81 25.65 -35.98
N LEU A 418 3.60 25.00 -36.83
CA LEU A 418 5.04 24.95 -36.64
C LEU A 418 5.71 26.31 -36.81
N ASP A 419 5.04 27.28 -37.42
CA ASP A 419 5.63 28.59 -37.67
C ASP A 419 5.31 29.61 -36.59
N VAL A 420 4.48 29.26 -35.61
CA VAL A 420 4.21 30.17 -34.50
C VAL A 420 5.48 30.26 -33.65
N PRO A 421 6.03 31.46 -33.45
CA PRO A 421 7.28 31.59 -32.70
C PRO A 421 7.06 31.34 -31.21
N GLU A 422 8.13 30.93 -30.54
CA GLU A 422 8.06 30.63 -29.11
C GLU A 422 8.02 31.89 -28.25
N THR A 423 8.16 33.08 -28.84
CA THR A 423 7.91 34.31 -28.11
C THR A 423 6.43 34.65 -28.04
N ASP A 424 5.58 33.82 -28.65
CA ASP A 424 4.15 34.05 -28.61
C ASP A 424 3.63 33.87 -27.19
N PRO A 425 2.70 34.73 -26.74
CA PRO A 425 2.20 34.61 -25.36
C PRO A 425 1.50 33.31 -25.06
N HIS A 426 1.00 32.60 -26.08
CA HIS A 426 0.34 31.31 -25.88
C HIS A 426 1.33 30.15 -25.77
N PHE A 427 2.62 30.39 -26.01
CA PHE A 427 3.59 29.32 -26.00
C PHE A 427 3.89 28.87 -24.57
N VAL A 428 3.82 27.56 -24.33
CA VAL A 428 4.11 27.01 -23.02
C VAL A 428 5.56 26.51 -22.96
N THR A 429 5.87 25.49 -23.76
CA THR A 429 7.19 24.87 -23.71
C THR A 429 7.41 24.04 -24.96
N SER A 430 8.66 23.59 -25.10
CA SER A 430 9.06 22.68 -26.17
C SER A 430 9.41 21.33 -25.55
N LEU A 431 8.87 20.26 -26.12
CA LEU A 431 9.10 18.90 -25.65
C LEU A 431 9.94 18.14 -26.66
N SER A 432 10.93 17.41 -26.17
CA SER A 432 11.83 16.64 -27.02
C SER A 432 12.10 15.30 -26.37
N PHE A 433 12.09 14.23 -27.16
CA PHE A 433 12.30 12.89 -26.65
C PHE A 433 13.22 12.13 -27.60
N LEU A 434 13.82 11.06 -27.10
CA LEU A 434 14.82 10.30 -27.83
C LEU A 434 14.17 9.07 -28.45
N THR A 435 14.09 9.04 -29.77
CA THR A 435 13.51 7.93 -30.50
C THR A 435 14.60 7.08 -31.15
N HIS A 443 9.77 -1.36 -27.07
CA HIS A 443 10.39 -0.10 -26.68
C HIS A 443 9.38 0.83 -25.99
N ALA A 444 9.73 1.30 -24.80
CA ALA A 444 8.82 2.14 -24.03
C ALA A 444 8.65 3.52 -24.68
N LEU A 445 7.43 4.07 -24.57
CA LEU A 445 7.03 5.37 -25.08
C LEU A 445 7.28 6.46 -24.04
N PRO A 446 7.50 7.70 -24.47
CA PRO A 446 7.76 8.78 -23.52
C PRO A 446 6.48 9.38 -22.95
N SER A 447 6.61 9.93 -21.74
CA SER A 447 5.55 10.68 -21.09
C SER A 447 6.18 11.87 -20.41
N THR A 448 5.37 12.90 -20.15
CA THR A 448 5.89 14.09 -19.50
C THR A 448 4.76 14.83 -18.79
N MET A 449 5.15 15.65 -17.82
CA MET A 449 4.26 16.57 -17.14
C MET A 449 4.62 17.99 -17.54
N VAL A 450 3.61 18.81 -17.82
CA VAL A 450 3.82 20.17 -18.30
C VAL A 450 3.10 21.12 -17.36
N ASN A 451 3.86 22.07 -16.80
CA ASN A 451 3.29 23.09 -15.94
C ASN A 451 2.72 24.23 -16.78
N LEU A 452 1.42 24.43 -16.71
CA LEU A 452 0.74 25.46 -17.47
C LEU A 452 0.52 26.75 -16.69
N THR A 453 0.87 26.76 -15.39
CA THR A 453 0.51 27.86 -14.51
C THR A 453 1.00 29.20 -15.05
N ASP A 454 2.29 29.29 -15.39
CA ASP A 454 2.86 30.56 -15.83
C ASP A 454 2.17 31.08 -17.09
N THR A 455 1.89 30.20 -18.06
CA THR A 455 1.23 30.64 -19.28
C THR A 455 -0.20 31.07 -19.01
N LEU A 456 -0.91 30.35 -18.14
CA LEU A 456 -2.27 30.74 -17.79
C LEU A 456 -2.30 32.11 -17.13
N LYS A 457 -1.34 32.36 -16.22
CA LYS A 457 -1.27 33.68 -15.58
C LYS A 457 -0.91 34.77 -16.59
N ALA A 458 0.02 34.49 -17.50
CA ALA A 458 0.40 35.48 -18.51
C ALA A 458 -0.77 35.83 -19.41
N LEU A 459 -1.66 34.88 -19.67
CA LEU A 459 -2.79 35.10 -20.55
C LEU A 459 -4.01 35.67 -19.82
N ASN A 460 -3.97 35.76 -18.49
CA ASN A 460 -5.10 36.19 -17.68
C ASN A 460 -6.35 35.41 -18.06
N ILE A 461 -6.28 34.10 -17.83
CA ILE A 461 -7.31 33.18 -18.29
C ILE A 461 -8.69 33.57 -17.76
N ARG A 462 -9.66 33.67 -18.65
CA ARG A 462 -11.02 34.01 -18.29
C ARG A 462 -11.83 32.75 -18.04
N ASP A 463 -12.73 32.82 -17.05
CA ASP A 463 -13.53 31.69 -16.62
C ASP A 463 -12.65 30.52 -16.19
N ASP A 464 -13.20 29.31 -16.19
CA ASP A 464 -12.48 28.12 -15.79
C ASP A 464 -12.35 27.15 -16.96
N ASN A 465 -12.07 27.67 -18.15
CA ASN A 465 -11.90 26.80 -19.31
C ASN A 465 -10.84 27.38 -20.25
N PHE A 466 -10.12 26.48 -20.89
CA PHE A 466 -9.09 26.83 -21.88
C PHE A 466 -8.82 25.58 -22.71
N SER A 467 -7.94 25.73 -23.68
CA SER A 467 -7.54 24.62 -24.53
C SER A 467 -6.03 24.41 -24.46
N ILE A 468 -5.62 23.16 -24.63
CA ILE A 468 -4.21 22.79 -24.79
C ILE A 468 -4.02 22.37 -26.25
N ASN A 469 -3.00 22.93 -26.88
CA ASN A 469 -2.74 22.70 -28.31
C ASN A 469 -1.35 22.12 -28.48
N LEU A 470 -1.29 20.92 -29.05
CA LEU A 470 -0.02 20.25 -29.31
C LEU A 470 0.31 20.34 -30.80
N VAL A 471 1.49 20.85 -31.11
CA VAL A 471 1.97 20.99 -32.47
C VAL A 471 3.16 20.05 -32.66
N ALA A 472 3.07 19.19 -33.68
CA ALA A 472 4.18 18.31 -34.03
C ALA A 472 5.17 19.07 -34.90
N VAL A 473 6.41 19.20 -34.44
CA VAL A 473 7.45 19.92 -35.17
C VAL A 473 8.20 18.89 -36.03
N PRO A 474 8.12 18.96 -37.35
CA PRO A 474 8.77 17.96 -38.19
C PRO A 474 10.27 18.17 -38.27
N GLN A 475 10.98 17.10 -38.61
CA GLN A 475 12.40 17.20 -38.91
C GLN A 475 12.62 18.26 -40.00
N PRO A 476 13.68 19.05 -39.90
CA PRO A 476 13.93 20.05 -40.94
C PRO A 476 13.97 19.43 -42.33
N GLY A 477 13.33 20.09 -43.29
CA GLY A 477 13.32 19.64 -44.66
C GLY A 477 12.28 18.61 -45.01
N VAL A 478 11.67 17.97 -44.02
CA VAL A 478 10.65 16.96 -44.28
C VAL A 478 9.34 17.65 -44.64
N ALA A 479 8.73 17.21 -45.74
CA ALA A 479 7.42 17.73 -46.11
C ALA A 479 6.41 17.46 -45.00
N VAL A 480 5.57 18.45 -44.71
CA VAL A 480 4.59 18.32 -43.63
C VAL A 480 3.64 17.17 -43.91
N GLU A 481 3.27 16.96 -45.18
CA GLU A 481 2.44 15.83 -45.55
C GLU A 481 3.07 14.49 -45.24
N SER A 482 4.39 14.45 -45.05
CA SER A 482 5.09 13.20 -44.81
C SER A 482 5.58 13.07 -43.37
N SER A 483 5.33 14.07 -42.53
CA SER A 483 5.87 14.08 -41.18
C SER A 483 5.07 13.22 -40.22
N GLY A 484 3.91 12.72 -40.62
CA GLY A 484 3.14 11.90 -39.73
C GLY A 484 2.51 12.75 -38.63
N GLY A 485 1.92 12.04 -37.66
CA GLY A 485 1.17 12.68 -36.61
C GLY A 485 1.57 12.16 -35.25
N VAL A 486 1.52 13.05 -34.27
CA VAL A 486 1.83 12.73 -32.89
C VAL A 486 0.53 12.43 -32.15
N THR A 487 0.45 11.26 -31.52
CA THR A 487 -0.75 10.84 -30.79
C THR A 487 -0.36 10.42 -29.38
N PRO A 488 -0.74 11.17 -28.35
CA PRO A 488 -0.57 10.68 -26.99
C PRO A 488 -1.69 9.74 -26.60
N GLU A 489 -1.40 8.83 -25.66
CA GLU A 489 -2.40 7.87 -25.23
C GLU A 489 -3.46 8.54 -24.35
N SER A 490 -3.05 9.49 -23.52
CA SER A 490 -3.98 10.26 -22.72
C SER A 490 -3.35 11.61 -22.39
N ILE A 491 -4.22 12.58 -22.10
CA ILE A 491 -3.82 13.87 -21.58
C ILE A 491 -4.71 14.18 -20.38
N GLU A 492 -4.11 14.32 -19.21
CA GLU A 492 -4.84 14.62 -17.98
C GLU A 492 -4.36 15.94 -17.41
N VAL A 493 -5.30 16.77 -16.96
CA VAL A 493 -5.01 18.07 -16.36
C VAL A 493 -5.43 18.04 -14.90
N ALA A 494 -4.51 18.42 -14.01
CA ALA A 494 -4.75 18.39 -12.58
C ALA A 494 -4.43 19.75 -11.97
N VAL A 495 -5.18 20.12 -10.94
CA VAL A 495 -4.93 21.33 -10.18
C VAL A 495 -4.28 20.90 -8.86
N ILE A 496 -3.01 21.28 -8.67
CA ILE A 496 -2.23 20.85 -7.52
C ILE A 496 -2.46 21.81 -6.35
N ALA A 497 -3.68 21.74 -5.81
CA ALA A 497 -4.09 22.45 -4.58
C ALA A 497 -4.04 23.98 -4.71
N ALA B 35 6.30 -13.26 -4.49
CA ALA B 35 6.08 -13.97 -3.23
C ALA B 35 5.39 -13.06 -2.21
N PRO B 36 4.42 -13.60 -1.49
CA PRO B 36 3.76 -12.81 -0.45
C PRO B 36 4.72 -12.49 0.69
N LEU B 37 4.55 -11.30 1.27
CA LEU B 37 5.46 -10.86 2.32
C LEU B 37 5.31 -11.76 3.55
N ARG B 38 6.44 -12.04 4.19
CA ARG B 38 6.42 -12.71 5.48
C ARG B 38 5.97 -11.75 6.56
N VAL B 39 5.13 -12.22 7.47
CA VAL B 39 4.54 -11.38 8.51
C VAL B 39 5.19 -11.73 9.83
N ARG B 40 6.03 -10.83 10.34
CA ARG B 40 6.61 -10.99 11.66
C ARG B 40 5.55 -10.68 12.70
N ARG B 41 5.33 -11.60 13.64
CA ARG B 41 4.17 -11.56 14.52
C ARG B 41 4.57 -11.44 15.98
N ASN B 42 3.66 -10.89 16.77
CA ASN B 42 3.88 -10.72 18.20
C ASN B 42 3.93 -12.08 18.90
N LEU B 43 4.93 -12.26 19.76
CA LEU B 43 5.03 -13.49 20.54
C LEU B 43 3.81 -13.70 21.44
N HIS B 44 3.18 -12.61 21.88
CA HIS B 44 2.05 -12.69 22.79
C HIS B 44 0.94 -13.54 22.19
N GLY B 45 0.58 -14.61 22.90
CA GLY B 45 -0.50 -15.48 22.50
C GLY B 45 -0.10 -16.65 21.63
N MET B 46 1.14 -16.68 21.14
CA MET B 46 1.59 -17.78 20.31
C MET B 46 1.75 -19.05 21.12
N LYS B 47 1.14 -20.14 20.66
CA LYS B 47 1.36 -21.43 21.29
C LYS B 47 2.83 -21.82 21.17
N MET B 48 3.25 -22.71 22.08
CA MET B 48 4.66 -23.12 22.07
C MET B 48 5.03 -23.86 20.78
N ASP B 49 4.07 -24.47 20.12
CA ASP B 49 4.30 -25.14 18.84
C ASP B 49 3.87 -24.29 17.65
N ASP B 50 3.68 -22.98 17.86
CA ASP B 50 3.45 -22.07 16.75
C ASP B 50 4.53 -22.25 15.69
N PRO B 51 4.15 -22.29 14.40
CA PRO B 51 5.15 -22.60 13.35
C PRO B 51 6.35 -21.65 13.35
N ASP B 52 6.13 -20.36 13.58
CA ASP B 52 7.25 -19.42 13.60
C ASP B 52 8.15 -19.67 14.80
N LEU B 53 7.57 -19.75 16.00
CA LEU B 53 8.37 -20.01 17.20
C LEU B 53 9.08 -21.35 17.12
N SER B 54 8.37 -22.39 16.64
CA SER B 54 8.98 -23.71 16.54
C SER B 54 10.18 -23.70 15.59
N ALA B 55 10.04 -23.02 14.45
CA ALA B 55 11.14 -22.97 13.49
C ALA B 55 12.36 -22.27 14.09
N TYR B 56 12.13 -21.20 14.85
CA TYR B 56 13.23 -20.50 15.50
C TYR B 56 13.89 -21.37 16.58
N ARG B 57 13.07 -22.00 17.42
CA ARG B 57 13.60 -22.92 18.43
C ARG B 57 14.37 -24.05 17.79
N GLU B 58 13.77 -24.67 16.76
CA GLU B 58 14.47 -25.71 15.99
C GLU B 58 15.77 -25.16 15.41
N PHE B 59 15.75 -23.90 14.97
CA PHE B 59 16.94 -23.29 14.38
C PHE B 59 18.05 -23.13 15.40
N VAL B 60 17.72 -22.63 16.60
CA VAL B 60 18.72 -22.44 17.64
C VAL B 60 19.33 -23.77 18.05
N GLY B 61 18.50 -24.81 18.14
CA GLY B 61 19.03 -26.14 18.43
C GLY B 61 20.03 -26.61 17.39
N ILE B 62 19.68 -26.50 16.11
CA ILE B 62 20.60 -26.87 15.03
C ILE B 62 21.89 -26.08 15.15
N MET B 63 21.79 -24.75 15.27
CA MET B 63 22.96 -23.90 15.30
C MET B 63 23.84 -24.19 16.52
N LYS B 64 23.24 -24.54 17.65
CA LYS B 64 24.03 -24.86 18.83
C LYS B 64 24.68 -26.24 18.72
N GLY B 65 24.10 -27.14 17.94
CA GLY B 65 24.69 -28.45 17.73
C GLY B 65 25.84 -28.50 16.75
N LYS B 66 26.05 -27.42 16.00
CA LYS B 66 27.13 -27.37 15.02
C LYS B 66 28.47 -27.09 15.71
N ASP B 67 29.53 -27.18 14.92
CA ASP B 67 30.87 -26.81 15.38
C ASP B 67 30.89 -25.31 15.66
N GLN B 68 31.05 -24.95 16.94
CA GLN B 68 30.98 -23.55 17.33
C GLN B 68 32.17 -22.72 16.86
N THR B 69 33.19 -23.35 16.30
CA THR B 69 34.30 -22.63 15.69
C THR B 69 34.02 -22.23 14.25
N GLN B 70 32.94 -22.72 13.66
CA GLN B 70 32.59 -22.41 12.29
C GLN B 70 31.78 -21.12 12.22
N ALA B 71 31.84 -20.48 11.05
CA ALA B 71 31.03 -19.29 10.84
C ALA B 71 29.55 -19.62 10.90
N LEU B 72 29.14 -20.73 10.26
CA LEU B 72 27.76 -21.19 10.32
C LEU B 72 27.59 -21.98 11.62
N SER B 73 27.34 -21.23 12.70
CA SER B 73 27.10 -21.80 14.01
C SER B 73 26.53 -20.70 14.89
N TRP B 74 25.93 -21.11 16.01
CA TRP B 74 25.36 -20.14 16.94
C TRP B 74 26.40 -19.12 17.38
N LEU B 75 27.59 -19.60 17.75
CA LEU B 75 28.66 -18.70 18.18
C LEU B 75 29.21 -17.91 17.00
N GLY B 76 29.39 -18.56 15.85
CA GLY B 76 29.92 -17.86 14.68
C GLY B 76 29.04 -16.70 14.26
N PHE B 77 27.72 -16.87 14.33
CA PHE B 77 26.81 -15.76 14.04
C PHE B 77 26.98 -14.64 15.05
N ALA B 78 26.99 -14.98 16.34
CA ALA B 78 27.11 -13.96 17.38
C ALA B 78 28.43 -13.20 17.29
N ASN B 79 29.50 -13.87 16.86
CA ASN B 79 30.82 -13.22 16.84
C ASN B 79 30.85 -12.01 15.92
N GLN B 80 30.00 -11.99 14.88
CA GLN B 80 29.91 -10.81 14.04
C GLN B 80 29.44 -9.60 14.84
N HIS B 81 28.56 -9.82 15.83
CA HIS B 81 28.16 -8.75 16.72
C HIS B 81 29.28 -8.40 17.70
N GLY B 82 29.78 -9.41 18.42
CA GLY B 82 30.83 -9.20 19.39
C GLY B 82 31.05 -10.48 20.18
N THR B 83 32.06 -10.42 21.05
CA THR B 83 32.45 -11.57 21.85
C THR B 83 32.56 -11.17 23.31
N LEU B 84 32.40 -12.18 24.17
CA LEU B 84 32.47 -11.96 25.62
C LEU B 84 33.78 -11.29 26.03
N ASN B 85 34.89 -11.78 25.51
CA ASN B 85 36.20 -11.33 25.96
C ASN B 85 36.90 -10.39 24.99
N GLY B 86 36.36 -10.21 23.78
CA GLY B 86 36.99 -9.34 22.81
C GLY B 86 36.25 -8.04 22.57
N GLY B 87 35.05 -7.93 23.14
CA GLY B 87 34.26 -6.74 22.93
C GLY B 87 33.52 -6.77 21.60
N TYR B 88 33.09 -5.59 21.18
CA TYR B 88 32.28 -5.46 19.97
C TYR B 88 33.14 -5.64 18.72
N LYS B 89 32.56 -6.30 17.72
CA LYS B 89 33.21 -6.46 16.43
C LYS B 89 32.62 -5.49 15.41
N TYR B 90 31.49 -5.84 14.81
CA TYR B 90 30.86 -5.02 13.78
C TYR B 90 29.62 -4.28 14.27
N CYS B 91 29.09 -4.63 15.42
CA CYS B 91 27.85 -4.02 15.89
C CYS B 91 28.05 -2.53 16.16
N PRO B 92 27.20 -1.66 15.63
CA PRO B 92 27.27 -0.24 16.00
C PRO B 92 26.45 0.05 17.23
N HIS B 93 27.07 0.68 18.23
CA HIS B 93 26.34 1.20 19.38
C HIS B 93 26.74 2.65 19.58
N GLY B 94 25.74 3.51 19.75
CA GLY B 94 26.01 4.92 19.92
C GLY B 94 26.35 5.67 18.65
N ASP B 95 25.82 5.26 17.51
CA ASP B 95 25.84 6.08 16.31
C ASP B 95 24.67 5.71 15.41
N TRP B 96 24.48 6.50 14.35
CA TRP B 96 23.27 6.43 13.55
C TRP B 96 23.16 5.16 12.71
N TYR B 97 24.18 4.31 12.68
CA TYR B 97 24.06 3.03 11.99
C TYR B 97 23.43 1.95 12.88
N PHE B 98 23.04 2.32 14.10
CA PHE B 98 22.41 1.40 15.05
C PHE B 98 21.25 0.63 14.43
N LEU B 99 20.26 1.35 13.88
CA LEU B 99 19.07 0.67 13.37
C LEU B 99 19.32 -0.10 12.08
N PRO B 100 19.91 0.48 11.03
CA PRO B 100 20.07 -0.30 9.79
C PRO B 100 20.92 -1.55 9.95
N TRP B 101 21.99 -1.49 10.75
CA TRP B 101 22.85 -2.65 10.90
C TRP B 101 22.10 -3.80 11.57
N HIS B 102 21.31 -3.50 12.61
CA HIS B 102 20.57 -4.55 13.29
C HIS B 102 19.44 -5.11 12.43
N ARG B 103 18.86 -4.29 11.55
CA ARG B 103 17.88 -4.82 10.60
C ARG B 103 18.51 -5.89 9.71
N GLY B 104 19.72 -5.64 9.21
CA GLY B 104 20.43 -6.65 8.46
C GLY B 104 20.84 -7.84 9.31
N PHE B 105 21.19 -7.59 10.57
CA PHE B 105 21.57 -8.68 11.46
C PHE B 105 20.40 -9.61 11.75
N VAL B 106 19.23 -9.04 12.05
CA VAL B 106 18.03 -9.86 12.24
C VAL B 106 17.68 -10.60 10.96
N LEU B 107 17.77 -9.92 9.81
CA LEU B 107 17.50 -10.57 8.53
C LEU B 107 18.46 -11.73 8.29
N MET B 108 19.72 -11.57 8.70
CA MET B 108 20.70 -12.64 8.59
C MET B 108 20.24 -13.90 9.31
N TYR B 109 19.71 -13.75 10.52
CA TYR B 109 19.19 -14.90 11.25
C TYR B 109 17.91 -15.41 10.62
N GLU B 110 17.02 -14.51 10.22
CA GLU B 110 15.73 -14.91 9.65
C GLU B 110 15.94 -15.78 8.40
N ARG B 111 16.88 -15.40 7.55
CA ARG B 111 17.15 -16.20 6.35
C ARG B 111 17.76 -17.54 6.72
N ALA B 112 18.60 -17.57 7.76
CA ALA B 112 19.21 -18.82 8.19
C ALA B 112 18.17 -19.79 8.74
N VAL B 113 17.17 -19.28 9.47
CA VAL B 113 16.10 -20.13 9.98
C VAL B 113 15.38 -20.82 8.82
N ALA B 114 14.92 -20.03 7.85
CA ALA B 114 14.18 -20.59 6.72
C ALA B 114 15.00 -21.65 5.99
N ALA B 115 16.29 -21.39 5.79
CA ALA B 115 17.12 -22.33 5.05
C ALA B 115 17.38 -23.61 5.85
N LEU B 116 17.79 -23.48 7.11
CA LEU B 116 18.22 -24.64 7.88
C LEU B 116 17.06 -25.47 8.41
N THR B 117 15.88 -24.88 8.60
CA THR B 117 14.73 -25.63 9.06
C THR B 117 13.81 -26.08 7.93
N GLY B 118 13.93 -25.50 6.74
CA GLY B 118 13.03 -25.81 5.65
C GLY B 118 11.73 -25.05 5.66
N TYR B 119 11.42 -24.31 6.72
CA TYR B 119 10.20 -23.51 6.80
C TYR B 119 10.43 -22.23 6.01
N LYS B 120 10.04 -22.27 4.73
CA LYS B 120 10.41 -21.20 3.81
C LYS B 120 9.69 -19.89 4.12
N THR B 121 8.52 -19.94 4.75
CA THR B 121 7.75 -18.75 5.07
C THR B 121 7.98 -18.27 6.50
N PHE B 122 9.08 -18.67 7.12
CA PHE B 122 9.36 -18.27 8.49
C PHE B 122 9.47 -16.75 8.61
N ALA B 123 8.92 -16.22 9.69
CA ALA B 123 9.04 -14.80 10.02
C ALA B 123 9.44 -14.67 11.48
N MET B 124 10.51 -13.93 11.73
CA MET B 124 11.03 -13.76 13.07
C MET B 124 9.98 -13.11 13.97
N PRO B 125 9.54 -13.76 15.04
CA PRO B 125 8.62 -13.11 15.97
C PRO B 125 9.34 -11.99 16.73
N TYR B 126 8.54 -11.14 17.36
CA TYR B 126 9.08 -10.03 18.14
C TYR B 126 8.41 -10.00 19.51
N TRP B 127 9.09 -9.35 20.44
CA TRP B 127 8.65 -9.23 21.83
C TRP B 127 8.30 -7.77 22.08
N ASN B 128 7.01 -7.49 22.25
CA ASN B 128 6.53 -6.13 22.50
C ASN B 128 6.60 -5.87 23.99
N TRP B 129 7.77 -5.40 24.45
CA TRP B 129 7.94 -5.19 25.89
C TRP B 129 7.11 -4.03 26.41
N THR B 130 6.59 -3.17 25.54
CA THR B 130 5.67 -2.13 26.00
C THR B 130 4.41 -2.76 26.59
N GLU B 131 3.89 -3.81 25.94
CA GLU B 131 2.69 -4.47 26.40
C GLU B 131 2.97 -5.67 27.30
N ASP B 132 4.09 -6.36 27.10
CA ASP B 132 4.43 -7.56 27.85
C ASP B 132 5.76 -7.32 28.55
N ARG B 133 5.70 -6.96 29.83
CA ARG B 133 6.88 -6.46 30.55
C ARG B 133 7.84 -7.57 30.97
N LEU B 134 7.40 -8.81 31.01
CA LEU B 134 8.25 -9.92 31.41
C LEU B 134 8.86 -10.61 30.20
N LEU B 135 9.91 -11.39 30.45
CA LEU B 135 10.54 -12.15 29.38
C LEU B 135 9.55 -13.18 28.83
N PRO B 136 9.48 -13.35 27.51
CA PRO B 136 8.49 -14.27 26.93
C PRO B 136 8.60 -15.69 27.49
N GLU B 137 7.43 -16.32 27.62
CA GLU B 137 7.33 -17.67 28.17
C GLU B 137 8.27 -18.64 27.47
N ALA B 138 8.28 -18.62 26.14
CA ALA B 138 9.02 -19.60 25.37
C ALA B 138 10.51 -19.61 25.69
N PHE B 139 11.05 -18.51 26.21
CA PHE B 139 12.48 -18.40 26.46
C PHE B 139 12.87 -18.64 27.91
N THR B 140 11.92 -18.54 28.84
CA THR B 140 12.20 -18.84 30.24
C THR B 140 12.07 -20.32 30.57
N ALA B 141 11.33 -21.07 29.76
CA ALA B 141 11.17 -22.51 30.00
C ALA B 141 12.49 -23.24 29.80
N LYS B 142 12.90 -24.01 30.80
CA LYS B 142 14.14 -24.78 30.69
C LYS B 142 14.01 -25.93 29.71
N THR B 143 12.80 -26.45 29.50
CA THR B 143 12.58 -27.61 28.65
C THR B 143 11.45 -27.33 27.68
N TYR B 144 11.52 -28.01 26.54
CA TYR B 144 10.43 -28.02 25.57
C TYR B 144 10.35 -29.43 24.98
N ASN B 145 9.18 -30.05 25.11
CA ASN B 145 8.90 -31.33 24.46
C ASN B 145 9.84 -32.42 24.94
N GLY B 146 10.09 -32.44 26.25
CA GLY B 146 10.92 -33.45 26.88
C GLY B 146 12.40 -33.13 26.95
N LYS B 147 12.95 -32.53 25.90
CA LYS B 147 14.35 -32.17 25.86
C LYS B 147 14.55 -30.73 26.32
N THR B 148 15.81 -30.38 26.57
CA THR B 148 16.13 -29.03 27.02
C THR B 148 15.81 -28.01 25.93
N ASN B 149 15.41 -26.82 26.36
CA ASN B 149 14.91 -25.80 25.45
C ASN B 149 16.07 -24.99 24.89
N PRO B 150 16.33 -25.03 23.57
CA PRO B 150 17.41 -24.21 23.02
C PRO B 150 17.27 -22.72 23.27
N LEU B 151 16.05 -22.23 23.46
CA LEU B 151 15.82 -20.82 23.73
C LEU B 151 16.21 -20.40 25.14
N TYR B 152 16.45 -21.36 26.04
CA TYR B 152 16.74 -21.05 27.43
C TYR B 152 18.21 -20.67 27.61
N VAL B 153 18.45 -19.68 28.47
CA VAL B 153 19.78 -19.32 28.91
C VAL B 153 19.78 -19.33 30.43
N PRO B 154 20.70 -20.02 31.08
CA PRO B 154 20.68 -20.09 32.55
C PRO B 154 21.13 -18.78 33.20
N ASN B 155 20.53 -18.51 34.37
CA ASN B 155 20.90 -17.40 35.23
C ASN B 155 20.58 -16.03 34.64
N ARG B 156 19.51 -15.95 33.85
CA ARG B 156 18.97 -14.64 33.50
C ARG B 156 18.39 -13.98 34.75
N ASN B 157 18.31 -12.65 34.71
CA ASN B 157 17.59 -11.91 35.73
C ASN B 157 16.10 -11.94 35.41
N GLU B 158 15.29 -12.26 36.42
CA GLU B 158 13.86 -12.02 36.30
C GLU B 158 13.61 -10.51 36.24
N LEU B 159 12.79 -10.08 35.29
CA LEU B 159 12.57 -8.65 35.06
C LEU B 159 11.55 -8.08 36.07
N THR B 160 11.95 -8.12 37.35
CA THR B 160 11.15 -7.58 38.44
C THR B 160 12.05 -6.74 39.34
N GLY B 161 11.41 -6.00 40.24
CA GLY B 161 12.13 -5.14 41.16
C GLY B 161 13.04 -4.16 40.45
N PRO B 162 14.32 -4.16 40.80
CA PRO B 162 15.28 -3.26 40.14
C PRO B 162 15.48 -3.55 38.68
N TYR B 163 15.05 -4.71 38.18
CA TYR B 163 15.18 -5.07 36.78
C TYR B 163 13.86 -4.96 36.04
N ALA B 164 12.80 -4.48 36.69
CA ALA B 164 11.51 -4.36 36.03
C ALA B 164 11.58 -3.39 34.87
N LEU B 165 10.90 -3.73 33.77
CA LEU B 165 10.71 -2.81 32.66
C LEU B 165 9.52 -1.94 33.00
N THR B 166 9.80 -0.80 33.63
CA THR B 166 8.77 0.09 34.11
C THR B 166 8.32 1.05 33.01
N ASP B 167 7.34 1.90 33.33
CA ASP B 167 6.78 2.82 32.35
C ASP B 167 7.84 3.80 31.85
N ALA B 168 8.79 4.18 32.71
CA ALA B 168 9.87 5.05 32.28
C ALA B 168 10.82 4.40 31.30
N ILE B 169 10.72 3.09 31.11
CA ILE B 169 11.59 2.37 30.19
C ILE B 169 10.88 2.04 28.89
N VAL B 170 9.64 1.57 28.96
CA VAL B 170 8.97 1.03 27.79
C VAL B 170 7.53 1.53 27.68
N GLY B 171 7.17 2.48 28.55
CA GLY B 171 5.78 2.91 28.62
C GLY B 171 5.30 3.53 27.32
N GLN B 172 4.02 3.32 27.03
CA GLN B 172 3.44 3.86 25.81
C GLN B 172 3.46 5.38 25.81
N LYS B 173 2.87 5.99 26.84
CA LYS B 173 2.84 7.45 26.91
C LYS B 173 4.20 8.01 27.28
N GLU B 174 4.91 7.36 28.21
CA GLU B 174 6.14 7.91 28.75
C GLU B 174 7.32 7.80 27.79
N VAL B 175 7.37 6.76 26.97
CA VAL B 175 8.53 6.49 26.14
C VAL B 175 8.15 6.40 24.67
N MET B 176 7.26 5.47 24.33
CA MET B 176 6.99 5.17 22.92
C MET B 176 6.40 6.36 22.20
N ASP B 177 5.44 7.06 22.83
CA ASP B 177 4.86 8.24 22.20
C ASP B 177 5.91 9.31 21.96
N LYS B 178 6.85 9.46 22.89
CA LYS B 178 7.96 10.42 22.70
C LYS B 178 8.82 10.02 21.51
N ILE B 179 9.10 8.71 21.38
CA ILE B 179 9.92 8.23 20.27
C ILE B 179 9.25 8.54 18.93
N TYR B 180 7.96 8.22 18.82
CA TYR B 180 7.25 8.41 17.56
C TYR B 180 6.97 9.87 17.25
N ALA B 181 6.96 10.75 18.25
CA ALA B 181 6.76 12.17 17.99
C ALA B 181 7.99 12.85 17.40
N GLU B 182 9.17 12.27 17.59
CA GLU B 182 10.39 12.84 17.04
C GLU B 182 10.38 12.73 15.52
N THR B 183 10.66 13.85 14.84
CA THR B 183 10.68 13.90 13.39
C THR B 183 12.08 13.86 12.80
N ASN B 184 13.12 14.04 13.61
CA ASN B 184 14.50 14.08 13.13
C ASN B 184 15.15 12.72 13.39
N PHE B 185 15.67 12.10 12.33
CA PHE B 185 16.19 10.74 12.44
C PHE B 185 17.37 10.66 13.41
N GLU B 186 18.30 11.62 13.32
CA GLU B 186 19.48 11.55 14.17
C GLU B 186 19.12 11.67 15.65
N VAL B 187 18.04 12.38 15.96
CA VAL B 187 17.54 12.38 17.34
C VAL B 187 16.83 11.07 17.65
N PHE B 188 16.06 10.56 16.69
CA PHE B 188 15.29 9.34 16.91
C PHE B 188 16.19 8.11 16.98
N GLY B 189 17.07 7.94 16.00
CA GLY B 189 17.86 6.72 15.90
C GLY B 189 19.33 6.88 16.20
N THR B 190 19.68 7.88 17.01
CA THR B 190 21.05 8.21 17.42
C THR B 190 21.79 8.95 16.31
N SER B 191 22.66 9.89 16.69
CA SER B 191 23.28 10.81 15.74
C SER B 191 24.57 10.21 15.17
N ARG B 192 25.21 10.96 14.26
CA ARG B 192 26.36 10.47 13.51
C ARG B 192 27.54 10.15 14.42
N SER B 193 28.41 9.29 13.92
CA SER B 193 29.57 8.84 14.69
C SER B 193 30.57 9.97 14.88
N VAL B 194 31.32 9.89 15.98
CA VAL B 194 32.36 10.86 16.31
C VAL B 194 33.59 10.11 16.79
N ASP B 195 34.76 10.49 16.28
CA ASP B 195 36.03 9.90 16.71
C ASP B 195 36.61 10.73 17.83
N ARG B 196 36.64 10.16 19.05
CA ARG B 196 37.23 10.82 20.19
C ARG B 196 38.60 10.26 20.54
N SER B 197 39.13 9.35 19.71
CA SER B 197 40.50 8.90 19.84
C SER B 197 41.49 9.84 19.15
N VAL B 198 41.06 11.03 18.78
CA VAL B 198 41.88 12.01 18.08
C VAL B 198 41.62 13.37 18.70
N ARG B 199 42.62 14.24 18.65
CA ARG B 199 42.50 15.59 19.19
C ARG B 199 42.66 16.59 18.05
N PRO B 200 41.64 17.40 17.72
CA PRO B 200 40.30 17.46 18.33
C PRO B 200 39.39 16.35 17.79
N PRO B 201 38.25 16.10 18.45
CA PRO B 201 37.35 15.03 17.99
C PRO B 201 36.93 15.22 16.54
N LEU B 202 36.86 14.11 15.81
CA LEU B 202 36.53 14.11 14.39
C LEU B 202 35.12 13.57 14.20
N VAL B 203 34.19 14.45 13.85
CA VAL B 203 32.85 14.02 13.44
C VAL B 203 32.97 13.30 12.10
N GLN B 204 32.13 12.28 11.90
CA GLN B 204 32.21 11.45 10.71
C GLN B 204 32.28 12.30 9.44
N ASN B 205 33.26 11.99 8.60
CA ASN B 205 33.50 12.79 7.40
C ASN B 205 33.77 11.93 6.17
N SER B 206 33.47 10.63 6.21
CA SER B 206 33.74 9.75 5.10
C SER B 206 32.85 8.53 5.20
N LEU B 207 32.89 7.69 4.17
CA LEU B 207 32.13 6.45 4.13
C LEU B 207 32.95 5.25 4.54
N ASP B 208 34.08 5.48 5.21
CA ASP B 208 34.90 4.37 5.70
C ASP B 208 34.10 3.53 6.68
N PRO B 209 34.03 2.20 6.50
CA PRO B 209 33.24 1.36 7.41
C PRO B 209 33.69 1.43 8.86
N LYS B 210 34.86 2.01 9.15
CA LYS B 210 35.28 2.20 10.54
C LYS B 210 34.30 3.06 11.32
N TRP B 211 33.50 3.89 10.63
CA TRP B 211 32.53 4.75 11.32
C TRP B 211 31.34 3.97 11.87
N VAL B 212 31.15 2.72 11.45
CA VAL B 212 30.01 1.93 11.91
C VAL B 212 30.19 1.51 13.37
N PRO B 213 31.27 0.81 13.75
CA PRO B 213 31.44 0.49 15.17
C PRO B 213 32.03 1.61 16.00
N MET B 214 32.29 2.78 15.38
CA MET B 214 32.94 3.88 16.07
C MET B 214 32.17 4.32 17.31
N GLY B 215 30.86 4.47 17.20
CA GLY B 215 30.12 5.09 18.27
C GLY B 215 30.40 6.58 18.33
N GLY B 216 30.24 7.15 19.52
CA GLY B 216 30.52 8.55 19.74
C GLY B 216 29.39 9.49 19.47
N GLY B 217 28.24 8.99 19.01
CA GLY B 217 27.09 9.83 18.73
C GLY B 217 26.23 10.05 19.96
N ASN B 218 25.20 10.87 19.78
CA ASN B 218 24.23 11.15 20.83
C ASN B 218 23.10 10.12 20.74
N GLN B 219 23.04 9.25 21.73
CA GLN B 219 22.05 8.17 21.72
C GLN B 219 20.66 8.73 22.00
N GLY B 220 19.69 8.33 21.18
CA GLY B 220 18.32 8.77 21.33
C GLY B 220 17.56 7.97 22.37
N ILE B 221 16.31 8.37 22.58
CA ILE B 221 15.44 7.67 23.53
C ILE B 221 15.42 6.17 23.25
N LEU B 222 15.21 5.81 21.98
CA LEU B 222 15.09 4.39 21.62
C LEU B 222 16.30 3.59 22.07
N GLU B 223 17.51 4.10 21.81
CA GLU B 223 18.71 3.32 22.11
C GLU B 223 18.98 3.27 23.61
N ARG B 224 19.07 4.43 24.27
CA ARG B 224 19.56 4.45 25.64
C ARG B 224 18.46 4.35 26.68
N THR B 225 17.20 4.17 26.28
CA THR B 225 16.24 3.84 27.33
C THR B 225 15.70 2.42 27.10
N PRO B 226 14.73 2.14 26.23
CA PRO B 226 14.24 0.75 26.17
C PRO B 226 15.28 -0.24 25.67
N HIS B 227 16.02 0.10 24.60
CA HIS B 227 16.95 -0.86 24.01
C HIS B 227 18.05 -1.26 24.98
N ASN B 228 18.75 -0.27 25.54
CA ASN B 228 19.88 -0.58 26.41
C ASN B 228 19.44 -1.14 27.76
N THR B 229 18.29 -0.69 28.28
CA THR B 229 17.83 -1.18 29.57
C THR B 229 17.42 -2.65 29.51
N VAL B 230 16.75 -3.05 28.43
CA VAL B 230 16.40 -4.46 28.24
C VAL B 230 17.66 -5.30 28.21
N HIS B 231 18.67 -4.85 27.46
CA HIS B 231 19.94 -5.58 27.39
C HIS B 231 20.57 -5.73 28.77
N ASN B 232 20.64 -4.63 29.53
CA ASN B 232 21.31 -4.67 30.83
C ASN B 232 20.51 -5.47 31.84
N ASN B 233 19.18 -5.33 31.83
CA ASN B 233 18.38 -5.92 32.89
C ASN B 233 18.29 -7.43 32.77
N ILE B 234 18.26 -7.96 31.55
CA ILE B 234 18.09 -9.41 31.38
C ILE B 234 19.26 -10.17 31.98
N GLY B 235 20.47 -9.63 31.84
CA GLY B 235 21.64 -10.27 32.38
C GLY B 235 22.19 -11.36 31.48
N ALA B 236 23.12 -12.13 32.04
CA ALA B 236 23.87 -13.16 31.32
C ALA B 236 24.55 -12.59 30.08
N PHE B 237 24.13 -13.02 28.89
CA PHE B 237 24.77 -12.56 27.67
C PHE B 237 24.36 -11.15 27.27
N MET B 238 23.10 -10.79 27.54
CA MET B 238 22.54 -9.56 26.98
C MET B 238 23.30 -8.28 27.31
N PRO B 239 23.86 -8.07 28.50
CA PRO B 239 24.60 -6.82 28.74
C PRO B 239 25.95 -6.77 28.04
N THR B 240 26.42 -7.87 27.46
CA THR B 240 27.76 -7.94 26.90
C THR B 240 27.72 -7.73 25.39
N ALA B 241 28.90 -7.68 24.78
CA ALA B 241 29.00 -7.60 23.33
C ALA B 241 28.60 -8.90 22.65
N ALA B 242 28.48 -9.99 23.39
CA ALA B 242 28.05 -11.28 22.86
C ALA B 242 26.56 -11.52 23.10
N SER B 243 25.77 -10.45 23.23
CA SER B 243 24.35 -10.59 23.53
C SER B 243 23.59 -11.51 22.56
N PRO B 244 23.90 -11.59 21.26
CA PRO B 244 23.14 -12.52 20.40
C PRO B 244 23.26 -13.98 20.80
N ARG B 245 24.17 -14.34 21.71
CA ARG B 245 24.21 -15.72 22.19
C ARG B 245 22.96 -16.07 23.00
N ASP B 246 22.25 -15.08 23.51
CA ASP B 246 20.93 -15.30 24.07
C ASP B 246 19.89 -15.24 22.95
N PRO B 247 19.15 -16.31 22.68
CA PRO B 247 18.20 -16.28 21.57
C PRO B 247 17.12 -15.20 21.68
N VAL B 248 16.86 -14.69 22.88
CA VAL B 248 15.88 -13.61 23.02
C VAL B 248 16.35 -12.30 22.40
N PHE B 249 17.64 -12.22 22.06
CA PHE B 249 18.17 -11.06 21.33
C PHE B 249 17.33 -10.76 20.10
N MET B 250 16.92 -11.79 19.36
CA MET B 250 16.18 -11.55 18.13
C MET B 250 14.74 -11.11 18.40
N MET B 251 14.16 -11.55 19.53
CA MET B 251 12.85 -11.06 19.92
C MET B 251 12.91 -9.59 20.28
N HIS B 252 13.97 -9.20 20.98
CA HIS B 252 14.15 -7.81 21.39
C HIS B 252 14.40 -6.91 20.19
N HIS B 253 15.32 -7.30 19.30
CA HIS B 253 15.64 -6.48 18.15
C HIS B 253 14.61 -6.59 17.03
N GLY B 254 13.81 -7.66 17.01
CA GLY B 254 12.64 -7.66 16.16
C GLY B 254 11.67 -6.56 16.50
N ASN B 255 11.51 -6.27 17.80
CA ASN B 255 10.65 -5.18 18.23
C ASN B 255 11.30 -3.83 17.92
N ILE B 256 12.60 -3.70 18.16
CA ILE B 256 13.32 -2.48 17.81
C ILE B 256 13.15 -2.19 16.32
N ASP B 257 13.32 -3.22 15.48
CA ASP B 257 13.15 -3.05 14.04
C ASP B 257 11.70 -2.66 13.72
N ARG B 258 10.73 -3.21 14.46
CA ARG B 258 9.34 -2.83 14.25
C ARG B 258 9.10 -1.37 14.60
N VAL B 259 9.74 -0.88 15.66
CA VAL B 259 9.59 0.53 16.04
C VAL B 259 10.09 1.43 14.91
N TRP B 260 11.23 1.08 14.31
CA TRP B 260 11.75 1.85 13.19
C TRP B 260 10.77 1.81 12.01
N ALA B 261 10.25 0.62 11.69
CA ALA B 261 9.25 0.51 10.63
C ALA B 261 8.00 1.32 10.98
N THR B 262 7.56 1.25 12.24
CA THR B 262 6.42 2.06 12.66
C THR B 262 6.72 3.54 12.52
N TRP B 263 7.93 3.94 12.91
CA TRP B 263 8.35 5.33 12.76
C TRP B 263 8.24 5.80 11.32
N ASN B 264 8.79 5.02 10.38
CA ASN B 264 8.73 5.41 8.97
C ASN B 264 7.28 5.47 8.47
N ALA B 265 6.47 4.46 8.82
CA ALA B 265 5.11 4.41 8.30
C ALA B 265 4.24 5.55 8.83
N LEU B 266 4.57 6.11 9.99
CA LEU B 266 3.87 7.29 10.45
C LEU B 266 4.14 8.51 9.57
N GLY B 267 5.16 8.43 8.70
CA GLY B 267 5.53 9.52 7.83
C GLY B 267 6.90 10.09 8.13
N ARG B 268 7.55 9.65 9.20
CA ARG B 268 8.87 10.18 9.52
C ARG B 268 9.90 9.76 8.48
N LYS B 269 10.87 10.63 8.25
CA LYS B 269 11.87 10.44 7.22
C LYS B 269 13.20 10.07 7.83
N ASN B 270 13.88 9.09 7.23
CA ASN B 270 15.24 8.77 7.62
C ASN B 270 16.18 9.90 7.23
N SER B 271 17.41 9.81 7.70
CA SER B 271 18.42 10.81 7.36
C SER B 271 18.63 10.88 5.86
N THR B 272 18.76 12.09 5.34
CA THR B 272 19.12 12.30 3.94
C THR B 272 20.60 12.60 3.77
N ASP B 273 21.39 12.37 4.81
CA ASP B 273 22.83 12.62 4.71
C ASP B 273 23.50 11.55 3.87
N PRO B 274 24.30 11.92 2.88
CA PRO B 274 25.00 10.89 2.07
C PRO B 274 25.88 9.99 2.90
N LEU B 275 26.46 10.50 3.99
CA LEU B 275 27.31 9.67 4.84
C LEU B 275 26.53 8.51 5.45
N TRP B 276 25.26 8.72 5.76
CA TRP B 276 24.42 7.64 6.27
C TRP B 276 23.98 6.71 5.16
N LEU B 277 23.40 7.26 4.09
CA LEU B 277 22.81 6.44 3.04
C LEU B 277 23.85 5.61 2.29
N GLY B 278 25.07 6.14 2.15
CA GLY B 278 26.08 5.47 1.35
C GLY B 278 26.87 4.41 2.06
N MET B 279 26.66 4.21 3.37
CA MET B 279 27.51 3.31 4.14
C MET B 279 27.23 1.86 3.79
N LYS B 280 28.31 1.08 3.65
CA LYS B 280 28.24 -0.36 3.46
C LYS B 280 28.77 -1.06 4.70
N PHE B 281 28.35 -2.32 4.88
CA PHE B 281 28.79 -3.19 5.97
C PHE B 281 29.54 -4.37 5.36
N PRO B 282 30.77 -4.16 4.90
CA PRO B 282 31.44 -5.20 4.08
C PRO B 282 31.70 -6.48 4.87
N ASN B 283 31.11 -7.57 4.38
CA ASN B 283 31.27 -8.91 4.98
C ASN B 283 30.89 -8.94 6.45
N ASN B 284 29.93 -8.10 6.85
CA ASN B 284 29.49 -8.10 8.24
C ASN B 284 28.59 -9.28 8.55
N TYR B 285 27.85 -9.78 7.57
CA TYR B 285 26.85 -10.81 7.77
C TYR B 285 27.31 -12.14 7.18
N ILE B 286 26.62 -13.22 7.59
CA ILE B 286 26.91 -14.59 7.15
C ILE B 286 25.64 -15.19 6.57
N ASP B 287 25.76 -15.80 5.40
CA ASP B 287 24.61 -16.43 4.76
C ASP B 287 24.39 -17.84 5.35
N PRO B 288 23.27 -18.49 5.03
CA PRO B 288 23.01 -19.82 5.61
C PRO B 288 23.99 -20.90 5.17
N GLN B 289 24.91 -20.60 4.26
CA GLN B 289 25.94 -21.54 3.86
C GLN B 289 27.29 -21.23 4.50
N GLY B 290 27.35 -20.24 5.38
CA GLY B 290 28.59 -19.92 6.05
C GLY B 290 29.51 -19.00 5.29
N ARG B 291 29.04 -18.34 4.25
CA ARG B 291 29.83 -17.37 3.49
C ARG B 291 29.47 -15.95 3.91
N TYR B 292 30.50 -15.10 4.00
CA TYR B 292 30.28 -13.70 4.36
C TYR B 292 29.68 -12.94 3.19
N TYR B 293 28.75 -12.04 3.49
CA TYR B 293 28.14 -11.21 2.45
C TYR B 293 27.98 -9.78 2.96
N THR B 294 27.74 -8.87 2.02
CA THR B 294 27.69 -7.44 2.28
C THR B 294 26.29 -6.89 2.04
N GLN B 295 25.84 -6.02 2.95
CA GLN B 295 24.70 -5.14 2.71
C GLN B 295 25.08 -3.74 3.14
N GLY B 296 24.24 -2.77 2.78
CA GLY B 296 24.46 -1.39 3.15
C GLY B 296 23.18 -0.78 3.70
N VAL B 297 23.32 0.46 4.17
CA VAL B 297 22.17 1.18 4.72
C VAL B 297 21.04 1.25 3.69
N SER B 298 21.38 1.61 2.44
CA SER B 298 20.34 1.79 1.43
C SER B 298 19.70 0.47 1.01
N ASP B 299 20.36 -0.66 1.27
CA ASP B 299 19.73 -1.94 1.01
C ASP B 299 18.67 -2.27 2.06
N LEU B 300 18.75 -1.67 3.25
CA LEU B 300 17.94 -2.06 4.39
C LEU B 300 16.91 -1.00 4.78
N LEU B 301 16.53 -0.14 3.84
CA LEU B 301 15.59 0.93 4.16
C LEU B 301 14.15 0.45 4.23
N SER B 302 13.76 -0.53 3.42
CA SER B 302 12.38 -0.98 3.32
C SER B 302 12.28 -2.44 3.69
N THR B 303 11.41 -2.75 4.65
CA THR B 303 11.20 -4.15 5.04
C THR B 303 10.56 -4.95 3.90
N GLU B 304 9.66 -4.32 3.14
CA GLU B 304 9.04 -5.01 2.02
C GLU B 304 10.06 -5.40 0.96
N ALA B 305 11.06 -4.54 0.74
CA ALA B 305 12.14 -4.89 -0.19
C ALA B 305 12.93 -6.11 0.30
N LEU B 306 12.97 -6.31 1.62
CA LEU B 306 13.59 -7.50 2.20
C LEU B 306 12.61 -8.65 2.36
N GLY B 307 11.36 -8.46 1.96
CA GLY B 307 10.40 -9.55 1.90
C GLY B 307 9.55 -9.77 3.13
N TYR B 308 9.49 -8.79 4.05
CA TYR B 308 8.70 -8.99 5.25
C TYR B 308 7.99 -7.71 5.65
N ARG B 309 6.96 -7.87 6.50
CA ARG B 309 6.28 -6.78 7.16
C ARG B 309 5.95 -7.22 8.58
N TYR B 310 5.39 -6.31 9.37
CA TYR B 310 4.97 -6.63 10.72
C TYR B 310 3.45 -6.74 10.78
N ASP B 311 2.97 -7.51 11.75
CA ASP B 311 1.53 -7.79 11.83
C ASP B 311 0.73 -6.54 12.15
N VAL B 312 1.34 -5.55 12.80
CA VAL B 312 0.66 -4.32 13.18
C VAL B 312 1.46 -3.15 12.64
N MET B 313 0.80 -2.28 11.87
CA MET B 313 1.46 -1.12 11.30
C MET B 313 0.43 -0.01 11.12
N PRO B 314 0.69 1.19 11.64
CA PRO B 314 -0.25 2.30 11.46
C PRO B 314 -0.10 2.94 10.09
N ARG B 315 -1.03 3.85 9.80
CA ARG B 315 -0.94 4.70 8.63
C ARG B 315 -0.26 6.02 8.98
N ALA B 316 0.05 6.80 7.96
CA ALA B 316 0.72 8.08 8.18
C ALA B 316 -0.16 9.03 8.98
N ASP B 317 0.46 9.80 9.87
CA ASP B 317 -0.27 10.72 10.72
C ASP B 317 -0.17 12.17 10.26
N ASN B 318 0.57 12.44 9.18
CA ASN B 318 0.64 13.75 8.55
C ASN B 318 1.17 14.83 9.51
N LYS B 319 2.09 14.45 10.38
CA LYS B 319 2.72 15.42 11.28
C LYS B 319 3.70 16.28 10.49
N VAL B 320 3.51 17.60 10.54
CA VAL B 320 4.40 18.51 9.82
C VAL B 320 5.77 18.53 10.50
N VAL B 321 6.81 18.65 9.70
CA VAL B 321 8.19 18.71 10.18
C VAL B 321 8.66 20.15 10.12
N ASN B 322 9.27 20.62 11.21
CA ASN B 322 9.83 21.97 11.27
C ASN B 322 11.22 21.93 10.64
N ASN B 323 11.38 22.60 9.49
CA ASN B 323 12.66 22.57 8.80
C ASN B 323 13.71 23.43 9.50
N ALA B 324 13.29 24.51 10.14
CA ALA B 324 14.23 25.31 10.92
C ALA B 324 14.78 24.51 12.08
N ARG B 325 13.92 23.73 12.75
CA ARG B 325 14.38 22.85 13.82
C ARG B 325 15.36 21.81 13.28
N ALA B 326 15.05 21.22 12.11
CA ALA B 326 15.92 20.20 11.53
C ALA B 326 17.29 20.77 11.18
N GLU B 327 17.31 21.98 10.61
CA GLU B 327 18.57 22.61 10.26
C GLU B 327 19.43 22.86 11.49
N HIS B 328 18.82 23.41 12.54
CA HIS B 328 19.55 23.63 13.79
C HIS B 328 20.11 22.33 14.35
N LEU B 329 19.30 21.27 14.37
CA LEU B 329 19.78 19.99 14.88
C LEU B 329 20.92 19.45 14.05
N LEU B 330 20.84 19.58 12.73
CA LEU B 330 21.90 19.11 11.85
C LEU B 330 23.23 19.82 12.16
N ALA B 331 23.16 21.12 12.48
CA ALA B 331 24.36 21.85 12.86
C ALA B 331 24.88 21.41 14.22
N LEU B 332 23.98 21.03 15.14
CA LEU B 332 24.40 20.55 16.45
C LEU B 332 25.25 19.28 16.33
N PHE B 333 24.88 18.38 15.42
CA PHE B 333 25.54 17.09 15.30
C PHE B 333 26.80 17.13 14.45
N LYS B 334 27.05 18.23 13.74
CA LYS B 334 28.37 18.48 13.15
C LYS B 334 29.15 19.45 14.03
N THR B 335 29.39 19.01 15.26
CA THR B 335 30.05 19.83 16.28
C THR B 335 31.45 20.24 15.85
N ILE B 345 21.73 26.83 18.76
CA ILE B 345 21.24 28.17 19.11
C ILE B 345 21.16 28.33 20.62
N ARG B 346 21.89 29.33 21.14
CA ARG B 346 21.99 29.59 22.58
C ARG B 346 22.43 28.33 23.32
N LEU B 347 23.70 27.99 23.11
CA LEU B 347 24.30 26.76 23.64
C LEU B 347 25.16 27.13 24.85
N ARG B 348 24.65 26.83 26.05
CA ARG B 348 25.37 27.09 27.29
C ARG B 348 25.95 25.78 27.83
N SER B 349 27.20 25.83 28.28
CA SER B 349 27.87 24.70 28.91
C SER B 349 27.82 24.87 30.42
N VAL B 350 27.33 23.85 31.12
CA VAL B 350 26.91 24.01 32.51
C VAL B 350 27.67 23.14 33.49
N LEU B 351 28.46 22.16 33.03
CA LEU B 351 29.21 21.30 33.94
C LEU B 351 30.36 22.10 34.56
N LYS B 352 30.23 22.43 35.84
CA LYS B 352 31.22 23.23 36.54
C LYS B 352 31.90 22.43 37.63
N GLY B 353 33.14 22.81 37.94
CA GLY B 353 33.87 22.22 39.03
C GLY B 353 34.93 21.24 38.56
N GLU B 354 35.96 21.06 39.37
CA GLU B 354 36.98 20.05 39.13
C GLU B 354 36.52 18.73 39.73
N HIS B 355 36.68 17.66 38.95
CA HIS B 355 36.21 16.33 39.31
C HIS B 355 34.73 16.31 39.68
N PRO B 356 33.83 16.62 38.74
CA PRO B 356 32.40 16.53 39.05
C PRO B 356 31.91 15.09 38.92
N VAL B 357 31.05 14.68 39.84
CA VAL B 357 30.69 13.28 39.96
C VAL B 357 29.22 13.17 40.38
N ALA B 358 28.57 12.12 39.91
CA ALA B 358 27.22 11.75 40.33
C ALA B 358 27.27 10.41 41.06
N THR B 359 26.69 10.36 42.25
CA THR B 359 26.61 9.13 43.04
C THR B 359 25.15 8.77 43.28
N ALA B 360 24.94 7.70 44.06
CA ALA B 360 23.59 7.24 44.31
C ALA B 360 22.84 8.16 45.26
N VAL B 361 23.55 8.88 46.13
CA VAL B 361 22.93 9.76 47.10
C VAL B 361 23.30 11.22 46.91
N GLU B 362 24.41 11.53 46.23
CA GLU B 362 24.79 12.91 45.95
C GLU B 362 24.71 13.11 44.44
N PRO B 363 23.65 13.73 43.93
CA PRO B 363 23.53 13.89 42.48
C PRO B 363 24.46 14.98 41.96
N LEU B 364 24.91 14.80 40.72
CA LEU B 364 25.66 15.83 40.02
C LEU B 364 24.70 16.93 39.58
N ASN B 365 24.83 18.11 40.17
CA ASN B 365 23.93 19.23 39.94
C ASN B 365 24.61 20.26 39.06
N SER B 366 23.92 20.71 38.02
CA SER B 366 24.41 21.73 37.10
C SER B 366 23.34 22.80 36.95
N ALA B 367 23.73 24.06 37.16
CA ALA B 367 22.81 25.18 37.06
C ALA B 367 22.82 25.76 35.65
N VAL B 368 21.62 26.02 35.12
CA VAL B 368 21.44 26.69 33.84
C VAL B 368 20.77 28.03 34.09
N GLN B 369 21.27 29.08 33.44
CA GLN B 369 20.67 30.42 33.56
C GLN B 369 20.58 31.03 32.17
N PHE B 370 19.38 31.40 31.76
CA PHE B 370 19.12 32.00 30.46
C PHE B 370 18.70 33.45 30.62
N GLU B 371 18.73 34.18 29.50
CA GLU B 371 18.27 35.56 29.50
C GLU B 371 16.76 35.61 29.70
N ALA B 372 16.27 36.77 30.12
CA ALA B 372 14.85 36.93 30.42
C ALA B 372 13.99 36.52 29.24
N GLY B 373 12.92 35.78 29.54
CA GLY B 373 11.97 35.35 28.53
C GLY B 373 12.36 34.13 27.72
N THR B 374 13.59 33.64 27.86
CA THR B 374 14.05 32.52 27.04
C THR B 374 13.24 31.25 27.30
N VAL B 375 12.83 31.03 28.54
CA VAL B 375 12.12 29.80 28.92
C VAL B 375 10.83 30.21 29.63
N THR B 376 10.42 31.46 29.47
CA THR B 376 9.14 31.92 30.03
C THR B 376 7.95 31.53 29.17
N GLY B 377 8.16 30.86 28.04
CA GLY B 377 7.08 30.40 27.20
C GLY B 377 7.35 29.03 26.61
N ALA B 378 6.71 28.01 27.15
CA ALA B 378 6.93 26.61 26.75
C ALA B 378 8.40 26.21 26.88
N THR B 388 6.42 27.41 20.69
CA THR B 388 7.23 26.31 20.17
C THR B 388 8.70 26.49 20.56
N THR B 389 9.01 26.23 21.81
CA THR B 389 10.36 26.37 22.34
C THR B 389 10.80 25.06 22.97
N GLU B 390 11.98 24.57 22.56
CA GLU B 390 12.52 23.31 23.02
C GLU B 390 13.85 23.54 23.74
N VAL B 391 14.07 22.78 24.81
CA VAL B 391 15.32 22.83 25.55
C VAL B 391 15.87 21.41 25.63
N VAL B 392 17.11 21.22 25.17
CA VAL B 392 17.74 19.92 25.20
C VAL B 392 19.05 20.03 25.97
N ALA B 393 19.50 18.89 26.48
CA ALA B 393 20.76 18.78 27.21
C ALA B 393 21.59 17.69 26.56
N LEU B 394 22.85 18.00 26.29
CA LEU B 394 23.79 17.04 25.72
C LEU B 394 24.75 16.62 26.82
N ILE B 395 24.70 15.34 27.19
CA ILE B 395 25.60 14.76 28.18
C ILE B 395 26.59 13.90 27.42
N LYS B 396 27.85 14.35 27.37
CA LYS B 396 28.84 13.81 26.46
C LYS B 396 29.93 13.03 27.21
N ASN B 397 30.31 11.89 26.64
CA ASN B 397 31.41 11.07 27.14
C ASN B 397 31.27 10.75 28.62
N ILE B 398 30.35 9.85 28.94
CA ILE B 398 30.00 9.55 30.32
C ILE B 398 30.85 8.36 30.80
N ARG B 399 31.61 8.58 31.86
CA ARG B 399 32.35 7.50 32.52
C ARG B 399 31.44 6.85 33.55
N ILE B 400 31.07 5.59 33.31
CA ILE B 400 30.16 4.85 34.17
C ILE B 400 30.91 3.67 34.76
N PRO B 401 31.02 3.56 36.09
CA PRO B 401 31.69 2.40 36.67
C PRO B 401 30.84 1.14 36.57
N TYR B 402 31.50 0.00 36.73
CA TYR B 402 30.82 -1.29 36.63
C TYR B 402 29.69 -1.41 37.65
N ASN B 403 29.84 -0.76 38.81
CA ASN B 403 28.86 -0.85 39.89
C ASN B 403 27.59 -0.05 39.64
N VAL B 404 27.52 0.72 38.55
CA VAL B 404 26.37 1.56 38.24
C VAL B 404 25.63 0.96 37.06
N ILE B 405 24.32 0.80 37.21
CA ILE B 405 23.50 0.14 36.20
C ILE B 405 22.78 1.13 35.28
N SER B 406 22.52 2.35 35.75
CA SER B 406 21.79 3.33 34.95
C SER B 406 21.97 4.71 35.58
N ILE B 407 21.54 5.72 34.84
CA ILE B 407 21.58 7.12 35.27
C ILE B 407 20.17 7.69 35.17
N ARG B 408 19.73 8.38 36.21
CA ARG B 408 18.45 9.07 36.20
C ARG B 408 18.67 10.58 36.16
N VAL B 409 17.88 11.26 35.33
CA VAL B 409 18.01 12.68 35.10
C VAL B 409 16.83 13.39 35.74
N PHE B 410 17.11 14.44 36.51
CA PHE B 410 16.09 15.23 37.16
C PHE B 410 16.32 16.71 36.85
N VAL B 411 15.28 17.51 37.07
CA VAL B 411 15.37 18.95 36.97
C VAL B 411 14.84 19.56 38.27
N ASN B 412 15.59 20.49 38.84
CA ASN B 412 15.19 21.22 40.05
C ASN B 412 14.99 20.29 41.24
N LEU B 413 15.78 19.22 41.31
CA LEU B 413 15.78 18.30 42.45
C LEU B 413 17.22 18.08 42.88
N PRO B 414 17.85 19.09 43.50
CA PRO B 414 19.28 18.97 43.86
C PRO B 414 19.55 17.92 44.93
N ASN B 415 18.53 17.42 45.64
CA ASN B 415 18.70 16.37 46.62
C ASN B 415 18.12 15.03 46.14
N ALA B 416 18.07 14.83 44.83
CA ALA B 416 17.55 13.59 44.29
C ALA B 416 18.49 12.43 44.60
N ASN B 417 17.92 11.23 44.66
CA ASN B 417 18.71 10.03 44.92
C ASN B 417 18.04 8.85 44.23
N LEU B 418 18.63 7.67 44.45
CA LEU B 418 18.15 6.45 43.81
C LEU B 418 16.75 6.06 44.24
N ASP B 419 16.23 6.62 45.34
CA ASP B 419 14.92 6.25 45.86
C ASP B 419 13.80 7.18 45.39
N VAL B 420 14.12 8.25 44.68
CA VAL B 420 13.07 9.13 44.15
C VAL B 420 12.33 8.38 43.05
N PRO B 421 11.01 8.24 43.15
CA PRO B 421 10.28 7.45 42.14
C PRO B 421 10.21 8.19 40.81
N GLU B 422 10.06 7.41 39.74
CA GLU B 422 10.01 7.97 38.40
C GLU B 422 8.68 8.63 38.09
N THR B 423 7.69 8.52 38.97
CA THR B 423 6.47 9.29 38.86
C THR B 423 6.61 10.71 39.42
N ASP B 424 7.77 11.05 39.97
CA ASP B 424 7.99 12.38 40.49
C ASP B 424 7.99 13.40 39.34
N PRO B 425 7.36 14.56 39.52
CA PRO B 425 7.32 15.55 38.42
C PRO B 425 8.69 16.07 37.99
N HIS B 426 9.71 15.97 38.85
CA HIS B 426 11.04 16.42 38.46
C HIS B 426 11.78 15.38 37.63
N PHE B 427 11.25 14.17 37.50
CA PHE B 427 11.94 13.11 36.78
C PHE B 427 11.87 13.36 35.28
N VAL B 428 13.02 13.31 34.62
CA VAL B 428 13.07 13.51 33.17
C VAL B 428 13.08 12.15 32.47
N THR B 429 14.14 11.36 32.70
CA THR B 429 14.26 10.08 32.02
C THR B 429 15.29 9.22 32.72
N SER B 430 15.36 7.96 32.30
CA SER B 430 16.35 7.01 32.76
C SER B 430 17.30 6.69 31.61
N LEU B 431 18.60 6.76 31.87
CA LEU B 431 19.62 6.50 30.87
C LEU B 431 20.32 5.20 31.18
N SER B 432 20.56 4.40 30.15
CA SER B 432 21.21 3.10 30.28
C SER B 432 22.17 2.93 29.11
N PHE B 433 23.36 2.41 29.41
CA PHE B 433 24.38 2.22 28.40
C PHE B 433 25.06 0.87 28.59
N LEU B 434 25.71 0.40 27.54
CA LEU B 434 26.32 -0.94 27.52
C LEU B 434 27.81 -0.80 27.77
N THR B 435 28.26 -1.35 28.90
CA THR B 435 29.67 -1.25 29.29
C THR B 435 30.33 -2.63 29.26
N HIS B 443 38.16 2.07 24.31
CA HIS B 443 36.72 1.89 24.22
C HIS B 443 36.01 3.23 24.31
N ALA B 444 35.14 3.51 23.33
CA ALA B 444 34.45 4.79 23.28
C ALA B 444 33.41 4.90 24.39
N LEU B 445 33.25 6.11 24.93
CA LEU B 445 32.29 6.42 25.97
C LEU B 445 30.93 6.80 25.38
N PRO B 446 29.85 6.58 26.11
CA PRO B 446 28.52 6.92 25.58
C PRO B 446 28.19 8.39 25.77
N SER B 447 27.33 8.88 24.88
CA SER B 447 26.79 10.23 24.95
C SER B 447 25.30 10.18 24.62
N THR B 448 24.57 11.19 25.04
CA THR B 448 23.14 11.21 24.77
C THR B 448 22.62 12.64 24.74
N MET B 449 21.48 12.81 24.08
CA MET B 449 20.72 14.04 24.11
C MET B 449 19.43 13.79 24.88
N VAL B 450 19.09 14.73 25.75
CA VAL B 450 17.93 14.61 26.62
C VAL B 450 17.04 15.82 26.39
N ASN B 451 15.79 15.57 26.01
CA ASN B 451 14.83 16.64 25.82
C ASN B 451 14.20 17.00 27.17
N LEU B 452 14.43 18.23 27.62
CA LEU B 452 13.92 18.69 28.91
C LEU B 452 12.60 19.44 28.80
N THR B 453 12.12 19.70 27.58
CA THR B 453 10.96 20.58 27.38
C THR B 453 9.76 20.11 28.18
N ASP B 454 9.40 18.83 28.06
CA ASP B 454 8.20 18.33 28.74
C ASP B 454 8.30 18.50 30.25
N THR B 455 9.45 18.16 30.83
CA THR B 455 9.62 18.31 32.27
C THR B 455 9.62 19.78 32.68
N LEU B 456 10.28 20.64 31.89
CA LEU B 456 10.29 22.06 32.18
C LEU B 456 8.88 22.65 32.15
N LYS B 457 8.07 22.24 31.16
CA LYS B 457 6.70 22.72 31.09
C LYS B 457 5.90 22.22 32.29
N ALA B 458 6.06 20.95 32.65
CA ALA B 458 5.32 20.39 33.78
C ALA B 458 5.65 21.09 35.09
N LEU B 459 6.89 21.56 35.25
CA LEU B 459 7.31 22.21 36.48
C LEU B 459 7.00 23.70 36.51
N ASN B 460 6.53 24.26 35.40
CA ASN B 460 6.28 25.70 35.28
C ASN B 460 7.51 26.50 35.72
N ILE B 461 8.61 26.27 35.02
CA ILE B 461 9.89 26.89 35.37
C ILE B 461 9.76 28.39 35.38
N ARG B 462 10.22 29.02 36.45
CA ARG B 462 10.15 30.46 36.62
C ARG B 462 11.55 31.05 36.64
N ASP B 463 11.63 32.34 36.31
CA ASP B 463 12.86 33.13 36.38
C ASP B 463 13.96 32.60 35.46
N ASP B 464 13.59 31.83 34.44
CA ASP B 464 14.50 31.46 33.34
C ASP B 464 15.76 30.75 33.83
N ASN B 465 15.63 29.93 34.88
CA ASN B 465 16.77 29.19 35.38
C ASN B 465 16.29 27.93 36.08
N PHE B 466 17.12 26.89 36.02
CA PHE B 466 16.82 25.61 36.64
C PHE B 466 18.13 24.85 36.82
N SER B 467 18.03 23.67 37.40
CA SER B 467 19.18 22.78 37.59
C SER B 467 18.90 21.44 36.94
N ILE B 468 19.97 20.79 36.48
CA ILE B 468 19.91 19.41 36.00
C ILE B 468 20.62 18.55 37.03
N ASN B 469 19.96 17.46 37.44
CA ASN B 469 20.48 16.60 38.50
C ASN B 469 20.62 15.18 37.96
N LEU B 470 21.84 14.66 37.97
CA LEU B 470 22.12 13.31 37.52
C LEU B 470 22.34 12.40 38.72
N VAL B 471 21.58 11.31 38.79
CA VAL B 471 21.66 10.34 39.87
C VAL B 471 22.22 9.04 39.30
N ALA B 472 23.29 8.53 39.90
CA ALA B 472 23.83 7.24 39.52
C ALA B 472 23.07 6.14 40.26
N VAL B 473 22.44 5.25 39.52
CA VAL B 473 21.66 4.16 40.09
C VAL B 473 22.58 2.95 40.23
N PRO B 474 22.85 2.47 41.44
CA PRO B 474 23.80 1.38 41.62
C PRO B 474 23.21 0.03 41.23
N GLN B 475 24.11 -0.90 40.92
CA GLN B 475 23.73 -2.28 40.71
C GLN B 475 22.98 -2.79 41.93
N PRO B 476 21.96 -3.62 41.75
CA PRO B 476 21.22 -4.17 42.90
C PRO B 476 22.13 -4.86 43.90
N GLY B 477 21.88 -4.60 45.19
CA GLY B 477 22.63 -5.21 46.26
C GLY B 477 23.93 -4.52 46.61
N VAL B 478 24.43 -3.64 45.76
CA VAL B 478 25.66 -2.92 46.04
C VAL B 478 25.36 -1.78 47.02
N ALA B 479 26.15 -1.70 48.09
CA ALA B 479 26.04 -0.58 49.00
C ALA B 479 26.33 0.73 48.26
N VAL B 480 25.53 1.76 48.54
CA VAL B 480 25.70 3.03 47.84
C VAL B 480 27.09 3.62 48.11
N GLU B 481 27.63 3.38 49.31
CA GLU B 481 28.98 3.83 49.63
C GLU B 481 30.03 3.21 48.71
N SER B 482 29.70 2.10 48.05
CA SER B 482 30.64 1.38 47.20
C SER B 482 30.32 1.48 45.71
N SER B 483 29.29 2.22 45.33
CA SER B 483 28.80 2.18 43.94
C SER B 483 29.65 3.00 42.97
N GLY B 484 30.58 3.81 43.46
CA GLY B 484 31.36 4.63 42.57
C GLY B 484 30.54 5.78 42.01
N GLY B 485 31.17 6.52 41.09
CA GLY B 485 30.60 7.75 40.60
C GLY B 485 30.60 7.85 39.09
N VAL B 486 29.56 8.51 38.58
CA VAL B 486 29.39 8.79 37.16
C VAL B 486 29.88 10.20 36.89
N THR B 487 30.78 10.34 35.92
CA THR B 487 31.34 11.65 35.56
C THR B 487 31.21 11.85 34.05
N PRO B 488 30.36 12.76 33.58
CA PRO B 488 30.39 13.14 32.17
C PRO B 488 31.48 14.15 31.89
N GLU B 489 31.96 14.14 30.66
CA GLU B 489 33.02 15.08 30.28
C GLU B 489 32.48 16.49 30.13
N SER B 490 31.25 16.62 29.62
CA SER B 490 30.61 17.93 29.52
C SER B 490 29.11 17.75 29.55
N ILE B 491 28.42 18.81 29.96
CA ILE B 491 26.97 18.90 29.86
C ILE B 491 26.65 20.26 29.25
N GLU B 492 26.00 20.25 28.09
CA GLU B 492 25.63 21.47 27.38
C GLU B 492 24.11 21.53 27.22
N VAL B 493 23.56 22.71 27.45
CA VAL B 493 22.13 22.95 27.32
C VAL B 493 21.90 23.91 26.15
N ALA B 494 20.99 23.53 25.25
CA ALA B 494 20.71 24.31 24.06
C ALA B 494 19.22 24.55 23.94
N VAL B 495 18.87 25.72 23.42
CA VAL B 495 17.47 26.08 23.15
C VAL B 495 17.28 25.96 21.64
N ILE B 496 16.87 24.76 21.21
CA ILE B 496 16.64 24.48 19.79
C ILE B 496 15.22 24.93 19.42
N ALA B 497 15.05 26.25 19.38
CA ALA B 497 13.73 26.84 19.18
C ALA B 497 13.74 27.98 18.17
N ALA C 35 -63.04 -1.67 9.22
CA ALA C 35 -63.11 -3.13 9.31
C ALA C 35 -61.93 -3.69 10.10
N PRO C 36 -62.20 -4.66 10.97
CA PRO C 36 -61.11 -5.29 11.72
C PRO C 36 -60.17 -6.06 10.79
N LEU C 37 -58.88 -6.02 11.11
CA LEU C 37 -57.88 -6.67 10.28
C LEU C 37 -58.04 -8.19 10.34
N ARG C 38 -57.83 -8.83 9.20
CA ARG C 38 -57.72 -10.28 9.18
C ARG C 38 -56.35 -10.69 9.72
N VAL C 39 -56.33 -11.74 10.53
CA VAL C 39 -55.12 -12.18 11.20
C VAL C 39 -54.63 -13.46 10.55
N ARG C 40 -53.54 -13.36 9.79
CA ARG C 40 -52.91 -14.56 9.22
C ARG C 40 -52.18 -15.30 10.34
N ARG C 41 -52.46 -16.59 10.47
CA ARG C 41 -52.04 -17.36 11.63
C ARG C 41 -51.15 -18.54 11.24
N ASN C 42 -50.34 -18.96 12.21
CA ASN C 42 -49.43 -20.08 12.01
C ASN C 42 -50.21 -21.39 11.84
N LEU C 43 -49.85 -22.18 10.83
CA LEU C 43 -50.46 -23.48 10.64
C LEU C 43 -50.26 -24.39 11.84
N HIS C 44 -49.14 -24.23 12.54
CA HIS C 44 -48.80 -25.07 13.68
C HIS C 44 -49.89 -25.00 14.74
N GLY C 45 -50.47 -26.15 15.06
CA GLY C 45 -51.49 -26.25 16.08
C GLY C 45 -52.92 -26.15 15.58
N MET C 46 -53.13 -25.79 14.31
CA MET C 46 -54.48 -25.71 13.78
C MET C 46 -55.10 -27.09 13.64
N LYS C 47 -56.31 -27.26 14.16
CA LYS C 47 -57.08 -28.45 13.85
C LYS C 47 -57.37 -28.49 12.35
N MET C 48 -57.60 -29.70 11.84
CA MET C 48 -57.82 -29.86 10.40
C MET C 48 -59.07 -29.13 9.92
N ASP C 49 -60.05 -28.91 10.81
CA ASP C 49 -61.26 -28.19 10.47
C ASP C 49 -61.23 -26.74 10.97
N ASP C 50 -60.05 -26.23 11.27
CA ASP C 50 -59.88 -24.81 11.57
C ASP C 50 -60.53 -23.97 10.46
N PRO C 51 -61.28 -22.92 10.81
CA PRO C 51 -62.01 -22.17 9.78
C PRO C 51 -61.12 -21.62 8.67
N ASP C 52 -59.93 -21.13 9.01
CA ASP C 52 -59.02 -20.64 7.98
C ASP C 52 -58.52 -21.78 7.10
N LEU C 53 -58.00 -22.83 7.71
CA LEU C 53 -57.51 -23.98 6.95
C LEU C 53 -58.62 -24.61 6.12
N SER C 54 -59.81 -24.77 6.71
CA SER C 54 -60.92 -25.36 5.98
C SER C 54 -61.30 -24.53 4.77
N ALA C 55 -61.36 -23.20 4.94
CA ALA C 55 -61.73 -22.34 3.82
C ALA C 55 -60.73 -22.45 2.69
N TYR C 56 -59.44 -22.56 3.01
CA TYR C 56 -58.44 -22.72 1.97
C TYR C 56 -58.57 -24.07 1.27
N ARG C 57 -58.73 -25.15 2.05
CA ARG C 57 -58.94 -26.47 1.45
C ARG C 57 -60.18 -26.48 0.58
N GLU C 58 -61.29 -25.94 1.10
CA GLU C 58 -62.51 -25.82 0.30
C GLU C 58 -62.26 -25.00 -0.96
N PHE C 59 -61.42 -23.96 -0.85
CA PHE C 59 -61.14 -23.11 -2.00
C PHE C 59 -60.38 -23.86 -3.08
N VAL C 60 -59.34 -24.60 -2.70
CA VAL C 60 -58.55 -25.34 -3.68
C VAL C 60 -59.40 -26.38 -4.38
N GLY C 61 -60.30 -27.04 -3.64
CA GLY C 61 -61.21 -27.98 -4.27
C GLY C 61 -62.09 -27.31 -5.31
N ILE C 62 -62.71 -26.18 -4.94
CA ILE C 62 -63.54 -25.44 -5.89
C ILE C 62 -62.73 -25.06 -7.13
N MET C 63 -61.55 -24.48 -6.91
CA MET C 63 -60.73 -24.02 -8.02
C MET C 63 -60.28 -25.17 -8.91
N LYS C 64 -60.02 -26.34 -8.32
CA LYS C 64 -59.63 -27.49 -9.11
C LYS C 64 -60.80 -28.11 -9.85
N GLY C 65 -62.03 -27.91 -9.36
CA GLY C 65 -63.20 -28.38 -10.05
C GLY C 65 -63.66 -27.53 -11.23
N LYS C 66 -63.11 -26.33 -11.37
CA LYS C 66 -63.50 -25.47 -12.47
C LYS C 66 -62.80 -25.88 -13.76
N ASP C 67 -63.23 -25.28 -14.87
CA ASP C 67 -62.57 -25.45 -16.15
C ASP C 67 -61.17 -24.86 -16.07
N GLN C 68 -60.14 -25.72 -16.14
CA GLN C 68 -58.77 -25.28 -15.94
C GLN C 68 -58.25 -24.43 -17.09
N THR C 69 -59.00 -24.29 -18.18
CA THR C 69 -58.62 -23.38 -19.25
C THR C 69 -59.08 -21.95 -18.99
N GLN C 70 -59.90 -21.72 -17.97
CA GLN C 70 -60.39 -20.40 -17.64
C GLN C 70 -59.41 -19.68 -16.72
N ALA C 71 -59.49 -18.35 -16.73
CA ALA C 71 -58.67 -17.56 -15.82
C ALA C 71 -59.04 -17.84 -14.37
N LEU C 72 -60.33 -17.93 -14.06
CA LEU C 72 -60.79 -18.27 -12.71
C LEU C 72 -60.78 -19.79 -12.57
N SER C 73 -59.61 -20.32 -12.23
CA SER C 73 -59.41 -21.74 -12.00
C SER C 73 -58.05 -21.89 -11.32
N TRP C 74 -57.83 -23.07 -10.74
CA TRP C 74 -56.55 -23.34 -10.08
C TRP C 74 -55.39 -23.14 -11.04
N LEU C 75 -55.50 -23.69 -12.26
CA LEU C 75 -54.42 -23.55 -13.24
C LEU C 75 -54.35 -22.12 -13.76
N GLY C 76 -55.50 -21.50 -14.02
CA GLY C 76 -55.49 -20.13 -14.51
C GLY C 76 -54.80 -19.16 -13.56
N PHE C 77 -55.01 -19.36 -12.26
CA PHE C 77 -54.31 -18.53 -11.28
C PHE C 77 -52.80 -18.76 -11.34
N ALA C 78 -52.38 -20.02 -11.35
CA ALA C 78 -50.96 -20.34 -11.39
C ALA C 78 -50.29 -19.81 -12.65
N ASN C 79 -51.01 -19.77 -13.77
CA ASN C 79 -50.40 -19.39 -15.04
C ASN C 79 -49.82 -17.97 -14.99
N GLN C 80 -50.38 -17.09 -14.16
CA GLN C 80 -49.78 -15.76 -14.00
C GLN C 80 -48.38 -15.86 -13.44
N HIS C 81 -48.14 -16.84 -12.57
CA HIS C 81 -46.78 -17.07 -12.06
C HIS C 81 -45.91 -17.69 -13.14
N GLY C 82 -46.37 -18.79 -13.72
CA GLY C 82 -45.61 -19.47 -14.74
C GLY C 82 -46.28 -20.79 -15.07
N THR C 83 -45.71 -21.48 -16.06
CA THR C 83 -46.22 -22.75 -16.53
C THR C 83 -45.10 -23.78 -16.58
N LEU C 84 -45.51 -25.06 -16.49
CA LEU C 84 -44.54 -26.16 -16.51
C LEU C 84 -43.66 -26.10 -17.76
N ASN C 85 -44.27 -25.91 -18.92
CA ASN C 85 -43.56 -26.01 -20.19
C ASN C 85 -43.24 -24.66 -20.82
N GLY C 86 -43.77 -23.57 -20.29
CA GLY C 86 -43.51 -22.25 -20.85
C GLY C 86 -42.62 -21.39 -20.00
N GLY C 87 -42.33 -21.85 -18.78
CA GLY C 87 -41.48 -21.08 -17.88
C GLY C 87 -42.24 -19.96 -17.18
N TYR C 88 -41.47 -19.02 -16.65
CA TYR C 88 -42.03 -17.95 -15.85
C TYR C 88 -42.76 -16.94 -16.73
N LYS C 89 -43.89 -16.44 -16.23
CA LYS C 89 -44.65 -15.40 -16.91
C LYS C 89 -44.40 -14.05 -16.26
N TYR C 90 -45.10 -13.76 -15.17
CA TYR C 90 -44.99 -12.48 -14.49
C TYR C 90 -44.19 -12.54 -13.19
N CYS C 91 -43.93 -13.74 -12.67
CA CYS C 91 -43.27 -13.87 -11.39
C CYS C 91 -41.85 -13.31 -11.44
N PRO C 92 -41.47 -12.43 -10.53
CA PRO C 92 -40.07 -12.01 -10.46
C PRO C 92 -39.24 -12.94 -9.60
N HIS C 93 -38.13 -13.42 -10.16
CA HIS C 93 -37.13 -14.15 -9.38
C HIS C 93 -35.78 -13.53 -9.66
N GLY C 94 -35.05 -13.21 -8.59
CA GLY C 94 -33.75 -12.60 -8.75
C GLY C 94 -33.76 -11.12 -9.06
N ASP C 95 -34.75 -10.38 -8.56
CA ASP C 95 -34.69 -8.92 -8.54
C ASP C 95 -35.56 -8.40 -7.41
N TRP C 96 -35.47 -7.09 -7.18
CA TRP C 96 -36.05 -6.48 -5.99
C TRP C 96 -37.58 -6.44 -5.99
N TYR C 97 -38.23 -6.83 -7.09
CA TYR C 97 -39.69 -6.94 -7.08
C TYR C 97 -40.17 -8.28 -6.50
N PHE C 98 -39.23 -9.13 -6.09
CA PHE C 98 -39.52 -10.44 -5.51
C PHE C 98 -40.58 -10.35 -4.41
N LEU C 99 -40.34 -9.52 -3.39
CA LEU C 99 -41.27 -9.47 -2.27
C LEU C 99 -42.59 -8.79 -2.60
N PRO C 100 -42.63 -7.57 -3.16
CA PRO C 100 -43.95 -6.94 -3.39
C PRO C 100 -44.85 -7.72 -4.33
N TRP C 101 -44.30 -8.31 -5.39
CA TRP C 101 -45.14 -9.05 -6.34
C TRP C 101 -45.78 -10.26 -5.67
N HIS C 102 -45.02 -10.99 -4.86
CA HIS C 102 -45.59 -12.15 -4.19
C HIS C 102 -46.60 -11.75 -3.12
N ARG C 103 -46.40 -10.58 -2.50
CA ARG C 103 -47.42 -10.07 -1.58
C ARG C 103 -48.75 -9.86 -2.29
N GLY C 104 -48.71 -9.27 -3.49
CA GLY C 104 -49.91 -9.14 -4.28
C GLY C 104 -50.45 -10.46 -4.77
N PHE C 105 -49.55 -11.41 -5.07
CA PHE C 105 -49.99 -12.72 -5.53
C PHE C 105 -50.71 -13.48 -4.42
N VAL C 106 -50.16 -13.45 -3.21
CA VAL C 106 -50.83 -14.09 -2.07
C VAL C 106 -52.19 -13.42 -1.83
N LEU C 107 -52.22 -12.07 -1.88
CA LEU C 107 -53.47 -11.35 -1.69
C LEU C 107 -54.49 -11.75 -2.74
N MET C 108 -54.05 -11.95 -3.98
CA MET C 108 -54.94 -12.40 -5.04
C MET C 108 -55.64 -13.70 -4.68
N TYR C 109 -54.91 -14.65 -4.11
CA TYR C 109 -55.54 -15.89 -3.67
C TYR C 109 -56.42 -15.67 -2.44
N GLU C 110 -55.92 -14.89 -1.47
CA GLU C 110 -56.67 -14.66 -0.24
C GLU C 110 -58.03 -14.05 -0.53
N ARG C 111 -58.09 -13.10 -1.46
CA ARG C 111 -59.38 -12.50 -1.82
C ARG C 111 -60.28 -13.51 -2.52
N ALA C 112 -59.70 -14.38 -3.33
CA ALA C 112 -60.49 -15.40 -4.02
C ALA C 112 -61.09 -16.39 -3.03
N VAL C 113 -60.33 -16.76 -2.00
CA VAL C 113 -60.84 -17.67 -0.98
C VAL C 113 -62.08 -17.08 -0.33
N ALA C 114 -61.96 -15.85 0.20
CA ALA C 114 -63.08 -15.22 0.88
C ALA C 114 -64.31 -15.13 -0.02
N ALA C 115 -64.10 -14.78 -1.29
CA ALA C 115 -65.21 -14.63 -2.21
C ALA C 115 -65.87 -15.97 -2.53
N LEU C 116 -65.05 -16.97 -2.93
CA LEU C 116 -65.59 -18.22 -3.42
C LEU C 116 -66.11 -19.14 -2.33
N THR C 117 -65.61 -19.00 -1.09
CA THR C 117 -66.09 -19.84 0.01
C THR C 117 -67.16 -19.15 0.85
N GLY C 118 -67.31 -17.83 0.74
CA GLY C 118 -68.23 -17.10 1.58
C GLY C 118 -67.69 -16.71 2.94
N TYR C 119 -66.52 -17.23 3.33
CA TYR C 119 -65.89 -16.92 4.60
C TYR C 119 -65.19 -15.57 4.45
N LYS C 120 -65.93 -14.50 4.72
CA LYS C 120 -65.44 -13.16 4.45
C LYS C 120 -64.21 -12.81 5.29
N THR C 121 -64.11 -13.35 6.50
CA THR C 121 -63.02 -13.03 7.41
C THR C 121 -61.82 -13.97 7.27
N PHE C 122 -61.72 -14.68 6.14
CA PHE C 122 -60.62 -15.62 5.92
C PHE C 122 -59.27 -14.91 5.93
N ALA C 123 -58.28 -15.56 6.54
CA ALA C 123 -56.90 -15.09 6.52
C ALA C 123 -55.99 -16.24 6.14
N MET C 124 -55.16 -16.03 5.13
CA MET C 124 -54.27 -17.06 4.64
C MET C 124 -53.30 -17.50 5.72
N PRO C 125 -53.30 -18.78 6.11
CA PRO C 125 -52.30 -19.26 7.07
C PRO C 125 -50.92 -19.30 6.46
N TYR C 126 -49.91 -19.40 7.33
CA TYR C 126 -48.53 -19.49 6.90
C TYR C 126 -47.83 -20.66 7.57
N TRP C 127 -46.74 -21.10 6.95
CA TRP C 127 -45.95 -22.23 7.42
C TRP C 127 -44.59 -21.70 7.88
N ASN C 128 -44.35 -21.75 9.19
CA ASN C 128 -43.11 -21.26 9.77
C ASN C 128 -42.09 -22.39 9.74
N TRP C 129 -41.37 -22.51 8.62
CA TRP C 129 -40.43 -23.61 8.48
C TRP C 129 -39.21 -23.47 9.39
N THR C 130 -38.99 -22.30 9.97
CA THR C 130 -37.93 -22.18 10.98
C THR C 130 -38.23 -23.06 12.19
N GLU C 131 -39.48 -23.08 12.62
CA GLU C 131 -39.88 -23.88 13.77
C GLU C 131 -40.38 -25.26 13.40
N ASP C 132 -40.99 -25.41 12.22
CA ASP C 132 -41.60 -26.66 11.78
C ASP C 132 -40.91 -27.08 10.48
N ARG C 133 -39.94 -27.98 10.59
CA ARG C 133 -39.04 -28.28 9.48
C ARG C 133 -39.68 -29.17 8.43
N LEU C 134 -40.74 -29.89 8.76
CA LEU C 134 -41.41 -30.78 7.81
C LEU C 134 -42.60 -30.08 7.17
N LEU C 135 -43.07 -30.66 6.06
CA LEU C 135 -44.23 -30.12 5.38
C LEU C 135 -45.46 -30.24 6.27
N PRO C 136 -46.31 -29.21 6.32
CA PRO C 136 -47.47 -29.25 7.22
C PRO C 136 -48.36 -30.46 6.96
N GLU C 137 -48.84 -31.08 8.04
CA GLU C 137 -49.58 -32.33 7.94
C GLU C 137 -50.85 -32.17 7.12
N ALA C 138 -51.49 -31.00 7.17
CA ALA C 138 -52.70 -30.76 6.38
C ALA C 138 -52.45 -30.93 4.89
N PHE C 139 -51.21 -30.81 4.43
CA PHE C 139 -50.88 -30.89 3.02
C PHE C 139 -50.30 -32.23 2.60
N THR C 140 -49.80 -33.02 3.54
CA THR C 140 -49.28 -34.35 3.22
C THR C 140 -50.36 -35.43 3.23
N ALA C 141 -51.47 -35.20 3.92
CA ALA C 141 -52.54 -36.18 3.95
C ALA C 141 -53.17 -36.33 2.58
N LYS C 142 -53.24 -37.57 2.10
CA LYS C 142 -53.83 -37.82 0.78
C LYS C 142 -55.34 -37.63 0.79
N THR C 143 -56.00 -37.84 1.93
CA THR C 143 -57.44 -37.76 2.01
C THR C 143 -57.86 -36.88 3.18
N TYR C 144 -59.03 -36.28 3.05
CA TYR C 144 -59.67 -35.54 4.14
C TYR C 144 -61.17 -35.74 4.05
N ASN C 145 -61.76 -36.25 5.12
CA ASN C 145 -63.21 -36.34 5.28
C ASN C 145 -63.87 -37.18 4.18
N GLY C 146 -63.26 -38.32 3.87
CA GLY C 146 -63.80 -39.26 2.92
C GLY C 146 -63.40 -39.03 1.48
N LYS C 147 -63.11 -37.78 1.11
CA LYS C 147 -62.68 -37.46 -0.24
C LYS C 147 -61.17 -37.27 -0.28
N THR C 148 -60.64 -37.19 -1.50
CA THR C 148 -59.24 -36.83 -1.65
C THR C 148 -59.02 -35.38 -1.24
N ASN C 149 -57.85 -35.11 -0.68
CA ASN C 149 -57.58 -33.81 -0.08
C ASN C 149 -57.08 -32.85 -1.15
N PRO C 150 -57.79 -31.76 -1.43
CA PRO C 150 -57.32 -30.80 -2.45
C PRO C 150 -55.94 -30.23 -2.16
N LEU C 151 -55.51 -30.20 -0.90
CA LEU C 151 -54.20 -29.68 -0.55
C LEU C 151 -53.07 -30.64 -0.90
N TYR C 152 -53.38 -31.89 -1.24
CA TYR C 152 -52.36 -32.89 -1.51
C TYR C 152 -51.85 -32.78 -2.93
N VAL C 153 -50.54 -32.98 -3.08
CA VAL C 153 -49.91 -33.11 -4.39
C VAL C 153 -49.11 -34.41 -4.39
N PRO C 154 -49.28 -35.29 -5.37
CA PRO C 154 -48.54 -36.55 -5.36
C PRO C 154 -47.08 -36.37 -5.71
N ASN C 155 -46.25 -37.24 -5.12
CA ASN C 155 -44.82 -37.36 -5.43
C ASN C 155 -44.00 -36.16 -4.97
N ARG C 156 -44.42 -35.51 -3.88
CA ARG C 156 -43.53 -34.57 -3.21
C ARG C 156 -42.38 -35.32 -2.56
N ASN C 157 -41.27 -34.61 -2.36
CA ASN C 157 -40.19 -35.14 -1.54
C ASN C 157 -40.51 -34.89 -0.07
N GLU C 158 -40.33 -35.93 0.75
CA GLU C 158 -40.30 -35.72 2.19
C GLU C 158 -39.08 -34.89 2.54
N LEU C 159 -39.26 -33.85 3.37
CA LEU C 159 -38.17 -32.93 3.67
C LEU C 159 -37.23 -33.52 4.72
N THR C 160 -36.59 -34.63 4.35
CA THR C 160 -35.63 -35.31 5.19
C THR C 160 -34.41 -35.68 4.34
N GLY C 161 -33.35 -36.12 5.02
CA GLY C 161 -32.12 -36.47 4.37
C GLY C 161 -31.56 -35.33 3.55
N PRO C 162 -31.30 -35.58 2.26
CA PRO C 162 -30.77 -34.52 1.40
C PRO C 162 -31.74 -33.36 1.19
N TYR C 163 -33.02 -33.54 1.50
CA TYR C 163 -34.02 -32.50 1.35
C TYR C 163 -34.41 -31.85 2.67
N ALA C 164 -33.73 -32.23 3.76
CA ALA C 164 -34.05 -31.68 5.06
C ALA C 164 -33.83 -30.17 5.08
N LEU C 165 -34.75 -29.45 5.73
CA LEU C 165 -34.58 -28.03 6.01
C LEU C 165 -33.73 -27.92 7.28
N THR C 166 -32.42 -27.85 7.09
CA THR C 166 -31.50 -27.83 8.22
C THR C 166 -31.32 -26.39 8.71
N ASP C 167 -30.53 -26.24 9.78
CA ASP C 167 -30.32 -24.92 10.38
C ASP C 167 -29.64 -23.97 9.40
N ALA C 168 -28.78 -24.48 8.52
CA ALA C 168 -28.14 -23.62 7.52
C ALA C 168 -29.13 -23.08 6.50
N ILE C 169 -30.35 -23.61 6.46
CA ILE C 169 -31.36 -23.17 5.53
C ILE C 169 -32.38 -22.25 6.18
N VAL C 170 -32.86 -22.61 7.38
CA VAL C 170 -34.00 -21.92 8.00
C VAL C 170 -33.73 -21.63 9.47
N GLY C 171 -32.51 -21.88 9.93
CA GLY C 171 -32.22 -21.76 11.34
C GLY C 171 -32.42 -20.34 11.85
N GLN C 172 -32.85 -20.24 13.12
CA GLN C 172 -33.09 -18.93 13.72
C GLN C 172 -31.81 -18.13 13.83
N LYS C 173 -30.78 -18.70 14.47
CA LYS C 173 -29.52 -17.98 14.62
C LYS C 173 -28.74 -17.94 13.32
N GLU C 174 -28.74 -19.03 12.55
CA GLU C 174 -27.88 -19.14 11.39
C GLU C 174 -28.39 -18.34 10.20
N VAL C 175 -29.71 -18.21 10.05
CA VAL C 175 -30.28 -17.60 8.85
C VAL C 175 -31.18 -16.43 9.20
N MET C 176 -32.21 -16.68 10.03
CA MET C 176 -33.25 -15.68 10.26
C MET C 176 -32.68 -14.42 10.92
N ASP C 177 -31.84 -14.60 11.94
CA ASP C 177 -31.24 -13.44 12.60
C ASP C 177 -30.39 -12.63 11.62
N LYS C 178 -29.69 -13.32 10.71
CA LYS C 178 -28.91 -12.61 9.70
C LYS C 178 -29.79 -11.79 8.78
N ILE C 179 -30.94 -12.34 8.40
CA ILE C 179 -31.86 -11.63 7.51
C ILE C 179 -32.35 -10.34 8.19
N TYR C 180 -32.79 -10.45 9.44
CA TYR C 180 -33.34 -9.30 10.14
C TYR C 180 -32.28 -8.27 10.51
N ALA C 181 -31.01 -8.67 10.58
CA ALA C 181 -29.95 -7.72 10.87
C ALA C 181 -29.62 -6.83 9.69
N GLU C 182 -29.93 -7.27 8.48
CA GLU C 182 -29.65 -6.45 7.29
C GLU C 182 -30.56 -5.22 7.28
N THR C 183 -29.95 -4.05 7.07
CA THR C 183 -30.68 -2.79 7.05
C THR C 183 -30.94 -2.26 5.65
N ASN C 184 -30.30 -2.81 4.63
CA ASN C 184 -30.45 -2.33 3.26
C ASN C 184 -31.42 -3.23 2.51
N PHE C 185 -32.47 -2.63 1.94
CA PHE C 185 -33.52 -3.43 1.32
C PHE C 185 -33.00 -4.25 0.15
N GLU C 186 -32.17 -3.63 -0.70
CA GLU C 186 -31.68 -4.35 -1.88
C GLU C 186 -30.81 -5.54 -1.50
N VAL C 187 -30.12 -5.47 -0.36
CA VAL C 187 -29.41 -6.64 0.14
C VAL C 187 -30.42 -7.62 0.74
N PHE C 188 -31.40 -7.10 1.47
CA PHE C 188 -32.37 -7.96 2.16
C PHE C 188 -33.30 -8.64 1.16
N GLY C 189 -33.89 -7.87 0.25
CA GLY C 189 -34.91 -8.41 -0.64
C GLY C 189 -34.48 -8.56 -2.08
N THR C 190 -33.18 -8.72 -2.31
CA THR C 190 -32.57 -8.91 -3.64
C THR C 190 -32.49 -7.57 -4.37
N SER C 191 -31.44 -7.36 -5.16
CA SER C 191 -31.13 -6.06 -5.73
C SER C 191 -31.86 -5.86 -7.06
N ARG C 192 -31.67 -4.66 -7.63
CA ARG C 192 -32.42 -4.24 -8.81
C ARG C 192 -32.12 -5.15 -10.01
N SER C 193 -33.05 -5.16 -10.96
CA SER C 193 -32.95 -6.01 -12.13
C SER C 193 -31.80 -5.57 -13.04
N VAL C 194 -31.24 -6.54 -13.76
CA VAL C 194 -30.21 -6.30 -14.77
C VAL C 194 -30.54 -7.13 -15.99
N ASP C 195 -30.51 -6.51 -17.17
CA ASP C 195 -30.76 -7.20 -18.43
C ASP C 195 -29.44 -7.64 -19.01
N ARG C 196 -29.21 -8.96 -19.04
CA ARG C 196 -27.98 -9.51 -19.61
C ARG C 196 -28.13 -10.07 -21.00
N SER C 197 -29.26 -9.85 -21.67
CA SER C 197 -29.36 -10.18 -23.08
C SER C 197 -28.73 -9.12 -23.98
N VAL C 198 -27.97 -8.19 -23.39
CA VAL C 198 -27.32 -7.10 -24.13
C VAL C 198 -25.91 -6.90 -23.59
N ARG C 199 -25.02 -6.43 -24.46
CA ARG C 199 -23.64 -6.14 -24.12
C ARG C 199 -23.38 -4.65 -24.30
N PRO C 200 -23.02 -3.90 -23.26
CA PRO C 200 -22.82 -4.35 -21.88
C PRO C 200 -24.13 -4.53 -21.14
N PRO C 201 -24.10 -5.23 -19.99
CA PRO C 201 -25.33 -5.44 -19.22
C PRO C 201 -26.00 -4.11 -18.87
N LEU C 202 -27.33 -4.10 -18.94
CA LEU C 202 -28.12 -2.90 -18.69
C LEU C 202 -28.80 -3.03 -17.35
N VAL C 203 -28.31 -2.28 -16.36
CA VAL C 203 -29.01 -2.18 -15.09
C VAL C 203 -30.31 -1.41 -15.29
N GLN C 204 -31.34 -1.80 -14.54
CA GLN C 204 -32.66 -1.22 -14.69
C GLN C 204 -32.62 0.30 -14.70
N ASN C 205 -33.25 0.89 -15.73
CA ASN C 205 -33.22 2.33 -15.92
C ASN C 205 -34.58 2.91 -16.29
N SER C 206 -35.66 2.16 -16.09
CA SER C 206 -36.98 2.62 -16.48
C SER C 206 -38.02 1.86 -15.66
N LEU C 207 -39.28 2.29 -15.83
CA LEU C 207 -40.41 1.66 -15.17
C LEU C 207 -41.11 0.65 -16.07
N ASP C 208 -40.45 0.21 -17.13
CA ASP C 208 -41.02 -0.80 -18.01
C ASP C 208 -41.29 -2.07 -17.23
N PRO C 209 -42.51 -2.61 -17.27
CA PRO C 209 -42.81 -3.85 -16.52
C PRO C 209 -41.93 -5.03 -16.92
N LYS C 210 -41.22 -4.95 -18.05
CA LYS C 210 -40.29 -6.00 -18.43
C LYS C 210 -39.21 -6.24 -17.37
N TRP C 211 -38.94 -5.24 -16.53
CA TRP C 211 -37.93 -5.38 -15.49
C TRP C 211 -38.37 -6.28 -14.33
N VAL C 212 -39.65 -6.60 -14.23
CA VAL C 212 -40.14 -7.43 -13.13
C VAL C 212 -39.70 -8.88 -13.33
N PRO C 213 -40.01 -9.56 -14.45
CA PRO C 213 -39.48 -10.91 -14.62
C PRO C 213 -38.06 -10.96 -15.13
N MET C 214 -37.43 -9.80 -15.33
CA MET C 214 -36.09 -9.73 -15.89
C MET C 214 -35.09 -10.55 -15.06
N GLY C 215 -35.14 -10.40 -13.74
CA GLY C 215 -34.11 -10.98 -12.90
C GLY C 215 -32.80 -10.22 -13.05
N GLY C 216 -31.70 -10.94 -12.81
CA GLY C 216 -30.38 -10.37 -12.96
C GLY C 216 -29.82 -9.68 -11.73
N GLY C 217 -30.59 -9.61 -10.64
CA GLY C 217 -30.13 -8.95 -9.44
C GLY C 217 -29.33 -9.88 -8.54
N ASN C 218 -28.81 -9.30 -7.46
CA ASN C 218 -28.06 -10.06 -6.46
C ASN C 218 -29.03 -10.57 -5.41
N GLN C 219 -29.25 -11.88 -5.39
CA GLN C 219 -30.24 -12.47 -4.50
C GLN C 219 -29.74 -12.45 -3.06
N GLY C 220 -30.60 -11.99 -2.15
CA GLY C 220 -30.25 -11.94 -0.75
C GLY C 220 -30.44 -13.28 -0.07
N ILE C 221 -30.08 -13.30 1.23
CA ILE C 221 -30.21 -14.52 2.02
C ILE C 221 -31.62 -15.09 1.90
N LEU C 222 -32.63 -14.23 2.07
CA LEU C 222 -34.02 -14.68 2.07
C LEU C 222 -34.37 -15.45 0.80
N GLU C 223 -33.99 -14.91 -0.37
CA GLU C 223 -34.40 -15.54 -1.62
C GLU C 223 -33.64 -16.83 -1.87
N ARG C 224 -32.31 -16.78 -1.86
CA ARG C 224 -31.51 -17.91 -2.32
C ARG C 224 -31.11 -18.88 -1.20
N THR C 225 -31.59 -18.68 0.03
CA THR C 225 -31.38 -19.76 0.98
C THR C 225 -32.74 -20.34 1.40
N PRO C 226 -33.53 -19.74 2.31
CA PRO C 226 -34.78 -20.44 2.71
C PRO C 226 -35.79 -20.52 1.59
N HIS C 227 -36.02 -19.43 0.85
CA HIS C 227 -37.08 -19.43 -0.16
C HIS C 227 -36.80 -20.42 -1.28
N ASN C 228 -35.61 -20.35 -1.88
CA ASN C 228 -35.32 -21.21 -3.02
C ASN C 228 -35.11 -22.66 -2.61
N THR C 229 -34.56 -22.91 -1.42
CA THR C 229 -34.32 -24.28 -1.00
C THR C 229 -35.63 -25.01 -0.72
N VAL C 230 -36.57 -24.34 -0.08
CA VAL C 230 -37.88 -24.95 0.16
C VAL C 230 -38.54 -25.30 -1.17
N HIS C 231 -38.47 -24.39 -2.14
CA HIS C 231 -39.04 -24.65 -3.46
C HIS C 231 -38.40 -25.88 -4.10
N ASN C 232 -37.07 -25.95 -4.10
CA ASN C 232 -36.38 -27.05 -4.75
C ASN C 232 -36.58 -28.36 -4.00
N ASN C 233 -36.55 -28.32 -2.67
CA ASN C 233 -36.55 -29.56 -1.89
C ASN C 233 -37.90 -30.25 -1.91
N ILE C 234 -39.00 -29.49 -1.95
CA ILE C 234 -40.32 -30.11 -1.90
C ILE C 234 -40.56 -30.98 -3.13
N GLY C 235 -40.07 -30.54 -4.29
CA GLY C 235 -40.25 -31.30 -5.50
C GLY C 235 -41.62 -31.10 -6.14
N ALA C 236 -41.90 -31.95 -7.12
CA ALA C 236 -43.10 -31.86 -7.94
C ALA C 236 -43.24 -30.48 -8.57
N PHE C 237 -44.27 -29.72 -8.18
CA PHE C 237 -44.50 -28.40 -8.77
C PHE C 237 -43.56 -27.35 -8.24
N MET C 238 -43.19 -27.44 -6.96
CA MET C 238 -42.49 -26.34 -6.29
C MET C 238 -41.19 -25.90 -6.96
N PRO C 239 -40.33 -26.79 -7.50
CA PRO C 239 -39.10 -26.30 -8.15
C PRO C 239 -39.33 -25.64 -9.51
N THR C 240 -40.53 -25.72 -10.07
CA THR C 240 -40.79 -25.24 -11.42
C THR C 240 -41.41 -23.86 -11.40
N ALA C 241 -41.60 -23.29 -12.59
CA ALA C 241 -42.29 -22.01 -12.70
C ALA C 241 -43.78 -22.12 -12.43
N ALA C 242 -44.34 -23.34 -12.39
CA ALA C 242 -45.74 -23.55 -12.08
C ALA C 242 -45.95 -23.93 -10.62
N SER C 243 -45.04 -23.51 -9.74
CA SER C 243 -45.07 -23.87 -8.32
C SER C 243 -46.39 -23.56 -7.61
N PRO C 244 -47.12 -22.49 -7.94
CA PRO C 244 -48.41 -22.27 -7.28
C PRO C 244 -49.44 -23.38 -7.49
N ARG C 245 -49.20 -24.32 -8.41
CA ARG C 245 -50.11 -25.46 -8.56
C ARG C 245 -50.07 -26.37 -7.34
N ASP C 246 -49.02 -26.30 -6.54
CA ASP C 246 -49.00 -26.94 -5.23
C ASP C 246 -49.64 -25.99 -4.22
N PRO C 247 -50.75 -26.36 -3.58
CA PRO C 247 -51.40 -25.44 -2.64
C PRO C 247 -50.51 -25.00 -1.49
N VAL C 248 -49.45 -25.76 -1.17
CA VAL C 248 -48.53 -25.36 -0.11
C VAL C 248 -47.70 -24.13 -0.50
N PHE C 249 -47.70 -23.76 -1.78
CA PHE C 249 -47.06 -22.52 -2.22
C PHE C 249 -47.51 -21.34 -1.38
N MET C 250 -48.81 -21.27 -1.06
CA MET C 250 -49.33 -20.11 -0.34
C MET C 250 -48.90 -20.12 1.13
N MET C 251 -48.73 -21.30 1.72
CA MET C 251 -48.20 -21.37 3.08
C MET C 251 -46.74 -20.93 3.11
N HIS C 252 -45.97 -21.32 2.09
CA HIS C 252 -44.57 -20.94 2.02
C HIS C 252 -44.41 -19.44 1.84
N HIS C 253 -45.12 -18.86 0.87
CA HIS C 253 -45.01 -17.44 0.61
C HIS C 253 -45.78 -16.59 1.60
N GLY C 254 -46.76 -17.18 2.31
CA GLY C 254 -47.31 -16.50 3.46
C GLY C 254 -46.25 -16.24 4.52
N ASN C 255 -45.33 -17.20 4.71
CA ASN C 255 -44.25 -17.01 5.66
C ASN C 255 -43.23 -15.99 5.13
N ILE C 256 -42.90 -16.07 3.84
CA ILE C 256 -42.01 -15.08 3.25
C ILE C 256 -42.57 -13.68 3.43
N ASP C 257 -43.88 -13.51 3.16
CA ASP C 257 -44.52 -12.21 3.35
C ASP C 257 -44.47 -11.79 4.81
N ARG C 258 -44.60 -12.74 5.73
CA ARG C 258 -44.49 -12.41 7.16
C ARG C 258 -43.08 -11.93 7.51
N VAL C 259 -42.05 -12.55 6.91
CA VAL C 259 -40.68 -12.12 7.17
C VAL C 259 -40.49 -10.68 6.72
N TRP C 260 -41.01 -10.33 5.55
CA TRP C 260 -40.94 -8.95 5.07
C TRP C 260 -41.66 -8.00 6.03
N ALA C 261 -42.87 -8.38 6.45
CA ALA C 261 -43.60 -7.57 7.43
C ALA C 261 -42.83 -7.45 8.74
N THR C 262 -42.23 -8.55 9.20
CA THR C 262 -41.41 -8.50 10.40
C THR C 262 -40.23 -7.58 10.21
N TRP C 263 -39.58 -7.65 9.05
CA TRP C 263 -38.46 -6.78 8.74
C TRP C 263 -38.85 -5.31 8.88
N ASN C 264 -39.97 -4.92 8.26
CA ASN C 264 -40.43 -3.54 8.36
C ASN C 264 -40.75 -3.16 9.80
N ALA C 265 -41.42 -4.05 10.53
CA ALA C 265 -41.85 -3.72 11.89
C ALA C 265 -40.68 -3.52 12.83
N LEU C 266 -39.54 -4.16 12.56
CA LEU C 266 -38.35 -3.90 13.35
C LEU C 266 -37.81 -2.50 13.14
N GLY C 267 -38.26 -1.80 12.11
CA GLY C 267 -37.79 -0.47 11.77
C GLY C 267 -37.04 -0.37 10.47
N ARG C 268 -36.77 -1.49 9.81
CA ARG C 268 -36.05 -1.47 8.55
C ARG C 268 -36.89 -0.80 7.47
N LYS C 269 -36.21 -0.13 6.55
CA LYS C 269 -36.86 0.66 5.52
C LYS C 269 -36.76 -0.03 4.17
N ASN C 270 -37.87 -0.03 3.43
CA ASN C 270 -37.85 -0.46 2.05
C ASN C 270 -37.06 0.53 1.19
N SER C 271 -36.82 0.14 -0.06
CA SER C 271 -36.11 1.00 -0.98
C SER C 271 -36.87 2.31 -1.21
N THR C 272 -36.13 3.41 -1.24
CA THR C 272 -36.70 4.70 -1.62
C THR C 272 -36.39 5.05 -3.07
N ASP C 273 -35.95 4.07 -3.86
CA ASP C 273 -35.65 4.31 -5.26
C ASP C 273 -36.94 4.46 -6.04
N PRO C 274 -37.08 5.51 -6.85
CA PRO C 274 -38.32 5.66 -7.65
C PRO C 274 -38.57 4.50 -8.58
N LEU C 275 -37.51 3.87 -9.10
CA LEU C 275 -37.70 2.72 -9.99
C LEU C 275 -38.40 1.58 -9.28
N TRP C 276 -38.14 1.40 -7.98
CA TRP C 276 -38.82 0.37 -7.22
C TRP C 276 -40.24 0.79 -6.87
N LEU C 277 -40.39 1.98 -6.30
CA LEU C 277 -41.71 2.42 -5.82
C LEU C 277 -42.70 2.62 -6.96
N GLY C 278 -42.22 3.04 -8.14
CA GLY C 278 -43.11 3.34 -9.24
C GLY C 278 -43.53 2.19 -10.11
N MET C 279 -42.99 0.99 -9.87
CA MET C 279 -43.27 -0.14 -10.76
C MET C 279 -44.69 -0.65 -10.57
N LYS C 280 -45.40 -0.83 -11.68
CA LYS C 280 -46.73 -1.41 -11.70
C LYS C 280 -46.66 -2.82 -12.26
N PHE C 281 -47.67 -3.62 -11.92
CA PHE C 281 -47.81 -5.00 -12.38
C PHE C 281 -49.07 -5.08 -13.24
N PRO C 282 -49.02 -4.60 -14.48
CA PRO C 282 -50.24 -4.41 -15.27
C PRO C 282 -50.93 -5.73 -15.57
N ASN C 283 -52.16 -5.87 -15.09
CA ASN C 283 -52.99 -7.06 -15.34
C ASN C 283 -52.27 -8.35 -14.94
N ASN C 284 -51.43 -8.28 -13.91
CA ASN C 284 -50.72 -9.46 -13.44
C ASN C 284 -51.62 -10.40 -12.65
N TYR C 285 -52.60 -9.87 -11.93
CA TYR C 285 -53.42 -10.65 -11.02
C TYR C 285 -54.83 -10.84 -11.58
N ILE C 286 -55.55 -11.78 -10.97
CA ILE C 286 -56.92 -12.10 -11.35
C ILE C 286 -57.80 -11.97 -10.12
N ASP C 287 -58.92 -11.26 -10.26
CA ASP C 287 -59.85 -11.11 -9.15
C ASP C 287 -60.78 -12.31 -9.09
N PRO C 288 -61.59 -12.44 -8.03
CA PRO C 288 -62.45 -13.64 -7.90
C PRO C 288 -63.51 -13.79 -8.99
N GLN C 289 -63.66 -12.81 -9.88
CA GLN C 289 -64.60 -12.95 -10.99
C GLN C 289 -63.92 -13.30 -12.31
N GLY C 290 -62.59 -13.47 -12.31
CA GLY C 290 -61.86 -13.86 -13.50
C GLY C 290 -61.43 -12.76 -14.42
N ARG C 291 -61.49 -11.49 -14.00
CA ARG C 291 -60.95 -10.40 -14.79
C ARG C 291 -59.61 -9.96 -14.22
N TYR C 292 -58.69 -9.60 -15.12
CA TYR C 292 -57.37 -9.15 -14.70
C TYR C 292 -57.43 -7.75 -14.09
N TYR C 293 -56.61 -7.53 -13.07
CA TYR C 293 -56.51 -6.22 -12.44
C TYR C 293 -55.04 -5.91 -12.16
N THR C 294 -54.76 -4.65 -11.89
CA THR C 294 -53.40 -4.16 -11.75
C THR C 294 -53.16 -3.68 -10.33
N GLN C 295 -51.99 -4.03 -9.80
CA GLN C 295 -51.45 -3.41 -8.59
C GLN C 295 -49.99 -3.05 -8.85
N GLY C 296 -49.42 -2.26 -7.94
CA GLY C 296 -48.03 -1.86 -8.04
C GLY C 296 -47.32 -2.04 -6.71
N VAL C 297 -46.01 -1.79 -6.74
CA VAL C 297 -45.20 -1.87 -5.53
C VAL C 297 -45.78 -0.98 -4.43
N SER C 298 -46.14 0.26 -4.80
CA SER C 298 -46.61 1.21 -3.79
C SER C 298 -47.98 0.84 -3.25
N ASP C 299 -48.74 0.00 -3.94
CA ASP C 299 -50.00 -0.48 -3.41
C ASP C 299 -49.81 -1.53 -2.32
N LEU C 300 -48.68 -2.21 -2.30
CA LEU C 300 -48.46 -3.38 -1.46
C LEU C 300 -47.44 -3.14 -0.36
N LEU C 301 -47.25 -1.88 0.05
CA LEU C 301 -46.23 -1.58 1.04
C LEU C 301 -46.68 -1.92 2.46
N SER C 302 -47.96 -1.77 2.77
CA SER C 302 -48.48 -1.94 4.11
C SER C 302 -49.51 -3.06 4.14
N THR C 303 -49.31 -4.03 5.03
CA THR C 303 -50.31 -5.10 5.18
C THR C 303 -51.61 -4.56 5.72
N GLU C 304 -51.55 -3.55 6.59
CA GLU C 304 -52.78 -2.97 7.13
C GLU C 304 -53.64 -2.37 6.04
N ALA C 305 -53.03 -1.63 5.11
CA ALA C 305 -53.78 -1.06 3.99
C ALA C 305 -54.45 -2.13 3.15
N LEU C 306 -53.88 -3.33 3.11
CA LEU C 306 -54.49 -4.46 2.41
C LEU C 306 -55.43 -5.26 3.31
N GLY C 307 -55.58 -4.85 4.57
CA GLY C 307 -56.60 -5.43 5.43
C GLY C 307 -56.19 -6.61 6.25
N TYR C 308 -54.89 -6.88 6.41
CA TYR C 308 -54.48 -8.03 7.20
C TYR C 308 -53.24 -7.70 8.02
N ARG C 309 -53.01 -8.55 9.04
CA ARG C 309 -51.79 -8.55 9.82
C ARG C 309 -51.45 -10.00 10.13
N TYR C 310 -50.30 -10.21 10.77
CA TYR C 310 -49.88 -11.53 11.19
C TYR C 310 -50.03 -11.68 12.69
N ASP C 311 -50.21 -12.92 13.14
CA ASP C 311 -50.51 -13.18 14.55
C ASP C 311 -49.35 -12.79 15.47
N VAL C 312 -48.12 -12.82 14.95
CA VAL C 312 -46.93 -12.51 15.74
C VAL C 312 -46.15 -11.42 15.02
N MET C 313 -45.88 -10.32 15.72
CA MET C 313 -45.13 -9.19 15.15
C MET C 313 -44.36 -8.48 16.25
N PRO C 314 -43.06 -8.28 16.08
CA PRO C 314 -42.28 -7.56 17.09
C PRO C 314 -42.47 -6.06 16.97
N ARG C 315 -41.92 -5.36 17.96
CA ARG C 315 -41.84 -3.90 17.93
C ARG C 315 -40.48 -3.47 17.36
N ALA C 316 -40.35 -2.17 17.11
CA ALA C 316 -39.11 -1.65 16.54
C ALA C 316 -37.95 -1.85 17.51
N ASP C 317 -36.78 -2.18 16.96
CA ASP C 317 -35.60 -2.44 17.77
C ASP C 317 -34.59 -1.29 17.76
N ASN C 318 -34.88 -0.21 17.03
CA ASN C 318 -34.05 1.00 17.05
C ASN C 318 -32.62 0.73 16.59
N LYS C 319 -32.46 -0.17 15.62
CA LYS C 319 -31.13 -0.42 15.07
C LYS C 319 -30.73 0.74 14.16
N VAL C 320 -29.58 1.35 14.45
CA VAL C 320 -29.10 2.48 13.66
C VAL C 320 -28.67 1.99 12.27
N VAL C 321 -28.93 2.81 11.26
CA VAL C 321 -28.57 2.50 9.88
C VAL C 321 -27.34 3.31 9.51
N ASN C 322 -26.36 2.65 8.92
CA ASN C 322 -25.13 3.31 8.46
C ASN C 322 -25.38 3.84 7.06
N ASN C 323 -25.41 5.17 6.92
CA ASN C 323 -25.68 5.77 5.62
C ASN C 323 -24.49 5.62 4.67
N ALA C 324 -23.27 5.62 5.20
CA ALA C 324 -22.10 5.40 4.35
C ALA C 324 -22.12 4.00 3.74
N ARG C 325 -22.54 3.00 4.52
CA ARG C 325 -22.69 1.65 3.99
C ARG C 325 -23.74 1.62 2.88
N ALA C 326 -24.84 2.35 3.07
CA ALA C 326 -25.91 2.32 2.08
C ALA C 326 -25.51 2.90 0.72
N GLU C 327 -24.74 4.00 0.69
CA GLU C 327 -24.38 4.68 -0.56
C GLU C 327 -23.50 3.77 -1.42
N HIS C 328 -22.51 3.24 -0.75
CA HIS C 328 -21.55 2.18 -1.01
C HIS C 328 -22.26 0.95 -1.62
N LEU C 329 -23.31 0.42 -0.96
CA LEU C 329 -24.13 -0.67 -1.53
C LEU C 329 -24.89 -0.19 -2.75
N LEU C 330 -25.44 1.03 -2.69
CA LEU C 330 -26.21 1.57 -3.81
C LEU C 330 -25.34 1.69 -5.06
N ALA C 331 -24.08 2.08 -4.89
CA ALA C 331 -23.16 2.15 -6.02
C ALA C 331 -22.80 0.75 -6.52
N LEU C 332 -22.72 -0.23 -5.63
CA LEU C 332 -22.43 -1.60 -6.03
C LEU C 332 -23.50 -2.13 -6.97
N PHE C 333 -24.76 -1.83 -6.69
CA PHE C 333 -25.89 -2.37 -7.43
C PHE C 333 -26.21 -1.58 -8.70
N LYS C 334 -25.63 -0.40 -8.87
CA LYS C 334 -25.63 0.29 -10.17
C LYS C 334 -24.28 0.11 -10.85
N THR C 335 -23.98 -1.15 -11.18
CA THR C 335 -22.69 -1.53 -11.76
C THR C 335 -22.44 -0.82 -13.08
N ILE C 345 -14.50 1.89 -2.32
CA ILE C 345 -14.60 0.48 -1.96
C ILE C 345 -13.48 -0.33 -2.60
N ARG C 346 -12.80 -1.13 -1.78
CA ARG C 346 -11.71 -1.98 -2.25
C ARG C 346 -12.31 -3.26 -2.82
N LEU C 347 -12.42 -3.31 -4.15
CA LEU C 347 -12.96 -4.46 -4.86
C LEU C 347 -11.82 -5.24 -5.53
N ARG C 348 -12.08 -6.51 -5.81
CA ARG C 348 -11.07 -7.37 -6.43
C ARG C 348 -11.75 -8.56 -7.07
N SER C 349 -11.55 -8.72 -8.38
CA SER C 349 -12.08 -9.88 -9.10
C SER C 349 -11.13 -11.05 -8.92
N VAL C 350 -11.67 -12.18 -8.47
CA VAL C 350 -10.85 -13.28 -7.98
C VAL C 350 -11.02 -14.57 -8.78
N LEU C 351 -12.02 -14.66 -9.65
CA LEU C 351 -12.22 -15.86 -10.45
C LEU C 351 -11.13 -15.93 -11.52
N LYS C 352 -10.17 -16.83 -11.33
CA LYS C 352 -9.04 -16.97 -12.23
C LYS C 352 -9.07 -18.35 -12.90
N GLY C 353 -8.46 -18.44 -14.06
CA GLY C 353 -8.33 -19.70 -14.77
C GLY C 353 -9.27 -19.79 -15.96
N GLU C 354 -8.88 -20.62 -16.92
CA GLU C 354 -9.70 -20.89 -18.08
C GLU C 354 -10.70 -21.99 -17.75
N HIS C 355 -11.97 -21.71 -18.00
CA HIS C 355 -13.08 -22.60 -17.66
C HIS C 355 -13.05 -23.03 -16.19
N PRO C 356 -13.19 -22.09 -15.26
CA PRO C 356 -13.27 -22.48 -13.85
C PRO C 356 -14.60 -23.15 -13.56
N VAL C 357 -14.55 -24.22 -12.75
CA VAL C 357 -15.69 -25.11 -12.55
C VAL C 357 -15.70 -25.57 -11.10
N ALA C 358 -16.90 -25.75 -10.55
CA ALA C 358 -17.11 -26.34 -9.25
C ALA C 358 -17.86 -27.66 -9.42
N THR C 359 -17.31 -28.73 -8.87
CA THR C 359 -17.95 -30.04 -8.92
C THR C 359 -18.22 -30.55 -7.51
N ALA C 360 -18.76 -31.77 -7.44
CA ALA C 360 -19.11 -32.35 -6.15
C ALA C 360 -17.89 -32.76 -5.35
N VAL C 361 -16.78 -33.07 -6.03
CA VAL C 361 -15.59 -33.54 -5.33
C VAL C 361 -14.40 -32.61 -5.52
N GLU C 362 -14.39 -31.74 -6.53
CA GLU C 362 -13.31 -30.78 -6.73
C GLU C 362 -13.88 -29.36 -6.65
N PRO C 363 -13.73 -28.68 -5.53
CA PRO C 363 -14.37 -27.36 -5.39
C PRO C 363 -13.66 -26.30 -6.21
N LEU C 364 -14.45 -25.32 -6.67
CA LEU C 364 -13.89 -24.15 -7.34
C LEU C 364 -13.25 -23.26 -6.28
N ASN C 365 -11.93 -23.15 -6.32
CA ASN C 365 -11.17 -22.39 -5.33
C ASN C 365 -10.69 -21.09 -5.96
N SER C 366 -10.92 -19.98 -5.26
CA SER C 366 -10.47 -18.67 -5.71
C SER C 366 -9.75 -18.00 -4.56
N ALA C 367 -8.50 -17.62 -4.78
CA ALA C 367 -7.71 -16.96 -3.74
C ALA C 367 -7.87 -15.45 -3.85
N VAL C 368 -8.12 -14.81 -2.72
CA VAL C 368 -8.18 -13.35 -2.66
C VAL C 368 -7.01 -12.87 -1.81
N GLN C 369 -6.47 -11.71 -2.17
CA GLN C 369 -5.38 -11.10 -1.42
C GLN C 369 -5.63 -9.60 -1.37
N PHE C 370 -5.54 -9.02 -0.18
CA PHE C 370 -5.80 -7.60 0.00
C PHE C 370 -4.57 -6.89 0.51
N GLU C 371 -4.59 -5.56 0.38
CA GLU C 371 -3.50 -4.72 0.85
C GLU C 371 -3.44 -4.68 2.38
N ALA C 372 -2.27 -4.28 2.88
CA ALA C 372 -1.99 -4.22 4.32
C ALA C 372 -2.24 -5.55 5.01
N THR C 389 -16.24 -3.54 9.98
CA THR C 389 -15.57 -4.01 8.76
C THR C 389 -16.29 -5.24 8.19
N GLU C 390 -16.63 -5.16 6.90
CA GLU C 390 -17.41 -6.20 6.24
C GLU C 390 -16.73 -6.66 4.97
N VAL C 391 -16.81 -7.96 4.69
CA VAL C 391 -16.28 -8.55 3.47
C VAL C 391 -17.41 -9.33 2.81
N VAL C 392 -17.72 -9.00 1.57
CA VAL C 392 -18.76 -9.68 0.82
C VAL C 392 -18.19 -10.20 -0.48
N ALA C 393 -18.85 -11.21 -1.04
CA ALA C 393 -18.47 -11.80 -2.32
C ALA C 393 -19.67 -11.75 -3.25
N LEU C 394 -19.44 -11.29 -4.48
CA LEU C 394 -20.47 -11.24 -5.52
C LEU C 394 -20.19 -12.34 -6.52
N ILE C 395 -21.09 -13.32 -6.58
CA ILE C 395 -21.00 -14.44 -7.50
C ILE C 395 -22.06 -14.21 -8.58
N LYS C 396 -21.63 -13.88 -9.79
CA LYS C 396 -22.50 -13.39 -10.84
C LYS C 396 -22.66 -14.39 -11.96
N ASN C 397 -23.90 -14.52 -12.45
CA ASN C 397 -24.25 -15.35 -13.60
C ASN C 397 -23.70 -16.78 -13.46
N ILE C 398 -24.38 -17.52 -12.59
CA ILE C 398 -23.96 -18.87 -12.23
C ILE C 398 -24.69 -19.86 -13.13
N ARG C 399 -23.94 -20.57 -13.96
CA ARG C 399 -24.50 -21.64 -14.76
C ARG C 399 -24.55 -22.92 -13.93
N ILE C 400 -25.76 -23.41 -13.66
CA ILE C 400 -25.97 -24.57 -12.80
C ILE C 400 -26.65 -25.65 -13.64
N PRO C 401 -26.05 -26.84 -13.76
CA PRO C 401 -26.70 -27.91 -14.52
C PRO C 401 -27.87 -28.52 -13.75
N TYR C 402 -28.73 -29.22 -14.49
CA TYR C 402 -29.89 -29.85 -13.89
C TYR C 402 -29.51 -30.84 -12.80
N ASN C 403 -28.33 -31.46 -12.92
CA ASN C 403 -27.88 -32.47 -11.96
C ASN C 403 -27.43 -31.90 -10.61
N VAL C 404 -27.36 -30.57 -10.47
CA VAL C 404 -26.89 -29.92 -9.26
C VAL C 404 -28.08 -29.26 -8.58
N ILE C 405 -28.24 -29.52 -7.28
CA ILE C 405 -29.40 -29.06 -6.53
C ILE C 405 -29.09 -27.78 -5.75
N SER C 406 -27.82 -27.57 -5.42
CA SER C 406 -27.45 -26.40 -4.63
C SER C 406 -25.94 -26.22 -4.68
N ILE C 407 -25.49 -25.09 -4.15
CA ILE C 407 -24.07 -24.75 -4.05
C ILE C 407 -23.75 -24.45 -2.60
N ARG C 408 -22.66 -25.01 -2.09
CA ARG C 408 -22.18 -24.73 -0.75
C ARG C 408 -20.91 -23.89 -0.82
N VAL C 409 -20.84 -22.89 0.06
CA VAL C 409 -19.74 -21.92 0.05
C VAL C 409 -18.87 -22.17 1.27
N PHE C 410 -17.56 -22.26 1.04
CA PHE C 410 -16.58 -22.43 2.10
C PHE C 410 -15.48 -21.38 1.93
N VAL C 411 -14.75 -21.14 3.01
CA VAL C 411 -13.56 -20.30 2.99
C VAL C 411 -12.42 -21.07 3.63
N ASN C 412 -11.26 -21.08 2.98
CA ASN C 412 -10.05 -21.73 3.49
C ASN C 412 -10.22 -23.24 3.63
N LEU C 413 -11.01 -23.85 2.75
CA LEU C 413 -11.18 -25.30 2.71
C LEU C 413 -11.02 -25.76 1.26
N PRO C 414 -9.79 -25.74 0.73
CA PRO C 414 -9.58 -26.08 -0.69
C PRO C 414 -9.87 -27.53 -1.02
N ASN C 415 -10.01 -28.41 -0.02
CA ASN C 415 -10.35 -29.82 -0.24
C ASN C 415 -11.78 -30.13 0.19
N ALA C 416 -12.65 -29.14 0.14
CA ALA C 416 -14.04 -29.35 0.51
C ALA C 416 -14.74 -30.21 -0.55
N ASN C 417 -15.79 -30.91 -0.13
CA ASN C 417 -16.57 -31.73 -1.04
C ASN C 417 -18.01 -31.80 -0.52
N LEU C 418 -18.83 -32.58 -1.22
CA LEU C 418 -20.25 -32.69 -0.88
C LEU C 418 -20.46 -33.34 0.48
N ASP C 419 -19.47 -34.01 1.03
CA ASP C 419 -19.62 -34.72 2.30
C ASP C 419 -19.19 -33.89 3.50
N VAL C 420 -18.64 -32.70 3.29
CA VAL C 420 -18.27 -31.81 4.39
C VAL C 420 -19.56 -31.30 5.04
N PRO C 421 -19.75 -31.51 6.34
CA PRO C 421 -20.99 -31.07 6.97
C PRO C 421 -21.02 -29.56 7.12
N GLU C 422 -22.24 -29.02 7.17
CA GLU C 422 -22.42 -27.58 7.29
C GLU C 422 -22.13 -27.06 8.70
N THR C 423 -21.85 -27.95 9.65
CA THR C 423 -21.37 -27.56 10.97
C THR C 423 -19.88 -27.30 10.98
N ASP C 424 -19.20 -27.49 9.85
CA ASP C 424 -17.77 -27.21 9.78
C ASP C 424 -17.52 -25.71 9.93
N PRO C 425 -16.48 -25.33 10.68
CA PRO C 425 -16.21 -23.89 10.86
C PRO C 425 -15.91 -23.15 9.58
N HIS C 426 -15.50 -23.86 8.52
CA HIS C 426 -15.24 -23.22 7.24
C HIS C 426 -16.50 -22.99 6.42
N PHE C 427 -17.64 -23.52 6.86
CA PHE C 427 -18.88 -23.40 6.11
C PHE C 427 -19.43 -21.99 6.20
N VAL C 428 -19.75 -21.39 5.05
CA VAL C 428 -20.32 -20.05 5.02
C VAL C 428 -21.84 -20.15 4.91
N THR C 429 -22.33 -20.69 3.81
CA THR C 429 -23.76 -20.74 3.57
C THR C 429 -24.07 -21.73 2.47
N SER C 430 -25.36 -21.99 2.28
CA SER C 430 -25.87 -22.83 1.21
C SER C 430 -26.65 -21.96 0.23
N LEU C 431 -26.37 -22.11 -1.06
CA LEU C 431 -27.02 -21.36 -2.12
C LEU C 431 -27.93 -22.27 -2.93
N SER C 432 -29.12 -21.79 -3.26
CA SER C 432 -30.10 -22.55 -4.01
C SER C 432 -30.78 -21.62 -5.00
N PHE C 433 -30.99 -22.10 -6.22
CA PHE C 433 -31.60 -21.29 -7.26
C PHE C 433 -32.61 -22.13 -8.04
N LEU C 434 -33.52 -21.44 -8.72
CA LEU C 434 -34.61 -22.07 -9.46
C LEU C 434 -34.28 -22.08 -10.94
N THR C 435 -34.11 -23.28 -11.50
CA THR C 435 -33.79 -23.43 -12.91
C THR C 435 -34.76 -24.38 -13.61
N HIS C 443 -32.84 -17.35 -21.13
CA HIS C 443 -33.17 -17.39 -19.71
C HIS C 443 -32.03 -16.81 -18.87
N ALA C 444 -32.37 -15.85 -18.00
CA ALA C 444 -31.36 -15.18 -17.19
C ALA C 444 -30.81 -16.12 -16.13
N LEU C 445 -29.49 -15.97 -15.84
CA LEU C 445 -28.73 -16.73 -14.86
C LEU C 445 -28.80 -16.05 -13.49
N PRO C 446 -28.69 -16.83 -12.41
CA PRO C 446 -28.78 -16.24 -11.07
C PRO C 446 -27.46 -15.63 -10.62
N SER C 447 -27.57 -14.65 -9.72
CA SER C 447 -26.43 -14.03 -9.07
C SER C 447 -26.79 -13.82 -7.60
N THR C 448 -25.75 -13.69 -6.77
CA THR C 448 -26.01 -13.51 -5.35
C THR C 448 -24.83 -12.80 -4.69
N MET C 449 -25.11 -12.22 -3.53
CA MET C 449 -24.10 -11.67 -2.64
C MET C 449 -24.01 -12.53 -1.39
N VAL C 450 -22.78 -12.82 -0.96
CA VAL C 450 -22.54 -13.68 0.19
C VAL C 450 -21.68 -12.92 1.19
N ASN C 451 -22.16 -12.80 2.42
CA ASN C 451 -21.40 -12.14 3.48
C ASN C 451 -20.43 -13.14 4.11
N LEU C 452 -19.13 -12.85 4.00
CA LEU C 452 -18.10 -13.71 4.53
C LEU C 452 -17.61 -13.29 5.92
N THR C 453 -18.07 -12.14 6.42
CA THR C 453 -17.52 -11.56 7.64
C THR C 453 -17.59 -12.54 8.82
N ASP C 454 -18.78 -13.11 9.06
CA ASP C 454 -18.96 -13.98 10.22
C ASP C 454 -18.03 -15.19 10.15
N THR C 455 -17.91 -15.81 8.98
CA THR C 455 -17.03 -16.97 8.84
C THR C 455 -15.56 -16.56 8.98
N LEU C 456 -15.19 -15.41 8.44
CA LEU C 456 -13.81 -14.94 8.57
C LEU C 456 -13.45 -14.70 10.03
N LYS C 457 -14.35 -14.12 10.82
CA LYS C 457 -14.09 -13.90 12.23
C LYS C 457 -13.93 -15.23 12.97
N ALA C 458 -14.79 -16.20 12.65
CA ALA C 458 -14.71 -17.50 13.32
C ALA C 458 -13.39 -18.21 13.02
N LEU C 459 -12.80 -17.96 11.85
CA LEU C 459 -11.57 -18.61 11.46
C LEU C 459 -10.32 -17.90 11.97
N ASN C 460 -10.46 -16.72 12.57
CA ASN C 460 -9.34 -15.93 13.07
C ASN C 460 -8.28 -15.74 11.99
N ILE C 461 -8.74 -15.30 10.81
CA ILE C 461 -7.86 -15.08 9.67
C ILE C 461 -6.85 -13.97 9.93
N ASP C 464 -4.31 -11.98 6.00
CA ASP C 464 -4.73 -10.86 5.16
C ASP C 464 -5.21 -11.35 3.80
N ASN C 465 -5.28 -12.66 3.64
CA ASN C 465 -5.67 -13.29 2.39
C ASN C 465 -6.32 -14.62 2.69
N PHE C 466 -7.20 -15.07 1.81
CA PHE C 466 -7.92 -16.32 2.01
C PHE C 466 -8.39 -16.84 0.66
N SER C 467 -9.06 -17.99 0.70
CA SER C 467 -9.65 -18.61 -0.48
C SER C 467 -11.15 -18.81 -0.27
N ILE C 468 -11.90 -18.73 -1.36
CA ILE C 468 -13.32 -19.06 -1.38
C ILE C 468 -13.48 -20.36 -2.15
N ASN C 469 -14.22 -21.31 -1.58
CA ASN C 469 -14.37 -22.64 -2.15
C ASN C 469 -15.86 -22.91 -2.39
N LEU C 470 -16.21 -23.14 -3.66
CA LEU C 470 -17.58 -23.43 -4.05
C LEU C 470 -17.72 -24.93 -4.32
N VAL C 471 -18.67 -25.57 -3.66
CA VAL C 471 -18.93 -26.99 -3.82
C VAL C 471 -20.29 -27.16 -4.48
N ALA C 472 -20.32 -27.87 -5.61
CA ALA C 472 -21.57 -28.19 -6.27
C ALA C 472 -22.18 -29.42 -5.60
N VAL C 473 -23.39 -29.28 -5.06
CA VAL C 473 -24.08 -30.36 -4.39
C VAL C 473 -24.96 -31.07 -5.41
N PRO C 474 -24.69 -32.34 -5.72
CA PRO C 474 -25.44 -33.02 -6.78
C PRO C 474 -26.83 -33.46 -6.31
N GLN C 475 -27.71 -33.65 -7.28
CA GLN C 475 -29.01 -34.25 -7.00
C GLN C 475 -28.79 -35.59 -6.30
N PRO C 476 -29.62 -35.94 -5.32
CA PRO C 476 -29.48 -37.24 -4.67
C PRO C 476 -29.53 -38.38 -5.69
N GLY C 477 -28.66 -39.37 -5.49
CA GLY C 477 -28.61 -40.55 -6.33
C GLY C 477 -27.80 -40.41 -7.60
N VAL C 478 -27.47 -39.19 -8.02
CA VAL C 478 -26.67 -39.00 -9.21
C VAL C 478 -25.21 -39.27 -8.87
N ALA C 479 -24.56 -40.10 -9.68
CA ALA C 479 -23.13 -40.33 -9.50
C ALA C 479 -22.37 -39.03 -9.68
N VAL C 480 -21.39 -38.79 -8.79
CA VAL C 480 -20.64 -37.53 -8.85
C VAL C 480 -19.91 -37.40 -10.18
N GLU C 481 -19.51 -38.52 -10.79
CA GLU C 481 -18.88 -38.48 -12.10
C GLU C 481 -19.80 -37.88 -13.16
N SER C 482 -21.12 -37.89 -12.94
CA SER C 482 -22.10 -37.42 -13.90
C SER C 482 -22.78 -36.12 -13.50
N SER C 483 -22.41 -35.53 -12.37
CA SER C 483 -23.16 -34.40 -11.82
C SER C 483 -22.88 -33.08 -12.53
N GLY C 484 -21.88 -33.03 -13.40
CA GLY C 484 -21.58 -31.77 -14.06
C GLY C 484 -20.95 -30.75 -13.13
N GLY C 485 -20.77 -29.55 -13.67
CA GLY C 485 -20.03 -28.52 -12.97
C GLY C 485 -20.76 -27.19 -12.96
N VAL C 486 -20.56 -26.46 -11.86
CA VAL C 486 -21.10 -25.13 -11.67
C VAL C 486 -20.00 -24.12 -12.01
N THR C 487 -20.30 -23.20 -12.91
CA THR C 487 -19.34 -22.17 -13.34
C THR C 487 -19.96 -20.79 -13.20
N PRO C 488 -19.49 -19.96 -12.28
CA PRO C 488 -19.92 -18.56 -12.27
C PRO C 488 -19.15 -17.75 -13.30
N GLU C 489 -19.80 -16.69 -13.78
CA GLU C 489 -19.16 -15.83 -14.77
C GLU C 489 -18.08 -14.97 -14.14
N SER C 490 -18.31 -14.51 -12.92
CA SER C 490 -17.31 -13.75 -12.19
C SER C 490 -17.54 -13.94 -10.69
N ILE C 491 -16.48 -13.76 -9.92
CA ILE C 491 -16.55 -13.68 -8.47
C ILE C 491 -15.75 -12.46 -8.03
N GLU C 492 -16.42 -11.51 -7.39
CA GLU C 492 -15.79 -10.30 -6.90
C GLU C 492 -15.94 -10.21 -5.39
N VAL C 493 -14.87 -9.83 -4.72
CA VAL C 493 -14.84 -9.68 -3.27
C VAL C 493 -14.63 -8.21 -2.96
N ALA C 494 -15.48 -7.65 -2.10
CA ALA C 494 -15.43 -6.24 -1.76
C ALA C 494 -15.38 -6.05 -0.25
N VAL C 495 -14.65 -5.03 0.18
CA VAL C 495 -14.58 -4.66 1.59
C VAL C 495 -15.41 -3.40 1.79
N ILE C 496 -16.46 -3.52 2.59
CA ILE C 496 -17.34 -2.39 2.87
C ILE C 496 -17.00 -1.81 4.24
P PO4 D . 40.23 23.28 -37.95
O1 PO4 D . 40.62 23.28 -39.41
O2 PO4 D . 40.30 24.67 -37.40
O3 PO4 D . 41.17 22.39 -37.18
O4 PO4 D . 38.81 22.75 -37.82
P PO4 E . 10.24 -25.90 32.59
O1 PO4 E . 11.33 -24.91 32.24
O2 PO4 E . 10.80 -26.90 33.58
O3 PO4 E . 9.80 -26.61 31.33
O4 PO4 E . 9.09 -25.15 33.20
P PO4 F . -54.63 -12.50 18.12
O1 PO4 F . -54.27 -13.67 17.25
O2 PO4 F . -53.57 -11.43 17.97
O3 PO4 F . -55.97 -11.95 17.70
O4 PO4 F . -54.69 -12.95 19.56
#